data_2DM4
#
_entry.id   2DM4
#
_entity_poly.entity_id   1
_entity_poly.type   'polypeptide(L)'
_entity_poly.pdbx_seq_one_letter_code
;GSSGSSGPDAPRNLQLSLPREAEGVIVGHWAPPIHTHGLIREYIVEYSRSGSKMWASQRAASNFTEIKNLLVNTLYTVRV
AAVTSRGIGNWSDSKSITTIKGSGPSSG
;
_entity_poly.pdbx_strand_id   A
#
# COMPACT_ATOMS: atom_id res chain seq x y z
N GLY A 1 22.05 -2.68 4.67
CA GLY A 1 22.40 -2.21 3.33
C GLY A 1 21.54 -2.82 2.25
N SER A 2 21.75 -4.11 2.00
CA SER A 2 20.99 -4.81 0.98
C SER A 2 20.22 -5.98 1.59
N SER A 3 20.91 -6.82 2.35
CA SER A 3 20.29 -7.97 2.98
C SER A 3 18.95 -7.60 3.61
N GLY A 4 18.11 -8.59 3.82
CA GLY A 4 16.80 -8.35 4.40
C GLY A 4 16.22 -9.58 5.05
N SER A 5 15.68 -9.42 6.26
CA SER A 5 15.10 -10.54 6.99
C SER A 5 13.62 -10.27 7.31
N SER A 6 12.74 -10.93 6.56
CA SER A 6 11.30 -10.77 6.75
C SER A 6 10.94 -10.83 8.23
N GLY A 7 10.26 -9.79 8.70
CA GLY A 7 9.86 -9.75 10.11
C GLY A 7 8.45 -9.22 10.29
N PRO A 8 7.91 -9.35 11.51
CA PRO A 8 6.57 -8.89 11.84
C PRO A 8 6.47 -7.37 11.86
N ASP A 9 7.61 -6.71 11.96
CA ASP A 9 7.64 -5.25 11.99
C ASP A 9 6.66 -4.66 10.99
N ALA A 10 6.66 -5.21 9.78
CA ALA A 10 5.78 -4.73 8.72
C ALA A 10 4.36 -5.27 8.92
N PRO A 11 3.38 -4.60 8.28
CA PRO A 11 1.97 -5.00 8.37
C PRO A 11 1.69 -6.31 7.65
N ARG A 12 0.44 -6.75 7.70
CA ARG A 12 0.03 -7.99 7.05
C ARG A 12 -1.36 -7.87 6.45
N ASN A 13 -1.74 -8.84 5.63
CA ASN A 13 -3.04 -8.83 4.98
C ASN A 13 -3.20 -7.61 4.07
N LEU A 14 -2.25 -7.43 3.16
CA LEU A 14 -2.28 -6.31 2.23
C LEU A 14 -3.32 -6.53 1.14
N GLN A 15 -4.42 -5.79 1.21
CA GLN A 15 -5.49 -5.91 0.23
C GLN A 15 -5.76 -4.56 -0.44
N LEU A 16 -5.42 -4.46 -1.71
CA LEU A 16 -5.63 -3.22 -2.46
C LEU A 16 -7.02 -3.20 -3.09
N SER A 17 -7.74 -2.11 -2.87
CA SER A 17 -9.09 -1.95 -3.41
C SER A 17 -9.22 -0.65 -4.19
N LEU A 18 -10.41 -0.41 -4.73
CA LEU A 18 -10.67 0.80 -5.51
C LEU A 18 -11.99 1.43 -5.09
N PRO A 19 -11.99 2.77 -4.95
CA PRO A 19 -13.19 3.53 -4.57
C PRO A 19 -14.24 3.54 -5.67
N ARG A 20 -15.47 3.20 -5.32
CA ARG A 20 -16.57 3.18 -6.28
C ARG A 20 -17.09 4.59 -6.54
N GLU A 21 -16.47 5.57 -5.91
CA GLU A 21 -16.87 6.96 -6.08
C GLU A 21 -15.68 7.82 -6.51
N ALA A 22 -14.58 7.17 -6.86
CA ALA A 22 -13.38 7.86 -7.30
C ALA A 22 -12.62 7.06 -8.34
N GLU A 23 -12.24 7.71 -9.43
CA GLU A 23 -11.51 7.05 -10.51
C GLU A 23 -10.00 7.21 -10.32
N GLY A 24 -9.23 6.37 -11.02
CA GLY A 24 -7.79 6.43 -10.91
C GLY A 24 -7.31 6.52 -9.46
N VAL A 25 -7.97 5.78 -8.58
CA VAL A 25 -7.62 5.77 -7.17
C VAL A 25 -7.54 4.35 -6.63
N ILE A 26 -6.58 4.11 -5.75
CA ILE A 26 -6.40 2.79 -5.15
C ILE A 26 -6.34 2.88 -3.64
N VAL A 27 -7.26 2.19 -2.97
CA VAL A 27 -7.31 2.18 -1.51
C VAL A 27 -6.60 0.96 -0.94
N GLY A 28 -5.36 1.18 -0.49
CA GLY A 28 -4.58 0.08 0.08
C GLY A 28 -4.86 -0.11 1.57
N HIS A 29 -5.18 -1.34 1.95
CA HIS A 29 -5.47 -1.65 3.35
C HIS A 29 -4.54 -2.75 3.85
N TRP A 30 -4.32 -2.78 5.16
CA TRP A 30 -3.46 -3.78 5.77
C TRP A 30 -3.76 -3.91 7.26
N ALA A 31 -2.98 -4.76 7.94
CA ALA A 31 -3.16 -4.98 9.38
C ALA A 31 -1.91 -4.58 10.15
N PRO A 32 -2.06 -4.41 11.47
CA PRO A 32 -0.95 -4.03 12.35
C PRO A 32 0.06 -5.15 12.52
N PRO A 33 1.34 -4.78 12.70
CA PRO A 33 2.42 -5.74 12.88
C PRO A 33 2.35 -6.47 14.22
N ILE A 34 2.59 -7.77 14.18
CA ILE A 34 2.54 -8.58 15.40
C ILE A 34 3.39 -7.97 16.51
N HIS A 35 4.50 -7.34 16.12
CA HIS A 35 5.40 -6.71 17.08
C HIS A 35 6.23 -5.63 16.41
N THR A 36 6.83 -4.75 17.22
CA THR A 36 7.65 -3.67 16.70
C THR A 36 8.69 -3.24 17.73
N HIS A 37 9.87 -2.86 17.23
CA HIS A 37 10.95 -2.42 18.11
C HIS A 37 10.47 -1.38 19.10
N GLY A 38 9.68 -0.42 18.61
CA GLY A 38 9.16 0.63 19.46
C GLY A 38 7.83 1.17 18.97
N LEU A 39 7.28 2.14 19.70
CA LEU A 39 6.00 2.73 19.34
C LEU A 39 5.98 3.11 17.86
N ILE A 40 4.96 2.62 17.16
CA ILE A 40 4.81 2.91 15.73
C ILE A 40 4.36 4.35 15.50
N ARG A 41 5.20 5.14 14.87
CA ARG A 41 4.88 6.54 14.58
C ARG A 41 3.82 6.64 13.49
N GLU A 42 4.00 5.85 12.43
CA GLU A 42 3.06 5.86 11.31
C GLU A 42 3.36 4.73 10.34
N TYR A 43 2.59 4.65 9.26
CA TYR A 43 2.77 3.61 8.25
C TYR A 43 2.89 4.22 6.85
N ILE A 44 4.01 3.94 6.20
CA ILE A 44 4.25 4.46 4.85
C ILE A 44 3.71 3.51 3.79
N VAL A 45 3.26 4.07 2.68
CA VAL A 45 2.71 3.27 1.58
C VAL A 45 3.36 3.64 0.26
N GLU A 46 4.17 2.73 -0.27
CA GLU A 46 4.86 2.96 -1.54
C GLU A 46 4.13 2.26 -2.68
N TYR A 47 4.00 2.96 -3.80
CA TYR A 47 3.32 2.41 -4.97
C TYR A 47 4.03 2.83 -6.25
N SER A 48 3.95 1.97 -7.27
CA SER A 48 4.58 2.25 -8.55
C SER A 48 3.92 1.44 -9.67
N ARG A 49 3.76 2.07 -10.83
CA ARG A 49 3.15 1.41 -11.97
C ARG A 49 4.03 0.27 -12.48
N SER A 50 3.41 -0.90 -12.66
CA SER A 50 4.14 -2.08 -13.13
C SER A 50 5.21 -1.68 -14.15
N GLY A 51 4.92 -0.64 -14.93
CA GLY A 51 5.87 -0.19 -15.94
C GLY A 51 6.34 1.23 -15.67
N SER A 52 7.08 1.42 -14.59
CA SER A 52 7.60 2.74 -14.23
C SER A 52 8.52 2.65 -13.02
N LYS A 53 9.72 3.20 -13.16
CA LYS A 53 10.70 3.19 -12.08
C LYS A 53 10.49 4.39 -11.15
N MET A 54 9.24 4.73 -10.90
CA MET A 54 8.91 5.86 -10.03
C MET A 54 7.97 5.43 -8.91
N TRP A 55 8.51 5.34 -7.70
CA TRP A 55 7.71 4.94 -6.54
C TRP A 55 7.32 6.14 -5.70
N ALA A 56 6.05 6.22 -5.33
CA ALA A 56 5.56 7.32 -4.51
C ALA A 56 5.16 6.85 -3.13
N SER A 57 5.82 7.39 -2.11
CA SER A 57 5.53 7.02 -0.73
C SER A 57 4.82 8.15 0.01
N GLN A 58 3.87 7.78 0.87
CA GLN A 58 3.11 8.77 1.64
C GLN A 58 2.83 8.25 3.04
N ARG A 59 2.59 9.18 3.96
CA ARG A 59 2.31 8.83 5.35
C ARG A 59 0.82 8.53 5.54
N ALA A 60 0.53 7.54 6.38
CA ALA A 60 -0.86 7.16 6.66
C ALA A 60 -1.08 6.96 8.15
N ALA A 61 -2.04 7.70 8.69
CA ALA A 61 -2.37 7.61 10.11
C ALA A 61 -3.05 6.28 10.43
N SER A 62 -3.94 5.85 9.55
CA SER A 62 -4.67 4.60 9.74
C SER A 62 -3.94 3.44 9.09
N ASN A 63 -4.55 2.25 9.13
CA ASN A 63 -3.95 1.07 8.54
C ASN A 63 -4.28 0.97 7.05
N PHE A 64 -4.59 2.12 6.44
CA PHE A 64 -4.92 2.16 5.03
C PHE A 64 -4.72 3.57 4.47
N THR A 65 -4.66 3.68 3.14
CA THR A 65 -4.48 4.97 2.49
C THR A 65 -5.25 5.02 1.17
N GLU A 66 -5.20 6.18 0.52
CA GLU A 66 -5.89 6.36 -0.76
C GLU A 66 -4.94 6.93 -1.81
N ILE A 67 -4.45 6.06 -2.69
CA ILE A 67 -3.53 6.48 -3.74
C ILE A 67 -4.30 6.99 -4.96
N LYS A 68 -4.39 8.31 -5.07
CA LYS A 68 -5.09 8.93 -6.20
C LYS A 68 -4.12 9.31 -7.31
N ASN A 69 -4.64 9.90 -8.37
CA ASN A 69 -3.81 10.31 -9.50
C ASN A 69 -3.20 9.10 -10.20
N LEU A 70 -4.00 8.07 -10.40
CA LEU A 70 -3.54 6.85 -11.05
C LEU A 70 -4.26 6.63 -12.38
N LEU A 71 -3.75 5.70 -13.18
CA LEU A 71 -4.35 5.40 -14.47
C LEU A 71 -5.30 4.21 -14.36
N VAL A 72 -6.50 4.36 -14.93
CA VAL A 72 -7.50 3.31 -14.90
C VAL A 72 -7.07 2.11 -15.75
N ASN A 73 -7.58 0.94 -15.40
CA ASN A 73 -7.26 -0.28 -16.13
C ASN A 73 -5.74 -0.46 -16.25
N THR A 74 -5.05 -0.31 -15.12
CA THR A 74 -3.59 -0.45 -15.11
C THR A 74 -3.12 -1.12 -13.83
N LEU A 75 -2.20 -2.07 -13.97
CA LEU A 75 -1.66 -2.79 -12.82
C LEU A 75 -0.82 -1.88 -11.94
N TYR A 76 -1.16 -1.80 -10.66
CA TYR A 76 -0.42 -0.95 -9.73
C TYR A 76 0.06 -1.77 -8.53
N THR A 77 1.35 -1.69 -8.26
CA THR A 77 1.94 -2.42 -7.13
C THR A 77 2.00 -1.55 -5.89
N VAL A 78 1.39 -2.04 -4.81
CA VAL A 78 1.37 -1.30 -3.54
C VAL A 78 2.11 -2.08 -2.45
N ARG A 79 2.70 -1.34 -1.51
CA ARG A 79 3.43 -1.96 -0.42
C ARG A 79 3.47 -1.03 0.80
N VAL A 80 3.15 -1.59 1.96
CA VAL A 80 3.16 -0.81 3.21
C VAL A 80 4.32 -1.21 4.10
N ALA A 81 4.81 -0.25 4.88
CA ALA A 81 5.93 -0.50 5.79
C ALA A 81 5.70 0.20 7.13
N ALA A 82 6.00 -0.52 8.21
CA ALA A 82 5.83 0.02 9.56
C ALA A 82 7.00 0.91 9.94
N VAL A 83 6.70 2.16 10.30
CA VAL A 83 7.73 3.11 10.69
C VAL A 83 7.86 3.19 12.21
N THR A 84 9.10 3.33 12.68
CA THR A 84 9.36 3.42 14.11
C THR A 84 10.24 4.61 14.44
N SER A 85 10.28 4.99 15.71
CA SER A 85 11.09 6.12 16.15
C SER A 85 12.37 6.22 15.34
N ARG A 86 12.95 5.07 15.02
CA ARG A 86 14.19 5.03 14.25
C ARG A 86 13.94 5.38 12.79
N GLY A 87 13.18 4.52 12.09
CA GLY A 87 12.88 4.76 10.70
C GLY A 87 11.97 3.70 10.11
N ILE A 88 12.06 3.51 8.80
CA ILE A 88 11.24 2.51 8.12
C ILE A 88 11.87 1.12 8.22
N GLY A 89 11.02 0.13 8.47
CA GLY A 89 11.52 -1.24 8.58
C GLY A 89 11.22 -2.07 7.35
N ASN A 90 11.21 -3.38 7.50
CA ASN A 90 10.94 -4.28 6.39
C ASN A 90 9.70 -3.85 5.62
N TRP A 91 9.62 -4.24 4.35
CA TRP A 91 8.48 -3.89 3.52
C TRP A 91 7.49 -5.04 3.45
N SER A 92 6.20 -4.72 3.61
CA SER A 92 5.16 -5.73 3.56
C SER A 92 5.13 -6.43 2.21
N ASP A 93 4.60 -7.66 2.20
CA ASP A 93 4.50 -8.43 0.96
C ASP A 93 3.81 -7.63 -0.13
N SER A 94 4.60 -6.94 -0.95
CA SER A 94 4.06 -6.13 -2.04
C SER A 94 2.94 -6.88 -2.76
N LYS A 95 1.88 -6.15 -3.10
CA LYS A 95 0.75 -6.75 -3.81
C LYS A 95 0.44 -5.97 -5.08
N SER A 96 -0.26 -6.63 -6.01
CA SER A 96 -0.62 -6.00 -7.28
C SER A 96 -2.14 -5.95 -7.45
N ILE A 97 -2.62 -4.86 -8.02
CA ILE A 97 -4.06 -4.69 -8.25
C ILE A 97 -4.32 -3.89 -9.52
N THR A 98 -5.21 -4.41 -10.36
CA THR A 98 -5.56 -3.75 -11.61
C THR A 98 -6.70 -2.77 -11.42
N THR A 99 -6.45 -1.50 -11.75
CA THR A 99 -7.46 -0.46 -11.61
C THR A 99 -8.59 -0.65 -12.62
N ILE A 100 -9.62 0.18 -12.50
CA ILE A 100 -10.76 0.11 -13.42
C ILE A 100 -11.16 1.50 -13.89
N LYS A 101 -11.92 1.54 -14.99
CA LYS A 101 -12.38 2.81 -15.54
C LYS A 101 -13.85 3.05 -15.22
N GLY A 102 -14.13 3.40 -13.97
CA GLY A 102 -15.49 3.65 -13.56
C GLY A 102 -16.29 2.37 -13.40
N SER A 103 -17.07 2.28 -12.32
CA SER A 103 -17.88 1.11 -12.06
C SER A 103 -19.36 1.39 -12.33
N GLY A 104 -19.63 2.06 -13.45
CA GLY A 104 -20.99 2.39 -13.81
C GLY A 104 -21.53 1.52 -14.94
N PRO A 105 -22.62 1.96 -15.56
CA PRO A 105 -23.25 1.23 -16.68
C PRO A 105 -22.39 1.23 -17.93
N SER A 106 -22.74 0.38 -18.89
CA SER A 106 -22.01 0.29 -20.14
C SER A 106 -22.89 0.68 -21.32
N SER A 107 -22.70 1.91 -21.81
CA SER A 107 -23.47 2.42 -22.93
C SER A 107 -22.56 2.85 -24.07
N GLY A 108 -22.97 2.55 -25.30
CA GLY A 108 -22.18 2.90 -26.46
C GLY A 108 -22.99 2.90 -27.74
N GLY A 1 12.56 -20.60 4.53
CA GLY A 1 13.94 -20.36 4.16
C GLY A 1 14.07 -19.81 2.74
N SER A 2 14.15 -18.49 2.64
CA SER A 2 14.27 -17.84 1.33
C SER A 2 15.02 -16.51 1.46
N SER A 3 15.85 -16.22 0.46
CA SER A 3 16.63 -14.99 0.46
C SER A 3 15.73 -13.77 0.67
N GLY A 4 16.09 -12.93 1.63
CA GLY A 4 15.31 -11.74 1.91
C GLY A 4 14.50 -11.87 3.19
N SER A 5 15.18 -12.19 4.29
CA SER A 5 14.51 -12.35 5.57
C SER A 5 13.61 -11.16 5.88
N SER A 6 12.51 -11.41 6.57
CA SER A 6 11.55 -10.36 6.92
C SER A 6 11.08 -10.51 8.36
N GLY A 7 10.70 -9.40 8.97
CA GLY A 7 10.23 -9.43 10.35
C GLY A 7 8.78 -9.02 10.47
N PRO A 8 8.17 -9.34 11.62
CA PRO A 8 6.77 -9.01 11.89
C PRO A 8 6.55 -7.51 12.07
N ASP A 9 7.64 -6.77 12.17
CA ASP A 9 7.57 -5.32 12.35
C ASP A 9 6.70 -4.68 11.27
N ALA A 10 6.75 -5.27 10.07
CA ALA A 10 5.96 -4.76 8.95
C ALA A 10 4.52 -5.24 9.02
N PRO A 11 3.62 -4.53 8.32
CA PRO A 11 2.20 -4.88 8.29
C PRO A 11 1.92 -6.16 7.52
N ARG A 12 0.67 -6.60 7.52
CA ARG A 12 0.28 -7.82 6.83
C ARG A 12 -1.13 -7.70 6.26
N ASN A 13 -1.57 -8.74 5.55
CA ASN A 13 -2.90 -8.75 4.97
C ASN A 13 -3.10 -7.54 4.06
N LEU A 14 -2.17 -7.36 3.12
CA LEU A 14 -2.25 -6.25 2.18
C LEU A 14 -3.34 -6.48 1.13
N GLN A 15 -4.47 -5.81 1.32
CA GLN A 15 -5.59 -5.94 0.39
C GLN A 15 -5.94 -4.59 -0.24
N LEU A 16 -5.68 -4.47 -1.54
CA LEU A 16 -5.97 -3.23 -2.25
C LEU A 16 -7.40 -3.24 -2.79
N SER A 17 -7.99 -2.05 -2.89
CA SER A 17 -9.36 -1.91 -3.39
C SER A 17 -9.52 -0.62 -4.18
N LEU A 18 -10.74 -0.39 -4.68
CA LEU A 18 -11.02 0.81 -5.46
C LEU A 18 -12.37 1.42 -5.04
N PRO A 19 -12.39 2.75 -4.89
CA PRO A 19 -13.60 3.48 -4.49
C PRO A 19 -14.65 3.49 -5.59
N ARG A 20 -15.86 3.05 -5.24
CA ARG A 20 -16.96 3.01 -6.20
C ARG A 20 -17.41 4.42 -6.58
N GLU A 21 -16.88 5.42 -5.88
CA GLU A 21 -17.22 6.81 -6.14
C GLU A 21 -15.97 7.62 -6.46
N ALA A 22 -14.95 6.95 -6.98
CA ALA A 22 -13.70 7.62 -7.33
C ALA A 22 -12.90 6.78 -8.33
N GLU A 23 -12.38 7.44 -9.36
CA GLU A 23 -11.59 6.76 -10.38
C GLU A 23 -10.11 6.99 -10.16
N GLY A 24 -9.28 6.30 -10.95
CA GLY A 24 -7.84 6.44 -10.83
C GLY A 24 -7.39 6.50 -9.38
N VAL A 25 -8.14 5.86 -8.50
CA VAL A 25 -7.81 5.84 -7.07
C VAL A 25 -7.78 4.42 -6.53
N ILE A 26 -6.73 4.10 -5.79
CA ILE A 26 -6.58 2.77 -5.21
C ILE A 26 -6.51 2.84 -3.69
N VAL A 27 -7.46 2.19 -3.02
CA VAL A 27 -7.49 2.17 -1.56
C VAL A 27 -6.76 0.96 -1.01
N GLY A 28 -5.55 1.18 -0.48
CA GLY A 28 -4.77 0.11 0.08
C GLY A 28 -5.00 -0.07 1.57
N HIS A 29 -5.27 -1.31 1.98
CA HIS A 29 -5.50 -1.61 3.39
C HIS A 29 -4.54 -2.68 3.90
N TRP A 30 -4.31 -2.70 5.20
CA TRP A 30 -3.41 -3.68 5.81
C TRP A 30 -3.70 -3.83 7.29
N ALA A 31 -2.92 -4.68 7.95
CA ALA A 31 -3.09 -4.92 9.38
C ALA A 31 -1.83 -4.55 10.15
N PRO A 32 -1.97 -4.36 11.47
CA PRO A 32 -0.85 -4.00 12.35
C PRO A 32 0.15 -5.15 12.52
N PRO A 33 1.42 -4.80 12.71
CA PRO A 33 2.50 -5.78 12.89
C PRO A 33 2.40 -6.50 14.22
N ILE A 34 2.76 -7.78 14.23
CA ILE A 34 2.71 -8.59 15.44
C ILE A 34 3.61 -8.00 16.52
N HIS A 35 4.89 -7.81 16.20
CA HIS A 35 5.84 -7.25 17.15
C HIS A 35 6.80 -6.29 16.45
N THR A 36 6.89 -5.07 16.96
CA THR A 36 7.77 -4.06 16.39
C THR A 36 8.92 -3.73 17.33
N HIS A 37 9.99 -3.17 16.78
CA HIS A 37 11.15 -2.81 17.57
C HIS A 37 11.16 -1.31 17.88
N GLY A 38 10.02 -0.79 18.30
CA GLY A 38 9.91 0.62 18.62
C GLY A 38 8.53 1.18 18.32
N LEU A 39 8.05 2.04 19.21
CA LEU A 39 6.74 2.64 19.05
C LEU A 39 6.48 3.01 17.59
N ILE A 40 5.32 2.61 17.09
CA ILE A 40 4.95 2.89 15.71
C ILE A 40 4.44 4.31 15.55
N ARG A 41 5.20 5.14 14.85
CA ARG A 41 4.81 6.53 14.62
C ARG A 41 3.71 6.63 13.57
N GLU A 42 3.91 5.92 12.46
CA GLU A 42 2.93 5.94 11.37
C GLU A 42 3.22 4.82 10.37
N TYR A 43 2.41 4.75 9.32
CA TYR A 43 2.57 3.73 8.30
C TYR A 43 2.71 4.37 6.91
N ILE A 44 3.83 4.13 6.26
CA ILE A 44 4.09 4.67 4.93
C ILE A 44 3.61 3.71 3.85
N VAL A 45 3.03 4.27 2.78
CA VAL A 45 2.54 3.45 1.68
C VAL A 45 3.24 3.82 0.37
N GLU A 46 3.81 2.82 -0.29
CA GLU A 46 4.51 3.04 -1.55
C GLU A 46 3.77 2.38 -2.71
N TYR A 47 3.66 3.09 -3.82
CA TYR A 47 2.98 2.59 -5.00
C TYR A 47 3.71 2.99 -6.28
N SER A 48 3.73 2.09 -7.25
CA SER A 48 4.39 2.35 -8.53
C SER A 48 3.79 1.50 -9.63
N ARG A 49 3.49 2.14 -10.76
CA ARG A 49 2.91 1.44 -11.91
C ARG A 49 3.76 0.24 -12.30
N SER A 50 3.10 -0.86 -12.64
CA SER A 50 3.80 -2.09 -13.03
C SER A 50 4.89 -1.78 -14.05
N GLY A 51 6.11 -1.56 -13.55
CA GLY A 51 7.23 -1.26 -14.43
C GLY A 51 7.70 0.17 -14.30
N SER A 52 8.34 0.48 -13.19
CA SER A 52 8.85 1.83 -12.94
C SER A 52 9.90 1.82 -11.84
N LYS A 53 10.95 2.61 -12.04
CA LYS A 53 12.04 2.70 -11.07
C LYS A 53 11.70 3.70 -9.97
N MET A 54 10.79 4.62 -10.27
CA MET A 54 10.39 5.64 -9.31
C MET A 54 9.20 5.15 -8.49
N TRP A 55 9.26 5.38 -7.18
CA TRP A 55 8.19 4.96 -6.28
C TRP A 55 7.74 6.12 -5.40
N ALA A 56 6.42 6.34 -5.33
CA ALA A 56 5.86 7.41 -4.53
C ALA A 56 5.46 6.91 -3.15
N SER A 57 5.83 7.65 -2.12
CA SER A 57 5.51 7.28 -0.74
C SER A 57 4.77 8.41 -0.04
N GLN A 58 3.88 8.04 0.87
CA GLN A 58 3.09 9.02 1.62
C GLN A 58 2.83 8.53 3.04
N ARG A 59 2.44 9.46 3.91
CA ARG A 59 2.16 9.12 5.31
C ARG A 59 0.70 8.73 5.49
N ALA A 60 0.46 7.73 6.34
CA ALA A 60 -0.89 7.26 6.60
C ALA A 60 -1.10 6.97 8.08
N ALA A 61 -1.95 7.76 8.73
CA ALA A 61 -2.24 7.59 10.15
C ALA A 61 -2.91 6.24 10.41
N SER A 62 -3.98 5.97 9.67
CA SER A 62 -4.72 4.72 9.83
C SER A 62 -3.98 3.56 9.17
N ASN A 63 -4.60 2.39 9.18
CA ASN A 63 -4.01 1.20 8.59
C ASN A 63 -4.36 1.10 7.11
N PHE A 64 -4.79 2.22 6.52
CA PHE A 64 -5.16 2.25 5.12
C PHE A 64 -4.89 3.63 4.52
N THR A 65 -4.95 3.71 3.19
CA THR A 65 -4.70 4.97 2.50
C THR A 65 -5.46 5.02 1.18
N GLU A 66 -5.36 6.15 0.48
CA GLU A 66 -6.03 6.33 -0.79
C GLU A 66 -5.07 6.87 -1.85
N ILE A 67 -4.57 5.99 -2.69
CA ILE A 67 -3.64 6.38 -3.75
C ILE A 67 -4.38 6.93 -4.96
N LYS A 68 -4.41 8.25 -5.07
CA LYS A 68 -5.09 8.91 -6.19
C LYS A 68 -4.10 9.26 -7.29
N ASN A 69 -4.60 9.88 -8.35
CA ASN A 69 -3.76 10.28 -9.48
C ASN A 69 -3.14 9.05 -10.15
N LEU A 70 -3.98 8.08 -10.48
CA LEU A 70 -3.52 6.87 -11.13
C LEU A 70 -4.22 6.66 -12.48
N LEU A 71 -3.77 5.67 -13.22
CA LEU A 71 -4.35 5.37 -14.53
C LEU A 71 -5.33 4.20 -14.44
N VAL A 72 -6.52 4.39 -14.99
CA VAL A 72 -7.55 3.35 -14.97
C VAL A 72 -7.15 2.17 -15.86
N ASN A 73 -7.59 0.98 -15.48
CA ASN A 73 -7.28 -0.23 -16.23
C ASN A 73 -5.77 -0.42 -16.35
N THR A 74 -5.07 -0.27 -15.24
CA THR A 74 -3.62 -0.43 -15.21
C THR A 74 -3.16 -1.09 -13.92
N LEU A 75 -2.28 -2.09 -14.05
CA LEU A 75 -1.76 -2.81 -12.89
C LEU A 75 -0.90 -1.89 -12.03
N TYR A 76 -1.29 -1.75 -10.76
CA TYR A 76 -0.54 -0.90 -9.83
C TYR A 76 -0.11 -1.69 -8.59
N THR A 77 1.16 -1.60 -8.26
CA THR A 77 1.71 -2.31 -7.10
C THR A 77 1.68 -1.42 -5.86
N VAL A 78 1.24 -2.00 -4.74
CA VAL A 78 1.17 -1.26 -3.49
C VAL A 78 1.90 -2.00 -2.38
N ARG A 79 2.55 -1.25 -1.50
CA ARG A 79 3.29 -1.84 -0.39
C ARG A 79 3.24 -0.93 0.83
N VAL A 80 3.13 -1.54 2.01
CA VAL A 80 3.07 -0.79 3.26
C VAL A 80 4.24 -1.15 4.17
N ALA A 81 4.76 -0.15 4.87
CA ALA A 81 5.88 -0.36 5.78
C ALA A 81 5.64 0.34 7.11
N ALA A 82 5.90 -0.38 8.20
CA ALA A 82 5.71 0.17 9.54
C ALA A 82 6.90 1.05 9.94
N VAL A 83 6.61 2.28 10.31
CA VAL A 83 7.66 3.22 10.72
C VAL A 83 7.80 3.25 12.24
N THR A 84 9.04 3.33 12.71
CA THR A 84 9.31 3.36 14.15
C THR A 84 10.23 4.53 14.50
N SER A 85 10.43 4.75 15.79
CA SER A 85 11.28 5.83 16.27
C SER A 85 12.47 6.04 15.33
N ARG A 86 13.06 4.94 14.88
CA ARG A 86 14.21 5.00 13.98
C ARG A 86 13.78 5.45 12.58
N GLY A 87 13.01 4.59 11.91
CA GLY A 87 12.55 4.92 10.57
C GLY A 87 11.65 3.85 9.99
N ILE A 88 11.59 3.78 8.67
CA ILE A 88 10.76 2.78 7.99
C ILE A 88 11.38 1.39 8.08
N GLY A 89 10.53 0.39 8.24
CA GLY A 89 11.01 -0.98 8.33
C GLY A 89 10.77 -1.77 7.06
N ASN A 90 10.88 -3.09 7.16
CA ASN A 90 10.67 -3.96 6.01
C ASN A 90 9.39 -3.58 5.26
N TRP A 91 9.33 -3.95 3.99
CA TRP A 91 8.17 -3.65 3.16
C TRP A 91 7.27 -4.87 3.01
N SER A 92 5.97 -4.68 3.22
CA SER A 92 5.00 -5.77 3.11
C SER A 92 5.06 -6.40 1.73
N ASP A 93 4.58 -7.64 1.63
CA ASP A 93 4.57 -8.36 0.36
C ASP A 93 3.89 -7.52 -0.73
N SER A 94 4.69 -6.76 -1.46
CA SER A 94 4.16 -5.91 -2.52
C SER A 94 3.13 -6.66 -3.36
N LYS A 95 1.89 -6.20 -3.32
CA LYS A 95 0.82 -6.83 -4.08
C LYS A 95 0.56 -6.09 -5.39
N SER A 96 -0.41 -6.56 -6.16
CA SER A 96 -0.76 -5.94 -7.43
C SER A 96 -2.27 -5.88 -7.62
N ILE A 97 -2.76 -4.77 -8.15
CA ILE A 97 -4.19 -4.60 -8.38
C ILE A 97 -4.43 -3.83 -9.68
N THR A 98 -5.36 -4.34 -10.49
CA THR A 98 -5.70 -3.69 -11.76
C THR A 98 -6.83 -2.69 -11.58
N THR A 99 -6.50 -1.40 -11.75
CA THR A 99 -7.49 -0.35 -11.62
C THR A 99 -8.66 -0.55 -12.57
N ILE A 100 -9.64 0.35 -12.50
CA ILE A 100 -10.81 0.26 -13.37
C ILE A 100 -11.21 1.64 -13.89
N LYS A 101 -11.85 1.67 -15.05
CA LYS A 101 -12.28 2.92 -15.66
C LYS A 101 -13.70 3.26 -15.23
N GLY A 102 -13.86 3.61 -13.95
CA GLY A 102 -15.17 3.96 -13.44
C GLY A 102 -16.14 2.79 -13.48
N SER A 103 -16.71 2.45 -12.32
CA SER A 103 -17.65 1.34 -12.23
C SER A 103 -19.07 1.86 -12.05
N GLY A 104 -19.94 1.54 -13.00
CA GLY A 104 -21.32 1.98 -12.92
C GLY A 104 -21.70 2.92 -14.05
N PRO A 105 -22.12 2.34 -15.18
CA PRO A 105 -22.52 3.11 -16.36
C PRO A 105 -23.83 3.87 -16.15
N SER A 106 -24.46 3.62 -15.01
CA SER A 106 -25.73 4.27 -14.68
C SER A 106 -25.49 5.55 -13.90
N SER A 107 -24.73 5.45 -12.81
CA SER A 107 -24.43 6.59 -11.96
C SER A 107 -23.44 6.22 -10.86
N GLY A 108 -22.31 6.90 -10.83
CA GLY A 108 -21.30 6.62 -9.83
C GLY A 108 -20.23 7.71 -9.76
N GLY A 1 15.98 -14.41 -0.94
CA GLY A 1 16.14 -15.26 0.24
C GLY A 1 14.98 -15.13 1.21
N SER A 2 14.43 -16.26 1.62
CA SER A 2 13.31 -16.27 2.55
C SER A 2 13.72 -15.68 3.90
N SER A 3 14.78 -16.21 4.47
CA SER A 3 15.28 -15.74 5.76
C SER A 3 16.20 -14.54 5.58
N GLY A 4 16.06 -13.56 6.47
CA GLY A 4 16.89 -12.37 6.40
C GLY A 4 16.08 -11.10 6.57
N SER A 5 16.29 -10.42 7.70
CA SER A 5 15.57 -9.19 7.99
C SER A 5 14.06 -9.37 7.80
N SER A 6 13.55 -10.50 8.25
CA SER A 6 12.14 -10.81 8.12
C SER A 6 11.46 -10.87 9.49
N GLY A 7 11.02 -9.73 9.98
CA GLY A 7 10.37 -9.67 11.28
C GLY A 7 8.92 -9.21 11.18
N PRO A 8 8.21 -9.24 12.32
CA PRO A 8 6.81 -8.82 12.39
C PRO A 8 6.64 -7.32 12.20
N ASP A 9 7.72 -6.59 12.37
CA ASP A 9 7.70 -5.13 12.22
C ASP A 9 6.77 -4.72 11.07
N ALA A 10 6.90 -5.41 9.94
CA ALA A 10 6.08 -5.12 8.78
C ALA A 10 4.63 -5.56 9.00
N PRO A 11 3.69 -4.81 8.41
CA PRO A 11 2.26 -5.10 8.53
C PRO A 11 1.86 -6.36 7.77
N ARG A 12 0.59 -6.73 7.88
CA ARG A 12 0.08 -7.92 7.20
C ARG A 12 -1.34 -7.70 6.71
N ASN A 13 -1.89 -8.70 6.03
CA ASN A 13 -3.24 -8.61 5.50
C ASN A 13 -3.37 -7.45 4.51
N LEU A 14 -2.43 -7.37 3.59
CA LEU A 14 -2.43 -6.31 2.57
C LEU A 14 -3.50 -6.56 1.52
N GLN A 15 -4.67 -5.94 1.72
CA GLN A 15 -5.78 -6.09 0.78
C GLN A 15 -6.08 -4.77 0.08
N LEU A 16 -5.83 -4.74 -1.23
CA LEU A 16 -6.08 -3.54 -2.02
C LEU A 16 -7.52 -3.52 -2.53
N SER A 17 -8.00 -2.32 -2.88
CA SER A 17 -9.35 -2.15 -3.38
C SER A 17 -9.48 -0.87 -4.19
N LEU A 18 -10.68 -0.62 -4.71
CA LEU A 18 -10.93 0.58 -5.50
C LEU A 18 -12.28 1.21 -5.12
N PRO A 19 -12.27 2.55 -4.96
CA PRO A 19 -13.48 3.30 -4.60
C PRO A 19 -14.50 3.33 -5.73
N ARG A 20 -15.75 3.00 -5.41
CA ARG A 20 -16.82 3.00 -6.40
C ARG A 20 -17.30 4.41 -6.69
N GLU A 21 -16.74 5.39 -5.96
CA GLU A 21 -17.12 6.78 -6.14
C GLU A 21 -15.91 7.62 -6.56
N ALA A 22 -14.81 6.95 -6.89
CA ALA A 22 -13.59 7.62 -7.31
C ALA A 22 -12.81 6.77 -8.30
N GLU A 23 -12.29 7.42 -9.35
CA GLU A 23 -11.52 6.72 -10.37
C GLU A 23 -10.02 6.91 -10.14
N GLY A 24 -9.22 6.24 -10.96
CA GLY A 24 -7.78 6.34 -10.83
C GLY A 24 -7.33 6.42 -9.38
N VAL A 25 -8.07 5.75 -8.50
CA VAL A 25 -7.74 5.75 -7.08
C VAL A 25 -7.71 4.33 -6.52
N ILE A 26 -6.75 4.08 -5.64
CA ILE A 26 -6.60 2.76 -5.03
C ILE A 26 -6.62 2.85 -3.51
N VAL A 27 -7.33 1.93 -2.87
CA VAL A 27 -7.42 1.90 -1.42
C VAL A 27 -6.76 0.65 -0.85
N GLY A 28 -5.53 0.81 -0.36
CA GLY A 28 -4.80 -0.31 0.21
C GLY A 28 -4.99 -0.42 1.71
N HIS A 29 -5.35 -1.62 2.17
CA HIS A 29 -5.56 -1.85 3.59
C HIS A 29 -4.56 -2.87 4.12
N TRP A 30 -4.27 -2.79 5.42
CA TRP A 30 -3.34 -3.70 6.05
C TRP A 30 -3.63 -3.84 7.54
N ALA A 31 -2.79 -4.60 8.24
CA ALA A 31 -2.95 -4.81 9.68
C ALA A 31 -1.68 -4.45 10.43
N PRO A 32 -1.81 -4.23 11.75
CA PRO A 32 -0.68 -3.88 12.60
C PRO A 32 0.29 -5.05 12.80
N PRO A 33 1.58 -4.73 12.94
CA PRO A 33 2.63 -5.74 13.14
C PRO A 33 2.54 -6.41 14.51
N ILE A 34 2.72 -7.73 14.53
CA ILE A 34 2.66 -8.48 15.77
C ILE A 34 3.59 -7.87 16.83
N HIS A 35 4.67 -7.25 16.36
CA HIS A 35 5.63 -6.64 17.27
C HIS A 35 6.45 -5.58 16.54
N THR A 36 7.14 -4.74 17.31
CA THR A 36 7.97 -3.68 16.73
C THR A 36 9.06 -3.25 17.70
N HIS A 37 10.20 -2.84 17.14
CA HIS A 37 11.33 -2.40 17.96
C HIS A 37 11.21 -0.93 18.33
N GLY A 38 9.97 -0.49 18.57
CA GLY A 38 9.74 0.90 18.92
C GLY A 38 8.35 1.36 18.54
N LEU A 39 7.74 2.19 19.39
CA LEU A 39 6.41 2.71 19.14
C LEU A 39 6.24 3.08 17.68
N ILE A 40 5.13 2.64 17.08
CA ILE A 40 4.84 2.93 15.69
C ILE A 40 4.25 4.32 15.52
N ARG A 41 4.98 5.19 14.83
CA ARG A 41 4.53 6.56 14.60
C ARG A 41 3.49 6.61 13.48
N GLU A 42 3.75 5.87 12.41
CA GLU A 42 2.84 5.83 11.28
C GLU A 42 3.22 4.71 10.31
N TYR A 43 2.47 4.60 9.22
CA TYR A 43 2.72 3.57 8.21
C TYR A 43 2.87 4.18 6.82
N ILE A 44 4.00 3.94 6.19
CA ILE A 44 4.26 4.47 4.85
C ILE A 44 3.72 3.52 3.78
N VAL A 45 3.39 4.09 2.62
CA VAL A 45 2.87 3.29 1.51
C VAL A 45 3.56 3.67 0.20
N GLU A 46 4.37 2.75 -0.33
CA GLU A 46 5.09 2.99 -1.58
C GLU A 46 4.39 2.30 -2.74
N TYR A 47 4.04 3.07 -3.76
CA TYR A 47 3.38 2.53 -4.94
C TYR A 47 4.09 2.96 -6.22
N SER A 48 3.97 2.14 -7.26
CA SER A 48 4.61 2.42 -8.53
C SER A 48 3.93 1.65 -9.66
N ARG A 49 3.62 2.36 -10.74
CA ARG A 49 2.96 1.75 -11.89
C ARG A 49 3.79 0.58 -12.43
N SER A 50 3.14 -0.56 -12.64
CA SER A 50 3.81 -1.75 -13.15
C SER A 50 4.85 -1.37 -14.21
N GLY A 51 6.11 -1.69 -13.92
CA GLY A 51 7.18 -1.38 -14.85
C GLY A 51 7.52 0.10 -14.86
N SER A 52 8.22 0.55 -13.83
CA SER A 52 8.61 1.95 -13.72
C SER A 52 9.69 2.14 -12.66
N LYS A 53 10.52 3.15 -12.84
CA LYS A 53 11.58 3.44 -11.88
C LYS A 53 11.24 4.65 -11.02
N MET A 54 9.96 4.73 -10.63
CA MET A 54 9.50 5.83 -9.80
C MET A 54 8.44 5.35 -8.80
N TRP A 55 8.76 5.43 -7.52
CA TRP A 55 7.84 5.00 -6.47
C TRP A 55 7.44 6.18 -5.59
N ALA A 56 6.15 6.26 -5.27
CA ALA A 56 5.64 7.33 -4.43
C ALA A 56 5.30 6.82 -3.03
N SER A 57 5.90 7.44 -2.02
CA SER A 57 5.66 7.04 -0.64
C SER A 57 4.90 8.12 0.11
N GLN A 58 4.00 7.70 1.00
CA GLN A 58 3.19 8.64 1.78
C GLN A 58 2.82 8.03 3.13
N ARG A 59 2.66 8.89 4.13
CA ARG A 59 2.29 8.43 5.47
C ARG A 59 0.79 8.22 5.58
N ALA A 60 0.39 7.24 6.39
CA ALA A 60 -1.01 6.92 6.58
C ALA A 60 -1.36 6.84 8.07
N ALA A 61 -2.32 7.64 8.50
CA ALA A 61 -2.74 7.66 9.89
C ALA A 61 -3.32 6.32 10.30
N SER A 62 -4.35 5.88 9.58
CA SER A 62 -5.01 4.61 9.87
C SER A 62 -4.30 3.46 9.17
N ASN A 63 -4.86 2.25 9.29
CA ASN A 63 -4.28 1.07 8.66
C ASN A 63 -4.71 0.97 7.20
N PHE A 64 -4.65 2.09 6.49
CA PHE A 64 -5.03 2.13 5.08
C PHE A 64 -4.67 3.47 4.46
N THR A 65 -4.80 3.55 3.13
CA THR A 65 -4.49 4.78 2.41
C THR A 65 -5.20 4.81 1.05
N GLU A 66 -5.15 5.97 0.41
CA GLU A 66 -5.78 6.13 -0.89
C GLU A 66 -4.81 6.72 -1.91
N ILE A 67 -4.36 5.90 -2.85
CA ILE A 67 -3.43 6.34 -3.87
C ILE A 67 -4.16 6.90 -5.09
N LYS A 68 -4.24 8.22 -5.18
CA LYS A 68 -4.91 8.87 -6.29
C LYS A 68 -3.92 9.23 -7.40
N ASN A 69 -4.43 9.81 -8.48
CA ASN A 69 -3.58 10.20 -9.61
C ASN A 69 -3.05 8.97 -10.33
N LEU A 70 -3.94 8.02 -10.61
CA LEU A 70 -3.57 6.80 -11.30
C LEU A 70 -4.24 6.71 -12.67
N LEU A 71 -3.80 5.75 -13.47
CA LEU A 71 -4.36 5.57 -14.82
C LEU A 71 -5.32 4.39 -14.84
N VAL A 72 -6.59 4.68 -15.12
CA VAL A 72 -7.60 3.63 -15.19
C VAL A 72 -7.14 2.45 -16.03
N ASN A 73 -7.50 1.25 -15.60
CA ASN A 73 -7.12 0.03 -16.31
C ASN A 73 -5.60 -0.08 -16.40
N THR A 74 -4.94 0.11 -15.26
CA THR A 74 -3.48 0.02 -15.20
C THR A 74 -3.03 -0.72 -13.95
N LEU A 75 -2.10 -1.66 -14.13
CA LEU A 75 -1.58 -2.43 -13.00
C LEU A 75 -0.72 -1.56 -12.09
N TYR A 76 -1.15 -1.43 -10.85
CA TYR A 76 -0.43 -0.62 -9.86
C TYR A 76 -0.03 -1.46 -8.65
N THR A 77 1.26 -1.43 -8.31
CA THR A 77 1.77 -2.18 -7.18
C THR A 77 1.91 -1.30 -5.95
N VAL A 78 1.37 -1.77 -4.82
CA VAL A 78 1.44 -1.02 -3.58
C VAL A 78 2.11 -1.84 -2.48
N ARG A 79 2.65 -1.16 -1.49
CA ARG A 79 3.33 -1.82 -0.37
C ARG A 79 3.30 -0.94 0.88
N VAL A 80 3.00 -1.55 2.02
CA VAL A 80 2.94 -0.84 3.28
C VAL A 80 4.09 -1.25 4.20
N ALA A 81 4.68 -0.28 4.87
CA ALA A 81 5.79 -0.55 5.79
C ALA A 81 5.59 0.17 7.12
N ALA A 82 5.86 -0.53 8.21
CA ALA A 82 5.71 0.03 9.55
C ALA A 82 6.89 0.92 9.90
N VAL A 83 6.61 2.16 10.30
CA VAL A 83 7.66 3.10 10.68
C VAL A 83 7.84 3.17 12.18
N THR A 84 9.09 3.31 12.62
CA THR A 84 9.39 3.38 14.05
C THR A 84 10.29 4.57 14.36
N SER A 85 10.53 4.80 15.64
CA SER A 85 11.38 5.90 16.07
C SER A 85 12.57 6.08 15.14
N ARG A 86 13.27 4.98 14.88
CA ARG A 86 14.44 5.01 14.01
C ARG A 86 14.04 5.43 12.59
N GLY A 87 13.25 4.58 11.93
CA GLY A 87 12.81 4.88 10.58
C GLY A 87 11.95 3.78 10.00
N ILE A 88 11.97 3.66 8.68
CA ILE A 88 11.17 2.64 7.99
C ILE A 88 11.82 1.27 8.12
N GLY A 89 10.98 0.23 8.26
CA GLY A 89 11.48 -1.12 8.39
C GLY A 89 11.18 -1.97 7.18
N ASN A 90 10.95 -3.26 7.41
CA ASN A 90 10.64 -4.19 6.32
C ASN A 90 9.40 -3.75 5.56
N TRP A 91 9.25 -4.24 4.34
CA TRP A 91 8.10 -3.90 3.50
C TRP A 91 7.14 -5.09 3.38
N SER A 92 5.85 -4.79 3.36
CA SER A 92 4.84 -5.83 3.25
C SER A 92 4.85 -6.46 1.86
N ASP A 93 4.21 -7.62 1.74
CA ASP A 93 4.15 -8.32 0.46
C ASP A 93 3.43 -7.48 -0.60
N SER A 94 4.21 -6.68 -1.32
CA SER A 94 3.65 -5.82 -2.37
C SER A 94 2.63 -6.57 -3.21
N LYS A 95 1.45 -5.98 -3.36
CA LYS A 95 0.38 -6.59 -4.15
C LYS A 95 0.14 -5.82 -5.43
N SER A 96 -0.51 -6.46 -6.40
CA SER A 96 -0.81 -5.81 -7.67
C SER A 96 -2.32 -5.70 -7.88
N ILE A 97 -2.74 -4.63 -8.53
CA ILE A 97 -4.16 -4.41 -8.80
C ILE A 97 -4.36 -3.61 -10.08
N THR A 98 -5.39 -3.95 -10.84
CA THR A 98 -5.70 -3.28 -12.09
C THR A 98 -6.87 -2.32 -11.93
N THR A 99 -6.59 -1.03 -12.00
CA THR A 99 -7.63 -0.01 -11.86
C THR A 99 -8.78 -0.26 -12.84
N ILE A 100 -9.88 0.44 -12.63
CA ILE A 100 -11.05 0.31 -13.49
C ILE A 100 -11.47 1.65 -14.06
N LYS A 101 -11.98 1.64 -15.29
CA LYS A 101 -12.43 2.86 -15.95
C LYS A 101 -13.92 3.10 -15.71
N GLY A 102 -14.25 3.61 -14.52
CA GLY A 102 -15.64 3.88 -14.19
C GLY A 102 -16.31 2.67 -13.56
N SER A 103 -17.63 2.76 -13.39
CA SER A 103 -18.40 1.68 -12.80
C SER A 103 -19.81 1.63 -13.39
N GLY A 104 -20.20 0.44 -13.86
CA GLY A 104 -21.52 0.27 -14.44
C GLY A 104 -21.46 -0.24 -15.87
N PRO A 105 -21.17 -1.54 -16.01
CA PRO A 105 -21.08 -2.19 -17.32
C PRO A 105 -22.44 -2.32 -18.00
N SER A 106 -23.49 -2.15 -17.22
CA SER A 106 -24.85 -2.25 -17.74
C SER A 106 -25.63 -0.96 -17.50
N SER A 107 -26.29 -0.47 -18.55
CA SER A 107 -27.06 0.76 -18.45
C SER A 107 -28.14 0.64 -17.38
N GLY A 108 -28.72 1.78 -17.01
CA GLY A 108 -29.76 1.78 -15.99
C GLY A 108 -30.53 3.08 -15.95
N GLY A 1 22.53 -19.35 6.79
CA GLY A 1 23.04 -17.98 6.84
C GLY A 1 22.98 -17.30 5.49
N SER A 2 21.79 -17.24 4.91
CA SER A 2 21.62 -16.60 3.60
C SER A 2 20.97 -15.24 3.73
N SER A 3 21.31 -14.33 2.82
CA SER A 3 20.76 -12.98 2.84
C SER A 3 19.23 -13.02 2.95
N GLY A 4 18.70 -12.19 3.83
CA GLY A 4 17.25 -12.13 4.02
C GLY A 4 16.86 -12.10 5.48
N SER A 5 15.78 -11.39 5.78
CA SER A 5 15.30 -11.26 7.16
C SER A 5 13.80 -11.01 7.18
N SER A 6 13.07 -11.91 7.84
CA SER A 6 11.61 -11.80 7.95
C SER A 6 11.20 -11.43 9.36
N GLY A 7 10.55 -10.27 9.50
CA GLY A 7 10.10 -9.82 10.81
C GLY A 7 8.70 -9.26 10.78
N PRO A 8 7.95 -9.48 11.87
CA PRO A 8 6.57 -8.99 11.99
C PRO A 8 6.49 -7.48 12.12
N ASP A 9 7.63 -6.85 12.40
CA ASP A 9 7.69 -5.40 12.55
C ASP A 9 6.83 -4.72 11.50
N ALA A 10 6.70 -5.35 10.33
CA ALA A 10 5.89 -4.80 9.25
C ALA A 10 4.44 -5.24 9.37
N PRO A 11 3.55 -4.55 8.63
CA PRO A 11 2.11 -4.84 8.64
C PRO A 11 1.80 -6.16 7.94
N ARG A 12 0.51 -6.47 7.84
CA ARG A 12 0.07 -7.70 7.20
C ARG A 12 -1.35 -7.58 6.68
N ASN A 13 -1.81 -8.59 5.94
CA ASN A 13 -3.15 -8.58 5.39
C ASN A 13 -3.35 -7.40 4.44
N LEU A 14 -2.38 -7.21 3.55
CA LEU A 14 -2.44 -6.11 2.57
C LEU A 14 -3.53 -6.38 1.53
N GLN A 15 -4.68 -5.76 1.73
CA GLN A 15 -5.80 -5.92 0.80
C GLN A 15 -6.07 -4.62 0.04
N LEU A 16 -5.78 -4.63 -1.25
CA LEU A 16 -5.99 -3.45 -2.10
C LEU A 16 -7.42 -3.44 -2.67
N SER A 17 -7.94 -2.24 -2.87
CA SER A 17 -9.29 -2.08 -3.42
C SER A 17 -9.44 -0.75 -4.13
N LEU A 18 -10.60 -0.53 -4.74
CA LEU A 18 -10.88 0.71 -5.45
C LEU A 18 -12.20 1.31 -5.01
N PRO A 19 -12.22 2.65 -4.83
CA PRO A 19 -13.41 3.38 -4.41
C PRO A 19 -14.49 3.40 -5.48
N ARG A 20 -15.70 2.98 -5.12
CA ARG A 20 -16.82 2.96 -6.06
C ARG A 20 -17.32 4.37 -6.34
N GLU A 21 -16.69 5.36 -5.70
CA GLU A 21 -17.08 6.75 -5.90
C GLU A 21 -15.91 7.58 -6.40
N ALA A 22 -14.83 6.90 -6.79
CA ALA A 22 -13.64 7.57 -7.30
C ALA A 22 -12.86 6.66 -8.25
N GLU A 23 -12.25 7.27 -9.27
CA GLU A 23 -11.47 6.52 -10.25
C GLU A 23 -9.98 6.79 -10.08
N GLY A 24 -9.17 6.10 -10.87
CA GLY A 24 -7.73 6.28 -10.80
C GLY A 24 -7.22 6.34 -9.38
N VAL A 25 -8.00 5.78 -8.44
CA VAL A 25 -7.62 5.79 -7.03
C VAL A 25 -7.63 4.37 -6.46
N ILE A 26 -6.60 4.05 -5.69
CA ILE A 26 -6.48 2.73 -5.08
C ILE A 26 -6.41 2.83 -3.56
N VAL A 27 -7.32 2.14 -2.88
CA VAL A 27 -7.36 2.15 -1.43
C VAL A 27 -6.74 0.88 -0.85
N GLY A 28 -5.51 0.99 -0.38
CA GLY A 28 -4.82 -0.15 0.19
C GLY A 28 -5.02 -0.27 1.69
N HIS A 29 -5.30 -1.48 2.16
CA HIS A 29 -5.51 -1.71 3.59
C HIS A 29 -4.47 -2.69 4.13
N TRP A 30 -4.46 -2.85 5.46
CA TRP A 30 -3.52 -3.76 6.11
C TRP A 30 -3.82 -3.87 7.59
N ALA A 31 -2.98 -4.62 8.31
CA ALA A 31 -3.16 -4.81 9.74
C ALA A 31 -1.90 -4.40 10.51
N PRO A 32 -2.04 -4.24 11.83
CA PRO A 32 -0.93 -3.85 12.70
C PRO A 32 0.11 -4.96 12.85
N PRO A 33 1.38 -4.57 12.99
CA PRO A 33 2.49 -5.51 13.14
C PRO A 33 2.46 -6.23 14.49
N ILE A 34 2.55 -7.56 14.44
CA ILE A 34 2.54 -8.36 15.66
C ILE A 34 3.48 -7.79 16.71
N HIS A 35 4.74 -7.61 16.32
CA HIS A 35 5.75 -7.06 17.22
C HIS A 35 6.73 -6.17 16.47
N THR A 36 6.88 -4.94 16.93
CA THR A 36 7.79 -3.98 16.31
C THR A 36 9.01 -3.72 17.18
N HIS A 37 10.01 -3.08 16.61
CA HIS A 37 11.24 -2.77 17.34
C HIS A 37 10.94 -1.83 18.51
N GLY A 38 10.20 -0.76 18.24
CA GLY A 38 9.86 0.20 19.27
C GLY A 38 8.41 0.65 19.21
N LEU A 39 8.21 1.95 19.07
CA LEU A 39 6.86 2.50 18.99
C LEU A 39 6.52 2.93 17.56
N ILE A 40 5.36 2.51 17.09
CA ILE A 40 4.92 2.85 15.74
C ILE A 40 4.38 4.27 15.68
N ARG A 41 4.96 5.08 14.81
CA ARG A 41 4.53 6.46 14.65
C ARG A 41 3.52 6.60 13.52
N GLU A 42 3.78 5.89 12.42
CA GLU A 42 2.89 5.93 11.25
C GLU A 42 3.18 4.78 10.30
N TYR A 43 2.46 4.74 9.18
CA TYR A 43 2.64 3.69 8.19
C TYR A 43 2.78 4.29 6.80
N ILE A 44 3.91 4.01 6.16
CA ILE A 44 4.17 4.52 4.82
C ILE A 44 3.61 3.58 3.76
N VAL A 45 3.14 4.15 2.65
CA VAL A 45 2.58 3.37 1.56
C VAL A 45 3.20 3.76 0.22
N GLU A 46 3.95 2.83 -0.37
CA GLU A 46 4.59 3.08 -1.65
C GLU A 46 3.81 2.44 -2.79
N TYR A 47 3.88 3.06 -3.96
CA TYR A 47 3.18 2.54 -5.14
C TYR A 47 3.89 2.95 -6.43
N SER A 48 3.81 2.09 -7.44
CA SER A 48 4.45 2.35 -8.71
C SER A 48 3.82 1.51 -9.82
N ARG A 49 3.52 2.15 -10.94
CA ARG A 49 2.90 1.46 -12.08
C ARG A 49 3.84 0.39 -12.63
N SER A 50 3.38 -0.85 -12.61
CA SER A 50 4.18 -1.97 -13.11
C SER A 50 4.92 -1.59 -14.39
N GLY A 51 6.16 -1.14 -14.24
CA GLY A 51 6.95 -0.75 -15.39
C GLY A 51 7.41 0.70 -15.31
N SER A 52 7.99 1.08 -14.17
CA SER A 52 8.46 2.45 -13.97
C SER A 52 9.55 2.49 -12.91
N LYS A 53 10.47 3.44 -13.05
CA LYS A 53 11.56 3.60 -12.10
C LYS A 53 11.30 4.77 -11.16
N MET A 54 10.04 4.95 -10.77
CA MET A 54 9.66 6.02 -9.87
C MET A 54 8.52 5.57 -8.94
N TRP A 55 8.79 5.58 -7.64
CA TRP A 55 7.80 5.18 -6.65
C TRP A 55 7.39 6.35 -5.78
N ALA A 56 6.12 6.40 -5.40
CA ALA A 56 5.60 7.47 -4.56
C ALA A 56 5.17 6.94 -3.20
N SER A 57 5.79 7.48 -2.15
CA SER A 57 5.48 7.05 -0.78
C SER A 57 4.77 8.17 -0.02
N GLN A 58 3.87 7.78 0.87
CA GLN A 58 3.12 8.74 1.66
C GLN A 58 2.80 8.18 3.05
N ARG A 59 2.66 9.07 4.02
CA ARG A 59 2.35 8.67 5.40
C ARG A 59 0.86 8.43 5.58
N ALA A 60 0.53 7.41 6.37
CA ALA A 60 -0.86 7.07 6.62
C ALA A 60 -1.11 6.86 8.11
N ALA A 61 -2.01 7.67 8.68
CA ALA A 61 -2.34 7.56 10.10
C ALA A 61 -3.01 6.23 10.41
N SER A 62 -4.10 5.95 9.71
CA SER A 62 -4.84 4.71 9.92
C SER A 62 -4.16 3.54 9.23
N ASN A 63 -4.77 2.37 9.30
CA ASN A 63 -4.21 1.17 8.68
C ASN A 63 -4.63 1.08 7.22
N PHE A 64 -4.63 2.21 6.54
CA PHE A 64 -5.00 2.26 5.13
C PHE A 64 -4.65 3.62 4.51
N THR A 65 -4.88 3.75 3.21
CA THR A 65 -4.59 4.99 2.50
C THR A 65 -5.33 5.05 1.17
N GLU A 66 -5.15 6.15 0.45
CA GLU A 66 -5.81 6.34 -0.84
C GLU A 66 -4.83 6.89 -1.88
N ILE A 67 -4.40 6.02 -2.79
CA ILE A 67 -3.46 6.42 -3.83
C ILE A 67 -4.20 6.91 -5.07
N LYS A 68 -4.24 8.23 -5.24
CA LYS A 68 -4.90 8.84 -6.39
C LYS A 68 -3.90 9.15 -7.50
N ASN A 69 -4.39 9.76 -8.57
CA ASN A 69 -3.54 10.13 -9.70
C ASN A 69 -3.00 8.87 -10.39
N LEU A 70 -3.89 7.93 -10.68
CA LEU A 70 -3.49 6.68 -11.34
C LEU A 70 -4.16 6.57 -12.71
N LEU A 71 -3.79 5.52 -13.44
CA LEU A 71 -4.35 5.29 -14.77
C LEU A 71 -5.27 4.08 -14.77
N VAL A 72 -6.56 4.32 -14.98
CA VAL A 72 -7.55 3.25 -15.01
C VAL A 72 -7.10 2.11 -15.93
N ASN A 73 -7.50 0.89 -15.58
CA ASN A 73 -7.13 -0.28 -16.37
C ASN A 73 -5.62 -0.42 -16.47
N THR A 74 -4.94 -0.18 -15.36
CA THR A 74 -3.48 -0.28 -15.32
C THR A 74 -3.02 -1.01 -14.06
N LEU A 75 -1.97 -1.81 -14.19
CA LEU A 75 -1.44 -2.56 -13.06
C LEU A 75 -0.64 -1.65 -12.12
N TYR A 76 -0.94 -1.74 -10.84
CA TYR A 76 -0.26 -0.92 -9.84
C TYR A 76 0.19 -1.76 -8.66
N THR A 77 1.47 -1.64 -8.28
CA THR A 77 2.02 -2.40 -7.17
C THR A 77 2.23 -1.50 -5.95
N VAL A 78 1.41 -1.70 -4.93
CA VAL A 78 1.51 -0.91 -3.71
C VAL A 78 2.08 -1.74 -2.56
N ARG A 79 2.70 -1.05 -1.60
CA ARG A 79 3.31 -1.72 -0.46
C ARG A 79 3.19 -0.86 0.79
N VAL A 80 3.11 -1.51 1.95
CA VAL A 80 2.99 -0.80 3.22
C VAL A 80 4.11 -1.21 4.18
N ALA A 81 4.62 -0.25 4.94
CA ALA A 81 5.68 -0.51 5.90
C ALA A 81 5.45 0.24 7.20
N ALA A 82 5.69 -0.43 8.32
CA ALA A 82 5.51 0.18 9.63
C ALA A 82 6.71 1.02 10.02
N VAL A 83 6.48 2.31 10.25
CA VAL A 83 7.55 3.23 10.63
C VAL A 83 7.71 3.28 12.15
N THR A 84 8.95 3.41 12.60
CA THR A 84 9.25 3.47 14.03
C THR A 84 10.08 4.70 14.36
N SER A 85 10.46 4.82 15.62
CA SER A 85 11.26 5.95 16.07
C SER A 85 12.58 6.03 15.30
N ARG A 86 13.07 4.87 14.88
CA ARG A 86 14.33 4.80 14.14
C ARG A 86 14.11 5.12 12.67
N GLY A 87 13.18 4.40 12.05
CA GLY A 87 12.88 4.63 10.64
C GLY A 87 11.92 3.60 10.07
N ILE A 88 11.92 3.45 8.76
CA ILE A 88 11.05 2.49 8.09
C ILE A 88 11.58 1.07 8.24
N GLY A 89 10.68 0.13 8.50
CA GLY A 89 11.08 -1.26 8.65
C GLY A 89 10.86 -2.06 7.38
N ASN A 90 10.82 -3.39 7.52
CA ASN A 90 10.62 -4.26 6.38
C ASN A 90 9.38 -3.87 5.60
N TRP A 91 9.41 -4.12 4.29
CA TRP A 91 8.28 -3.79 3.42
C TRP A 91 7.33 -4.97 3.30
N SER A 92 6.03 -4.71 3.47
CA SER A 92 5.02 -5.75 3.38
C SER A 92 5.06 -6.43 2.01
N ASP A 93 4.27 -7.49 1.86
CA ASP A 93 4.22 -8.23 0.61
C ASP A 93 3.46 -7.44 -0.46
N SER A 94 4.15 -6.49 -1.08
CA SER A 94 3.54 -5.66 -2.12
C SER A 94 2.55 -6.47 -2.94
N LYS A 95 1.39 -5.88 -3.20
CA LYS A 95 0.35 -6.53 -3.98
C LYS A 95 0.03 -5.74 -5.23
N SER A 96 -0.22 -6.45 -6.34
CA SER A 96 -0.53 -5.80 -7.61
C SER A 96 -2.05 -5.77 -7.84
N ILE A 97 -2.52 -4.70 -8.48
CA ILE A 97 -3.93 -4.55 -8.77
C ILE A 97 -4.16 -3.79 -10.07
N THR A 98 -5.12 -4.24 -10.85
CA THR A 98 -5.44 -3.62 -12.12
C THR A 98 -6.63 -2.67 -11.99
N THR A 99 -6.34 -1.38 -11.91
CA THR A 99 -7.38 -0.36 -11.77
C THR A 99 -8.49 -0.58 -12.80
N ILE A 100 -9.65 0.02 -12.54
CA ILE A 100 -10.79 -0.10 -13.45
C ILE A 100 -11.17 1.24 -14.03
N LYS A 101 -11.87 1.21 -15.16
CA LYS A 101 -12.32 2.44 -15.82
C LYS A 101 -13.80 2.67 -15.61
N GLY A 102 -14.15 3.21 -14.44
CA GLY A 102 -15.54 3.48 -14.13
C GLY A 102 -16.23 2.30 -13.47
N SER A 103 -17.55 2.36 -13.37
CA SER A 103 -18.32 1.30 -12.74
C SER A 103 -19.22 0.61 -13.76
N GLY A 104 -19.80 -0.52 -13.35
CA GLY A 104 -20.68 -1.27 -14.24
C GLY A 104 -20.20 -2.69 -14.48
N PRO A 105 -20.31 -3.52 -13.44
CA PRO A 105 -19.89 -4.93 -13.51
C PRO A 105 -20.80 -5.76 -14.41
N SER A 106 -20.36 -6.97 -14.72
CA SER A 106 -21.14 -7.87 -15.57
C SER A 106 -21.78 -7.09 -16.73
N SER A 107 -21.02 -6.20 -17.34
CA SER A 107 -21.51 -5.40 -18.45
C SER A 107 -21.04 -5.96 -19.78
N GLY A 108 -21.98 -6.45 -20.58
CA GLY A 108 -21.65 -7.01 -21.87
C GLY A 108 -22.87 -7.49 -22.63
N GLY A 1 19.23 -7.33 12.96
CA GLY A 1 19.42 -6.01 12.38
C GLY A 1 20.01 -6.07 10.98
N SER A 2 19.52 -7.01 10.17
CA SER A 2 20.00 -7.17 8.81
C SER A 2 18.84 -7.21 7.82
N SER A 3 19.10 -6.73 6.61
CA SER A 3 18.07 -6.70 5.57
C SER A 3 17.87 -8.09 4.96
N GLY A 4 16.66 -8.35 4.49
CA GLY A 4 16.36 -9.65 3.89
C GLY A 4 15.28 -10.39 4.63
N SER A 5 15.62 -10.94 5.80
CA SER A 5 14.67 -11.69 6.61
C SER A 5 13.49 -10.81 7.02
N SER A 6 12.34 -11.04 6.40
CA SER A 6 11.15 -10.27 6.69
C SER A 6 10.68 -10.53 8.11
N GLY A 7 10.53 -9.45 8.88
CA GLY A 7 10.08 -9.57 10.26
C GLY A 7 8.65 -9.11 10.45
N PRO A 8 8.14 -9.24 11.69
CA PRO A 8 6.77 -8.84 12.03
C PRO A 8 6.58 -7.33 12.00
N ASP A 9 7.69 -6.60 12.14
CA ASP A 9 7.64 -5.14 12.13
C ASP A 9 6.70 -4.63 11.04
N ALA A 10 6.81 -5.23 9.86
CA ALA A 10 5.97 -4.83 8.73
C ALA A 10 4.54 -5.34 8.90
N PRO A 11 3.58 -4.62 8.30
CA PRO A 11 2.16 -4.98 8.38
C PRO A 11 1.84 -6.25 7.60
N ARG A 12 0.57 -6.63 7.59
CA ARG A 12 0.13 -7.83 6.90
C ARG A 12 -1.27 -7.65 6.33
N ASN A 13 -1.80 -8.70 5.69
CA ASN A 13 -3.13 -8.65 5.11
C ASN A 13 -3.28 -7.45 4.19
N LEU A 14 -2.36 -7.32 3.23
CA LEU A 14 -2.39 -6.21 2.28
C LEU A 14 -3.44 -6.46 1.19
N GLN A 15 -4.56 -5.77 1.29
CA GLN A 15 -5.63 -5.91 0.31
C GLN A 15 -5.95 -4.57 -0.35
N LEU A 16 -5.61 -4.46 -1.63
CA LEU A 16 -5.86 -3.23 -2.38
C LEU A 16 -7.26 -3.24 -3.00
N SER A 17 -7.98 -2.15 -2.82
CA SER A 17 -9.32 -2.03 -3.36
C SER A 17 -9.48 -0.74 -4.17
N LEU A 18 -10.67 -0.53 -4.72
CA LEU A 18 -10.95 0.66 -5.52
C LEU A 18 -12.30 1.27 -5.14
N PRO A 19 -12.32 2.60 -5.01
CA PRO A 19 -13.54 3.34 -4.65
C PRO A 19 -14.57 3.33 -5.77
N ARG A 20 -15.80 2.96 -5.43
CA ARG A 20 -16.88 2.91 -6.41
C ARG A 20 -17.37 4.31 -6.76
N GLU A 21 -16.76 5.32 -6.14
CA GLU A 21 -17.13 6.71 -6.39
C GLU A 21 -15.91 7.52 -6.78
N ALA A 22 -14.84 6.84 -7.16
CA ALA A 22 -13.60 7.51 -7.56
C ALA A 22 -12.78 6.63 -8.50
N GLU A 23 -12.18 7.25 -9.51
CA GLU A 23 -11.37 6.51 -10.47
C GLU A 23 -9.88 6.78 -10.24
N GLY A 24 -9.04 6.08 -11.00
CA GLY A 24 -7.60 6.26 -10.87
C GLY A 24 -7.16 6.31 -9.41
N VAL A 25 -7.97 5.73 -8.54
CA VAL A 25 -7.65 5.71 -7.11
C VAL A 25 -7.65 4.28 -6.57
N ILE A 26 -6.65 3.97 -5.74
CA ILE A 26 -6.55 2.65 -5.16
C ILE A 26 -6.50 2.72 -3.64
N VAL A 27 -7.47 2.07 -2.99
CA VAL A 27 -7.55 2.06 -1.53
C VAL A 27 -6.80 0.87 -0.95
N GLY A 28 -5.58 1.11 -0.49
CA GLY A 28 -4.79 0.04 0.09
C GLY A 28 -5.06 -0.16 1.57
N HIS A 29 -5.25 -1.40 1.98
CA HIS A 29 -5.52 -1.72 3.38
C HIS A 29 -4.54 -2.77 3.90
N TRP A 30 -4.27 -2.73 5.20
CA TRP A 30 -3.35 -3.67 5.81
C TRP A 30 -3.67 -3.85 7.30
N ALA A 31 -2.87 -4.67 7.97
CA ALA A 31 -3.06 -4.92 9.40
C ALA A 31 -1.83 -4.54 10.20
N PRO A 32 -2.01 -4.38 11.52
CA PRO A 32 -0.92 -4.02 12.43
C PRO A 32 0.10 -5.14 12.59
N PRO A 33 1.38 -4.76 12.76
CA PRO A 33 2.47 -5.72 12.93
C PRO A 33 2.41 -6.43 14.27
N ILE A 34 2.84 -7.69 14.30
CA ILE A 34 2.83 -8.48 15.52
C ILE A 34 3.71 -7.83 16.59
N HIS A 35 4.84 -7.26 16.17
CA HIS A 35 5.75 -6.61 17.09
C HIS A 35 6.75 -5.73 16.33
N THR A 36 6.90 -4.49 16.79
CA THR A 36 7.82 -3.56 16.16
C THR A 36 8.85 -3.04 17.16
N HIS A 37 10.08 -2.81 16.67
CA HIS A 37 11.14 -2.31 17.52
C HIS A 37 11.00 -0.80 17.76
N GLY A 38 10.04 -0.43 18.61
CA GLY A 38 9.80 0.97 18.91
C GLY A 38 8.41 1.41 18.55
N LEU A 39 7.76 2.14 19.46
CA LEU A 39 6.41 2.63 19.24
C LEU A 39 6.20 3.00 17.77
N ILE A 40 5.17 2.43 17.16
CA ILE A 40 4.86 2.71 15.76
C ILE A 40 4.36 4.13 15.58
N ARG A 41 5.14 4.95 14.88
CA ARG A 41 4.78 6.34 14.64
C ARG A 41 3.69 6.44 13.56
N GLU A 42 3.94 5.80 12.43
CA GLU A 42 2.99 5.82 11.32
C GLU A 42 3.30 4.70 10.33
N TYR A 43 2.54 4.66 9.23
CA TYR A 43 2.72 3.63 8.22
C TYR A 43 2.85 4.27 6.83
N ILE A 44 3.93 3.92 6.13
CA ILE A 44 4.18 4.45 4.80
C ILE A 44 3.63 3.50 3.72
N VAL A 45 3.18 4.09 2.61
CA VAL A 45 2.64 3.31 1.51
C VAL A 45 3.34 3.65 0.20
N GLU A 46 4.09 2.70 -0.34
CA GLU A 46 4.81 2.89 -1.59
C GLU A 46 4.06 2.25 -2.75
N TYR A 47 3.77 3.05 -3.77
CA TYR A 47 3.05 2.56 -4.95
C TYR A 47 3.75 3.01 -6.23
N SER A 48 3.74 2.12 -7.22
CA SER A 48 4.38 2.42 -8.51
C SER A 48 3.75 1.60 -9.62
N ARG A 49 3.27 2.28 -10.65
CA ARG A 49 2.64 1.61 -11.79
C ARG A 49 3.49 0.43 -12.25
N SER A 50 2.81 -0.65 -12.65
CA SER A 50 3.50 -1.85 -13.12
C SER A 50 4.53 -1.51 -14.19
N GLY A 51 5.74 -1.17 -13.76
CA GLY A 51 6.79 -0.83 -14.71
C GLY A 51 7.25 0.61 -14.56
N SER A 52 7.94 0.89 -13.45
CA SER A 52 8.44 2.23 -13.19
C SER A 52 9.50 2.22 -12.11
N LYS A 53 10.64 2.86 -12.39
CA LYS A 53 11.75 2.91 -11.43
C LYS A 53 11.42 3.87 -10.28
N MET A 54 10.52 4.81 -10.55
CA MET A 54 10.12 5.79 -9.53
C MET A 54 8.96 5.25 -8.70
N TRP A 55 8.97 5.58 -7.40
CA TRP A 55 7.92 5.13 -6.49
C TRP A 55 7.41 6.29 -5.64
N ALA A 56 6.10 6.33 -5.42
CA ALA A 56 5.49 7.37 -4.62
C ALA A 56 5.23 6.90 -3.20
N SER A 57 5.86 7.58 -2.23
CA SER A 57 5.71 7.23 -0.83
C SER A 57 4.94 8.32 -0.08
N GLN A 58 4.03 7.91 0.79
CA GLN A 58 3.23 8.84 1.57
C GLN A 58 2.96 8.30 2.97
N ARG A 59 2.69 9.19 3.91
CA ARG A 59 2.41 8.79 5.28
C ARG A 59 0.93 8.50 5.48
N ALA A 60 0.62 7.55 6.37
CA ALA A 60 -0.76 7.18 6.64
C ALA A 60 -1.00 7.03 8.15
N ALA A 61 -2.06 7.67 8.63
CA ALA A 61 -2.40 7.62 10.05
C ALA A 61 -3.11 6.32 10.38
N SER A 62 -4.04 5.92 9.52
CA SER A 62 -4.80 4.69 9.73
C SER A 62 -4.11 3.50 9.07
N ASN A 63 -4.74 2.33 9.15
CA ASN A 63 -4.19 1.12 8.57
C ASN A 63 -4.53 1.03 7.08
N PHE A 64 -4.98 2.14 6.52
CA PHE A 64 -5.35 2.19 5.11
C PHE A 64 -5.14 3.60 4.55
N THR A 65 -5.12 3.70 3.22
CA THR A 65 -4.92 4.97 2.55
C THR A 65 -5.63 5.00 1.20
N GLU A 66 -5.47 6.10 0.48
CA GLU A 66 -6.09 6.25 -0.84
C GLU A 66 -5.10 6.81 -1.85
N ILE A 67 -4.59 5.93 -2.70
CA ILE A 67 -3.63 6.33 -3.72
C ILE A 67 -4.33 6.90 -4.95
N LYS A 68 -4.39 8.23 -5.03
CA LYS A 68 -5.03 8.90 -6.15
C LYS A 68 -4.01 9.26 -7.22
N ASN A 69 -4.49 9.84 -8.31
CA ASN A 69 -3.62 10.24 -9.41
C ASN A 69 -3.01 9.02 -10.10
N LEU A 70 -3.86 8.08 -10.48
CA LEU A 70 -3.41 6.86 -11.15
C LEU A 70 -4.08 6.69 -12.50
N LEU A 71 -3.60 5.72 -13.28
CA LEU A 71 -4.16 5.46 -14.60
C LEU A 71 -5.16 4.32 -14.55
N VAL A 72 -6.40 4.60 -14.93
CA VAL A 72 -7.46 3.60 -14.93
C VAL A 72 -7.07 2.39 -15.77
N ASN A 73 -7.67 1.25 -15.49
CA ASN A 73 -7.39 0.02 -16.23
C ASN A 73 -5.89 -0.20 -16.36
N THR A 74 -5.17 -0.01 -15.25
CA THR A 74 -3.72 -0.19 -15.25
C THR A 74 -3.26 -0.87 -13.97
N LEU A 75 -2.36 -1.84 -14.11
CA LEU A 75 -1.83 -2.58 -12.97
C LEU A 75 -0.91 -1.71 -12.13
N TYR A 76 -1.23 -1.58 -10.84
CA TYR A 76 -0.42 -0.77 -9.93
C TYR A 76 -0.02 -1.58 -8.71
N THR A 77 1.25 -1.48 -8.32
CA THR A 77 1.76 -2.19 -7.16
C THR A 77 1.71 -1.32 -5.91
N VAL A 78 1.38 -1.95 -4.79
CA VAL A 78 1.29 -1.24 -3.51
C VAL A 78 1.94 -2.04 -2.39
N ARG A 79 2.59 -1.33 -1.48
CA ARG A 79 3.26 -1.97 -0.34
C ARG A 79 3.34 -1.02 0.84
N VAL A 80 3.00 -1.54 2.02
CA VAL A 80 3.03 -0.73 3.25
C VAL A 80 4.20 -1.13 4.13
N ALA A 81 4.57 -0.25 5.04
CA ALA A 81 5.68 -0.50 5.96
C ALA A 81 5.51 0.27 7.26
N ALA A 82 5.72 -0.41 8.38
CA ALA A 82 5.59 0.21 9.69
C ALA A 82 6.84 1.00 10.05
N VAL A 83 6.66 2.26 10.43
CA VAL A 83 7.77 3.12 10.80
C VAL A 83 7.97 3.16 12.31
N THR A 84 9.22 3.27 12.73
CA THR A 84 9.55 3.30 14.16
C THR A 84 10.44 4.50 14.48
N SER A 85 10.59 4.78 15.78
CA SER A 85 11.42 5.89 16.22
C SER A 85 12.67 6.01 15.37
N ARG A 86 13.22 4.87 14.96
CA ARG A 86 14.43 4.84 14.15
C ARG A 86 14.11 5.21 12.70
N GLY A 87 13.37 4.35 12.02
CA GLY A 87 13.01 4.60 10.64
C GLY A 87 12.09 3.53 10.07
N ILE A 88 12.00 3.48 8.74
CA ILE A 88 11.16 2.50 8.08
C ILE A 88 11.76 1.10 8.18
N GLY A 89 10.92 0.12 8.53
CA GLY A 89 11.39 -1.25 8.66
C GLY A 89 11.21 -2.03 7.37
N ASN A 90 10.86 -3.30 7.50
CA ASN A 90 10.66 -4.16 6.34
C ASN A 90 9.43 -3.73 5.55
N TRP A 91 9.35 -4.17 4.30
CA TRP A 91 8.23 -3.83 3.44
C TRP A 91 7.26 -5.02 3.31
N SER A 92 5.97 -4.74 3.49
CA SER A 92 4.95 -5.77 3.41
C SER A 92 4.90 -6.37 2.00
N ASP A 93 4.65 -7.68 1.93
CA ASP A 93 4.58 -8.36 0.64
C ASP A 93 3.84 -7.52 -0.39
N SER A 94 4.59 -6.75 -1.17
CA SER A 94 4.01 -5.89 -2.19
C SER A 94 3.02 -6.67 -3.06
N LYS A 95 1.80 -6.17 -3.15
CA LYS A 95 0.76 -6.81 -3.94
C LYS A 95 0.47 -6.01 -5.21
N SER A 96 -0.34 -6.58 -6.09
CA SER A 96 -0.69 -5.92 -7.34
C SER A 96 -2.22 -5.90 -7.54
N ILE A 97 -2.71 -4.80 -8.10
CA ILE A 97 -4.14 -4.65 -8.34
C ILE A 97 -4.41 -3.83 -9.59
N THR A 98 -5.38 -4.26 -10.39
CA THR A 98 -5.73 -3.57 -11.62
C THR A 98 -6.84 -2.55 -11.38
N THR A 99 -6.64 -1.32 -11.83
CA THR A 99 -7.63 -0.27 -11.67
C THR A 99 -8.72 -0.37 -12.72
N ILE A 100 -9.71 0.51 -12.62
CA ILE A 100 -10.83 0.52 -13.57
C ILE A 100 -11.33 1.94 -13.81
N LYS A 101 -11.69 2.23 -15.06
CA LYS A 101 -12.19 3.54 -15.42
C LYS A 101 -13.70 3.63 -15.22
N GLY A 102 -14.13 3.76 -13.97
CA GLY A 102 -15.55 3.86 -13.67
C GLY A 102 -16.37 2.90 -14.50
N SER A 103 -16.35 1.62 -14.13
CA SER A 103 -17.10 0.59 -14.85
C SER A 103 -18.59 0.74 -14.59
N GLY A 104 -18.97 0.84 -13.32
CA GLY A 104 -20.36 0.98 -12.97
C GLY A 104 -20.98 -0.32 -12.49
N PRO A 105 -20.85 -0.60 -11.19
CA PRO A 105 -21.38 -1.82 -10.58
C PRO A 105 -22.91 -1.82 -10.52
N SER A 106 -23.48 -0.69 -10.12
CA SER A 106 -24.92 -0.56 -10.01
C SER A 106 -25.58 -0.69 -11.38
N SER A 107 -26.90 -0.86 -11.39
CA SER A 107 -27.64 -1.00 -12.63
C SER A 107 -28.53 0.22 -12.88
N GLY A 108 -29.26 0.63 -11.85
CA GLY A 108 -30.13 1.78 -11.97
C GLY A 108 -29.38 3.09 -11.91
N GLY A 1 23.99 -16.24 12.73
CA GLY A 1 23.47 -17.53 13.14
C GLY A 1 22.11 -17.83 12.53
N SER A 2 21.17 -16.91 12.70
CA SER A 2 19.82 -17.08 12.16
C SER A 2 19.55 -16.05 11.07
N SER A 3 19.80 -16.42 9.83
CA SER A 3 19.58 -15.53 8.70
C SER A 3 18.14 -15.00 8.70
N GLY A 4 17.87 -14.08 7.78
CA GLY A 4 16.54 -13.50 7.69
C GLY A 4 16.46 -12.11 8.30
N SER A 5 16.42 -11.10 7.44
CA SER A 5 16.35 -9.72 7.90
C SER A 5 14.94 -9.17 7.81
N SER A 6 13.96 -10.00 8.18
CA SER A 6 12.56 -9.61 8.13
C SER A 6 11.89 -9.84 9.48
N GLY A 7 10.73 -9.20 9.67
CA GLY A 7 10.01 -9.34 10.92
C GLY A 7 8.58 -8.85 10.82
N PRO A 8 7.79 -9.06 11.89
CA PRO A 8 6.39 -8.64 11.94
C PRO A 8 6.24 -7.12 12.01
N ASP A 9 7.36 -6.43 12.16
CA ASP A 9 7.36 -4.97 12.24
C ASP A 9 6.40 -4.37 11.21
N ALA A 10 6.45 -4.90 9.99
CA ALA A 10 5.59 -4.41 8.92
C ALA A 10 4.15 -4.89 9.11
N PRO A 11 3.22 -4.32 8.33
CA PRO A 11 1.80 -4.68 8.40
C PRO A 11 1.54 -6.08 7.87
N ARG A 12 0.25 -6.46 7.83
CA ARG A 12 -0.14 -7.78 7.34
C ARG A 12 -1.48 -7.71 6.63
N ASN A 13 -1.74 -8.68 5.76
CA ASN A 13 -2.99 -8.74 5.02
C ASN A 13 -3.14 -7.51 4.13
N LEU A 14 -2.16 -7.26 3.28
CA LEU A 14 -2.19 -6.12 2.38
C LEU A 14 -3.15 -6.37 1.23
N GLN A 15 -4.28 -5.65 1.23
CA GLN A 15 -5.28 -5.79 0.19
C GLN A 15 -5.56 -4.44 -0.47
N LEU A 16 -5.47 -4.40 -1.79
CA LEU A 16 -5.71 -3.18 -2.54
C LEU A 16 -7.16 -3.12 -3.03
N SER A 17 -7.87 -2.08 -2.63
CA SER A 17 -9.27 -1.91 -3.02
C SER A 17 -9.45 -0.63 -3.84
N LEU A 18 -10.64 -0.46 -4.39
CA LEU A 18 -10.95 0.73 -5.19
C LEU A 18 -12.25 1.38 -4.72
N PRO A 19 -12.23 2.71 -4.63
CA PRO A 19 -13.39 3.50 -4.20
C PRO A 19 -14.52 3.48 -5.23
N ARG A 20 -15.71 3.08 -4.80
CA ARG A 20 -16.86 3.02 -5.69
C ARG A 20 -17.33 4.42 -6.07
N GLU A 21 -16.66 5.43 -5.52
CA GLU A 21 -17.02 6.82 -5.80
C GLU A 21 -15.79 7.60 -6.26
N ALA A 22 -14.78 6.88 -6.75
CA ALA A 22 -13.57 7.52 -7.23
C ALA A 22 -12.82 6.61 -8.21
N GLU A 23 -12.21 7.20 -9.22
CA GLU A 23 -11.46 6.44 -10.21
C GLU A 23 -9.96 6.66 -10.05
N GLY A 24 -9.18 5.86 -10.78
CA GLY A 24 -7.74 5.98 -10.71
C GLY A 24 -7.24 6.07 -9.27
N VAL A 25 -7.99 5.46 -8.35
CA VAL A 25 -7.62 5.49 -6.94
C VAL A 25 -7.64 4.08 -6.35
N ILE A 26 -6.62 3.76 -5.56
CA ILE A 26 -6.52 2.45 -4.93
C ILE A 26 -6.46 2.58 -3.41
N VAL A 27 -7.52 2.15 -2.73
CA VAL A 27 -7.57 2.21 -1.28
C VAL A 27 -6.78 1.07 -0.66
N GLY A 28 -5.56 1.38 -0.22
CA GLY A 28 -4.72 0.37 0.39
C GLY A 28 -5.10 0.09 1.83
N HIS A 29 -5.30 -1.19 2.15
CA HIS A 29 -5.68 -1.58 3.51
C HIS A 29 -4.73 -2.64 4.05
N TRP A 30 -4.65 -2.76 5.36
CA TRP A 30 -3.78 -3.73 6.00
C TRP A 30 -4.06 -3.81 7.50
N ALA A 31 -3.36 -4.72 8.18
CA ALA A 31 -3.53 -4.90 9.62
C ALA A 31 -2.28 -4.45 10.38
N PRO A 32 -2.43 -4.28 11.70
CA PRO A 32 -1.33 -3.85 12.57
C PRO A 32 -0.26 -4.92 12.72
N PRO A 33 1.01 -4.49 12.84
CA PRO A 33 2.15 -5.39 12.99
C PRO A 33 2.16 -6.09 14.35
N ILE A 34 2.15 -7.42 14.34
CA ILE A 34 2.17 -8.19 15.57
C ILE A 34 3.06 -7.54 16.62
N HIS A 35 4.27 -7.18 16.21
CA HIS A 35 5.23 -6.55 17.13
C HIS A 35 6.22 -5.68 16.35
N THR A 36 6.55 -4.52 16.92
CA THR A 36 7.49 -3.61 16.28
C THR A 36 8.65 -3.27 17.22
N HIS A 37 9.82 -3.03 16.63
CA HIS A 37 11.00 -2.70 17.41
C HIS A 37 10.64 -1.84 18.62
N GLY A 38 9.91 -0.76 18.38
CA GLY A 38 9.51 0.12 19.45
C GLY A 38 8.06 0.57 19.33
N LEU A 39 7.85 1.89 19.21
CA LEU A 39 6.51 2.44 19.08
C LEU A 39 6.24 2.87 17.65
N ILE A 40 5.12 2.40 17.10
CA ILE A 40 4.74 2.74 15.73
C ILE A 40 4.28 4.19 15.63
N ARG A 41 5.02 4.99 14.86
CA ARG A 41 4.69 6.39 14.69
C ARG A 41 3.73 6.58 13.52
N GLU A 42 3.93 5.80 12.45
CA GLU A 42 3.07 5.89 11.28
C GLU A 42 3.41 4.77 10.29
N TYR A 43 2.60 4.66 9.25
CA TYR A 43 2.81 3.64 8.22
C TYR A 43 2.88 4.26 6.83
N ILE A 44 3.99 4.00 6.14
CA ILE A 44 4.19 4.53 4.80
C ILE A 44 3.64 3.58 3.75
N VAL A 45 3.29 4.13 2.59
CA VAL A 45 2.76 3.33 1.49
C VAL A 45 3.39 3.72 0.16
N GLU A 46 4.14 2.79 -0.43
CA GLU A 46 4.80 3.03 -1.70
C GLU A 46 4.07 2.34 -2.85
N TYR A 47 4.07 2.97 -4.00
CA TYR A 47 3.39 2.42 -5.18
C TYR A 47 4.05 2.91 -6.46
N SER A 48 3.96 2.10 -7.51
CA SER A 48 4.55 2.45 -8.81
C SER A 48 3.89 1.66 -9.93
N ARG A 49 3.43 2.37 -10.96
CA ARG A 49 2.79 1.73 -12.10
C ARG A 49 3.67 0.64 -12.69
N SER A 50 3.09 -0.53 -12.90
CA SER A 50 3.83 -1.66 -13.45
C SER A 50 4.78 -1.20 -14.55
N GLY A 51 6.03 -0.96 -14.16
CA GLY A 51 7.03 -0.52 -15.13
C GLY A 51 7.48 0.91 -14.88
N SER A 52 8.15 1.13 -13.75
CA SER A 52 8.62 2.45 -13.39
C SER A 52 9.68 2.38 -12.29
N LYS A 53 10.71 3.20 -12.41
CA LYS A 53 11.79 3.23 -11.42
C LYS A 53 11.45 4.17 -10.28
N MET A 54 10.70 5.23 -10.59
CA MET A 54 10.30 6.20 -9.58
C MET A 54 9.02 5.76 -8.88
N TRP A 55 9.09 5.65 -7.55
CA TRP A 55 7.93 5.24 -6.76
C TRP A 55 7.44 6.38 -5.88
N ALA A 56 6.15 6.39 -5.58
CA ALA A 56 5.56 7.42 -4.75
C ALA A 56 5.27 6.89 -3.34
N SER A 57 5.81 7.57 -2.33
CA SER A 57 5.60 7.17 -0.95
C SER A 57 4.85 8.24 -0.18
N GLN A 58 4.00 7.81 0.75
CA GLN A 58 3.22 8.74 1.56
C GLN A 58 2.93 8.15 2.94
N ARG A 59 2.80 9.02 3.93
CA ARG A 59 2.52 8.58 5.29
C ARG A 59 1.03 8.34 5.50
N ALA A 60 0.71 7.37 6.34
CA ALA A 60 -0.68 7.03 6.63
C ALA A 60 -0.93 6.95 8.13
N ALA A 61 -1.98 7.66 8.59
CA ALA A 61 -2.32 7.68 10.00
C ALA A 61 -2.91 6.34 10.43
N SER A 62 -3.94 5.89 9.72
CA SER A 62 -4.60 4.62 10.03
C SER A 62 -3.94 3.47 9.28
N ASN A 63 -4.49 2.27 9.46
CA ASN A 63 -3.96 1.09 8.80
C ASN A 63 -4.49 0.98 7.38
N PHE A 64 -4.45 2.08 6.64
CA PHE A 64 -4.92 2.11 5.26
C PHE A 64 -4.54 3.41 4.59
N THR A 65 -4.91 3.55 3.32
CA THR A 65 -4.60 4.75 2.55
C THR A 65 -5.34 4.76 1.22
N GLU A 66 -5.26 5.87 0.50
CA GLU A 66 -5.91 6.01 -0.79
C GLU A 66 -4.95 6.55 -1.85
N ILE A 67 -4.40 5.65 -2.65
CA ILE A 67 -3.46 6.04 -3.70
C ILE A 67 -4.20 6.56 -4.93
N LYS A 68 -4.22 7.88 -5.08
CA LYS A 68 -4.88 8.51 -6.21
C LYS A 68 -3.88 8.84 -7.31
N ASN A 69 -4.37 9.44 -8.39
CA ASN A 69 -3.52 9.82 -9.51
C ASN A 69 -3.03 8.58 -10.26
N LEU A 70 -3.94 7.65 -10.52
CA LEU A 70 -3.61 6.42 -11.23
C LEU A 70 -4.37 6.32 -12.54
N LEU A 71 -3.92 5.42 -13.42
CA LEU A 71 -4.57 5.23 -14.71
C LEU A 71 -5.47 4.00 -14.68
N VAL A 72 -6.73 4.18 -15.05
CA VAL A 72 -7.69 3.10 -15.08
C VAL A 72 -7.19 1.93 -15.91
N ASN A 73 -7.70 0.73 -15.63
CA ASN A 73 -7.30 -0.47 -16.36
C ASN A 73 -5.78 -0.55 -16.47
N THR A 74 -5.11 -0.29 -15.36
CA THR A 74 -3.65 -0.34 -15.33
C THR A 74 -3.14 -1.02 -14.05
N LEU A 75 -2.24 -1.97 -14.22
CA LEU A 75 -1.68 -2.70 -13.08
C LEU A 75 -0.77 -1.80 -12.25
N TYR A 76 -1.13 -1.62 -10.99
CA TYR A 76 -0.35 -0.78 -10.08
C TYR A 76 0.08 -1.57 -8.84
N THR A 77 1.36 -1.51 -8.53
CA THR A 77 1.91 -2.21 -7.38
C THR A 77 1.97 -1.30 -6.15
N VAL A 78 1.74 -1.87 -4.98
CA VAL A 78 1.78 -1.11 -3.73
C VAL A 78 2.44 -1.90 -2.62
N ARG A 79 2.91 -1.20 -1.60
CA ARG A 79 3.57 -1.85 -0.46
C ARG A 79 3.59 -0.92 0.75
N VAL A 80 3.21 -1.47 1.90
CA VAL A 80 3.18 -0.69 3.14
C VAL A 80 4.33 -1.08 4.05
N ALA A 81 4.76 -0.13 4.89
CA ALA A 81 5.85 -0.37 5.82
C ALA A 81 5.64 0.40 7.13
N ALA A 82 5.81 -0.30 8.24
CA ALA A 82 5.63 0.31 9.55
C ALA A 82 6.87 1.10 9.95
N VAL A 83 6.67 2.36 10.34
CA VAL A 83 7.76 3.23 10.75
C VAL A 83 7.96 3.21 12.26
N THR A 84 9.21 3.24 12.69
CA THR A 84 9.53 3.22 14.12
C THR A 84 10.45 4.37 14.49
N SER A 85 10.62 4.59 15.79
CA SER A 85 11.47 5.67 16.27
C SER A 85 12.68 5.86 15.36
N ARG A 86 13.30 4.75 14.96
CA ARG A 86 14.47 4.80 14.10
C ARG A 86 14.08 5.23 12.68
N GLY A 87 13.22 4.44 12.04
CA GLY A 87 12.79 4.76 10.69
C GLY A 87 11.94 3.66 10.08
N ILE A 88 11.84 3.66 8.76
CA ILE A 88 11.06 2.66 8.05
C ILE A 88 11.69 1.27 8.18
N GLY A 89 10.86 0.27 8.39
CA GLY A 89 11.35 -1.09 8.53
C GLY A 89 11.23 -1.89 7.24
N ASN A 90 10.76 -3.12 7.36
CA ASN A 90 10.60 -3.98 6.19
C ASN A 90 9.34 -3.61 5.40
N TRP A 91 9.32 -3.97 4.12
CA TRP A 91 8.18 -3.68 3.27
C TRP A 91 7.24 -4.88 3.17
N SER A 92 5.94 -4.62 3.28
CA SER A 92 4.94 -5.68 3.20
C SER A 92 4.88 -6.27 1.80
N ASP A 93 4.75 -7.58 1.72
CA ASP A 93 4.66 -8.27 0.44
C ASP A 93 3.89 -7.44 -0.58
N SER A 94 4.62 -6.70 -1.42
CA SER A 94 4.00 -5.86 -2.43
C SER A 94 2.76 -6.53 -3.03
N LYS A 95 1.76 -5.73 -3.36
CA LYS A 95 0.53 -6.25 -3.95
C LYS A 95 0.26 -5.62 -5.32
N SER A 96 -0.54 -6.31 -6.12
CA SER A 96 -0.87 -5.82 -7.46
C SER A 96 -2.38 -5.82 -7.67
N ILE A 97 -2.86 -4.83 -8.43
CA ILE A 97 -4.28 -4.70 -8.71
C ILE A 97 -4.52 -3.92 -9.99
N THR A 98 -5.44 -4.41 -10.82
CA THR A 98 -5.76 -3.74 -12.07
C THR A 98 -6.93 -2.79 -11.91
N THR A 99 -6.64 -1.50 -11.88
CA THR A 99 -7.67 -0.47 -11.73
C THR A 99 -8.81 -0.69 -12.72
N ILE A 100 -10.01 -0.25 -12.35
CA ILE A 100 -11.18 -0.40 -13.22
C ILE A 100 -11.62 0.96 -13.76
N LYS A 101 -12.15 0.96 -14.98
CA LYS A 101 -12.62 2.17 -15.61
C LYS A 101 -14.15 2.21 -15.66
N GLY A 102 -14.75 2.67 -14.56
CA GLY A 102 -16.20 2.75 -14.49
C GLY A 102 -16.74 2.37 -13.13
N SER A 103 -18.02 2.63 -12.90
CA SER A 103 -18.66 2.32 -11.63
C SER A 103 -19.88 1.43 -11.84
N GLY A 104 -20.51 1.03 -10.74
CA GLY A 104 -21.69 0.19 -10.82
C GLY A 104 -22.27 -0.12 -9.46
N PRO A 105 -23.49 -0.70 -9.45
CA PRO A 105 -24.19 -1.06 -8.21
C PRO A 105 -23.52 -2.21 -7.49
N SER A 106 -22.69 -1.90 -6.49
CA SER A 106 -21.99 -2.92 -5.72
C SER A 106 -21.17 -3.82 -6.64
N SER A 107 -20.41 -3.21 -7.54
CA SER A 107 -19.58 -3.95 -8.48
C SER A 107 -18.24 -4.31 -7.85
N GLY A 108 -18.18 -4.23 -6.51
CA GLY A 108 -16.94 -4.54 -5.81
C GLY A 108 -16.19 -3.29 -5.37
N GLY A 1 27.52 -11.89 7.54
CA GLY A 1 26.68 -12.61 6.60
C GLY A 1 25.29 -12.04 6.49
N SER A 2 24.84 -11.79 5.26
CA SER A 2 23.51 -11.23 5.03
C SER A 2 22.47 -12.34 4.91
N SER A 3 21.23 -12.01 5.26
CA SER A 3 20.13 -12.98 5.21
C SER A 3 18.82 -12.28 4.90
N GLY A 4 17.97 -12.94 4.11
CA GLY A 4 16.68 -12.37 3.76
C GLY A 4 15.60 -12.72 4.75
N SER A 5 15.90 -12.54 6.04
CA SER A 5 14.93 -12.85 7.09
C SER A 5 14.17 -11.60 7.52
N SER A 6 12.87 -11.61 7.29
CA SER A 6 12.02 -10.47 7.65
C SER A 6 11.28 -10.74 8.96
N GLY A 7 10.83 -9.67 9.60
CA GLY A 7 10.11 -9.80 10.86
C GLY A 7 8.71 -9.23 10.79
N PRO A 8 7.94 -9.42 11.87
CA PRO A 8 6.56 -8.92 11.95
C PRO A 8 6.49 -7.39 12.04
N ASP A 9 7.66 -6.76 12.09
CA ASP A 9 7.74 -5.30 12.17
C ASP A 9 6.80 -4.66 11.15
N ALA A 10 6.78 -5.22 9.95
CA ALA A 10 5.93 -4.69 8.87
C ALA A 10 4.51 -5.18 9.02
N PRO A 11 3.56 -4.49 8.35
CA PRO A 11 2.15 -4.84 8.39
C PRO A 11 1.85 -6.14 7.64
N ARG A 12 0.60 -6.59 7.71
CA ARG A 12 0.20 -7.82 7.05
C ARG A 12 -1.24 -7.72 6.57
N ASN A 13 -1.65 -8.67 5.72
CA ASN A 13 -3.01 -8.69 5.18
C ASN A 13 -3.23 -7.53 4.22
N LEU A 14 -2.28 -7.34 3.31
CA LEU A 14 -2.37 -6.26 2.33
C LEU A 14 -3.49 -6.53 1.33
N GLN A 15 -4.51 -5.67 1.35
CA GLN A 15 -5.64 -5.81 0.43
C GLN A 15 -6.00 -4.48 -0.20
N LEU A 16 -5.75 -4.37 -1.51
CA LEU A 16 -6.05 -3.14 -2.23
C LEU A 16 -7.43 -3.20 -2.85
N SER A 17 -8.10 -2.05 -2.92
CA SER A 17 -9.44 -1.98 -3.48
C SER A 17 -9.59 -0.74 -4.36
N LEU A 18 -10.73 -0.63 -5.04
CA LEU A 18 -10.99 0.51 -5.91
C LEU A 18 -12.26 1.24 -5.48
N PRO A 19 -12.13 2.57 -5.30
CA PRO A 19 -13.25 3.42 -4.89
C PRO A 19 -14.30 3.57 -5.98
N ARG A 20 -15.56 3.32 -5.62
CA ARG A 20 -16.66 3.43 -6.57
C ARG A 20 -17.11 4.88 -6.74
N GLU A 21 -16.43 5.78 -6.03
CA GLU A 21 -16.75 7.20 -6.10
C GLU A 21 -15.53 8.02 -6.51
N ALA A 22 -14.45 7.32 -6.84
CA ALA A 22 -13.22 7.98 -7.25
C ALA A 22 -12.53 7.20 -8.37
N GLU A 23 -12.12 7.92 -9.42
CA GLU A 23 -11.44 7.29 -10.55
C GLU A 23 -9.93 7.40 -10.41
N GLY A 24 -9.21 6.42 -10.95
CA GLY A 24 -7.76 6.43 -10.88
C GLY A 24 -7.25 6.44 -9.46
N VAL A 25 -8.01 5.82 -8.56
CA VAL A 25 -7.62 5.77 -7.15
C VAL A 25 -7.57 4.33 -6.65
N ILE A 26 -6.66 4.05 -5.75
CA ILE A 26 -6.50 2.71 -5.18
C ILE A 26 -6.44 2.75 -3.66
N VAL A 27 -7.40 2.10 -3.02
CA VAL A 27 -7.45 2.06 -1.56
C VAL A 27 -6.71 0.84 -1.02
N GLY A 28 -5.51 1.06 -0.49
CA GLY A 28 -4.73 -0.03 0.06
C GLY A 28 -4.96 -0.23 1.54
N HIS A 29 -5.16 -1.47 1.95
CA HIS A 29 -5.39 -1.80 3.35
C HIS A 29 -4.33 -2.75 3.88
N TRP A 30 -4.29 -2.92 5.19
CA TRP A 30 -3.33 -3.80 5.83
C TRP A 30 -3.62 -3.97 7.31
N ALA A 31 -2.75 -4.70 8.01
CA ALA A 31 -2.93 -4.93 9.44
C ALA A 31 -1.67 -4.51 10.21
N PRO A 32 -1.84 -4.28 11.52
CA PRO A 32 -0.73 -3.87 12.40
C PRO A 32 0.27 -5.00 12.62
N PRO A 33 1.55 -4.62 12.79
CA PRO A 33 2.63 -5.58 13.01
C PRO A 33 2.54 -6.24 14.38
N ILE A 34 2.79 -7.55 14.42
CA ILE A 34 2.73 -8.30 15.67
C ILE A 34 3.64 -7.67 16.72
N HIS A 35 4.88 -7.40 16.35
CA HIS A 35 5.85 -6.80 17.26
C HIS A 35 6.90 -6.00 16.49
N THR A 36 7.03 -4.73 16.82
CA THR A 36 8.00 -3.85 16.16
C THR A 36 9.16 -3.53 17.08
N HIS A 37 10.17 -2.85 16.54
CA HIS A 37 11.35 -2.48 17.32
C HIS A 37 11.20 -1.08 17.90
N GLY A 38 10.01 -0.78 18.41
CA GLY A 38 9.75 0.53 18.98
C GLY A 38 8.38 1.06 18.62
N LEU A 39 7.84 1.91 19.48
CA LEU A 39 6.52 2.50 19.25
C LEU A 39 6.35 2.90 17.78
N ILE A 40 5.24 2.47 17.18
CA ILE A 40 4.96 2.79 15.79
C ILE A 40 4.38 4.20 15.66
N ARG A 41 5.06 5.04 14.87
CA ARG A 41 4.60 6.41 14.65
C ARG A 41 3.51 6.46 13.60
N GLU A 42 3.73 5.77 12.49
CA GLU A 42 2.75 5.73 11.40
C GLU A 42 3.09 4.62 10.41
N TYR A 43 2.27 4.50 9.37
CA TYR A 43 2.47 3.48 8.35
C TYR A 43 2.58 4.12 6.96
N ILE A 44 3.69 3.87 6.29
CA ILE A 44 3.91 4.41 4.95
C ILE A 44 3.39 3.47 3.89
N VAL A 45 2.93 4.03 2.77
CA VAL A 45 2.41 3.25 1.67
C VAL A 45 3.06 3.63 0.34
N GLU A 46 3.85 2.71 -0.21
CA GLU A 46 4.53 2.97 -1.47
C GLU A 46 3.80 2.29 -2.63
N TYR A 47 3.84 2.92 -3.80
CA TYR A 47 3.18 2.39 -4.99
C TYR A 47 3.91 2.81 -6.26
N SER A 48 3.79 2.00 -7.30
CA SER A 48 4.44 2.30 -8.57
C SER A 48 3.78 1.51 -9.71
N ARG A 49 3.56 2.19 -10.83
CA ARG A 49 2.93 1.56 -11.99
C ARG A 49 3.82 0.45 -12.54
N SER A 50 3.24 -0.74 -12.69
CA SER A 50 3.97 -1.90 -13.20
C SER A 50 4.90 -1.48 -14.33
N GLY A 51 6.17 -1.27 -14.01
CA GLY A 51 7.14 -0.87 -15.01
C GLY A 51 7.62 0.56 -14.83
N SER A 52 8.41 0.78 -13.79
CA SER A 52 8.94 2.11 -13.49
C SER A 52 10.00 2.06 -12.41
N LYS A 53 10.98 2.97 -12.50
CA LYS A 53 12.05 3.02 -11.52
C LYS A 53 11.78 4.08 -10.46
N MET A 54 10.55 4.57 -10.43
CA MET A 54 10.15 5.60 -9.47
C MET A 54 8.96 5.12 -8.64
N TRP A 55 8.96 5.49 -7.36
CA TRP A 55 7.88 5.11 -6.45
C TRP A 55 7.40 6.31 -5.65
N ALA A 56 6.12 6.29 -5.28
CA ALA A 56 5.54 7.38 -4.49
C ALA A 56 5.08 6.89 -3.13
N SER A 57 5.65 7.45 -2.08
CA SER A 57 5.30 7.06 -0.71
C SER A 57 4.50 8.16 -0.03
N GLN A 58 3.66 7.76 0.93
CA GLN A 58 2.83 8.71 1.67
C GLN A 58 2.55 8.21 3.08
N ARG A 59 2.27 9.14 3.98
CA ARG A 59 1.99 8.81 5.37
C ARG A 59 0.51 8.47 5.56
N ALA A 60 0.23 7.46 6.37
CA ALA A 60 -1.13 7.04 6.65
C ALA A 60 -1.41 7.01 8.14
N ALA A 61 -2.46 7.72 8.56
CA ALA A 61 -2.84 7.76 9.96
C ALA A 61 -3.40 6.43 10.43
N SER A 62 -4.28 5.83 9.61
CA SER A 62 -4.89 4.56 9.94
C SER A 62 -4.20 3.42 9.20
N ASN A 63 -4.73 2.21 9.35
CA ASN A 63 -4.16 1.03 8.70
C ASN A 63 -4.61 0.94 7.24
N PHE A 64 -4.62 2.09 6.57
CA PHE A 64 -5.03 2.14 5.16
C PHE A 64 -4.66 3.48 4.54
N THR A 65 -4.99 3.64 3.26
CA THR A 65 -4.69 4.87 2.54
C THR A 65 -5.44 4.93 1.22
N GLU A 66 -5.35 6.08 0.55
CA GLU A 66 -6.03 6.25 -0.73
C GLU A 66 -5.06 6.83 -1.77
N ILE A 67 -4.52 5.97 -2.62
CA ILE A 67 -3.59 6.38 -3.66
C ILE A 67 -4.33 6.90 -4.89
N LYS A 68 -4.37 8.22 -5.03
CA LYS A 68 -5.04 8.84 -6.17
C LYS A 68 -4.05 9.18 -7.27
N ASN A 69 -4.54 9.81 -8.34
CA ASN A 69 -3.69 10.20 -9.45
C ASN A 69 -3.13 8.98 -10.16
N LEU A 70 -4.00 8.03 -10.49
CA LEU A 70 -3.60 6.81 -11.16
C LEU A 70 -4.31 6.66 -12.51
N LEU A 71 -3.90 5.67 -13.29
CA LEU A 71 -4.50 5.42 -14.59
C LEU A 71 -5.46 4.23 -14.53
N VAL A 72 -6.74 4.51 -14.74
CA VAL A 72 -7.77 3.47 -14.71
C VAL A 72 -7.38 2.30 -15.61
N ASN A 73 -7.73 1.08 -15.18
CA ASN A 73 -7.41 -0.12 -15.94
C ASN A 73 -5.91 -0.30 -16.07
N THR A 74 -5.19 -0.05 -14.98
CA THR A 74 -3.73 -0.19 -14.98
C THR A 74 -3.26 -0.90 -13.72
N LEU A 75 -2.36 -1.86 -13.90
CA LEU A 75 -1.82 -2.62 -12.77
C LEU A 75 -0.91 -1.74 -11.92
N TYR A 76 -1.20 -1.70 -10.61
CA TYR A 76 -0.42 -0.90 -9.69
C TYR A 76 0.04 -1.75 -8.49
N THR A 77 1.34 -1.72 -8.22
CA THR A 77 1.91 -2.48 -7.11
C THR A 77 1.98 -1.64 -5.85
N VAL A 78 1.22 -2.03 -4.83
CA VAL A 78 1.22 -1.30 -3.56
C VAL A 78 1.94 -2.09 -2.48
N ARG A 79 2.44 -1.37 -1.48
CA ARG A 79 3.15 -2.00 -0.36
C ARG A 79 3.16 -1.09 0.86
N VAL A 80 2.93 -1.67 2.03
CA VAL A 80 2.93 -0.92 3.28
C VAL A 80 4.12 -1.29 4.15
N ALA A 81 4.67 -0.29 4.83
CA ALA A 81 5.82 -0.50 5.70
C ALA A 81 5.62 0.19 7.05
N ALA A 82 5.97 -0.50 8.13
CA ALA A 82 5.83 0.04 9.47
C ALA A 82 6.99 1.00 9.79
N VAL A 83 6.65 2.18 10.29
CA VAL A 83 7.66 3.17 10.65
C VAL A 83 7.85 3.25 12.16
N THR A 84 9.10 3.31 12.58
CA THR A 84 9.41 3.39 14.01
C THR A 84 10.30 4.59 14.31
N SER A 85 10.49 4.88 15.60
CA SER A 85 11.32 6.00 16.01
C SER A 85 12.54 6.15 15.12
N ARG A 86 13.18 5.02 14.81
CA ARG A 86 14.36 5.02 13.96
C ARG A 86 14.01 5.43 12.53
N GLY A 87 13.11 4.67 11.91
CA GLY A 87 12.70 4.97 10.55
C GLY A 87 11.89 3.85 9.93
N ILE A 88 11.78 3.86 8.61
CA ILE A 88 11.02 2.84 7.89
C ILE A 88 11.70 1.49 8.01
N GLY A 89 10.91 0.44 8.22
CA GLY A 89 11.44 -0.90 8.33
C GLY A 89 11.25 -1.71 7.06
N ASN A 90 11.01 -3.01 7.23
CA ASN A 90 10.82 -3.90 6.09
C ASN A 90 9.50 -3.59 5.38
N TRP A 91 9.44 -3.90 4.10
CA TRP A 91 8.23 -3.67 3.31
C TRP A 91 7.34 -4.90 3.28
N SER A 92 6.04 -4.70 3.43
CA SER A 92 5.08 -5.79 3.43
C SER A 92 4.99 -6.42 2.05
N ASP A 93 4.54 -7.67 2.00
CA ASP A 93 4.39 -8.39 0.74
C ASP A 93 3.66 -7.53 -0.29
N SER A 94 4.42 -6.88 -1.15
CA SER A 94 3.84 -6.03 -2.19
C SER A 94 2.90 -6.82 -3.09
N LYS A 95 1.68 -6.32 -3.24
CA LYS A 95 0.67 -6.99 -4.07
C LYS A 95 0.46 -6.22 -5.37
N SER A 96 -0.36 -6.79 -6.25
CA SER A 96 -0.64 -6.16 -7.55
C SER A 96 -2.14 -6.18 -7.83
N ILE A 97 -2.68 -5.01 -8.18
CA ILE A 97 -4.10 -4.89 -8.48
C ILE A 97 -4.33 -4.05 -9.73
N THR A 98 -5.39 -4.37 -10.47
CA THR A 98 -5.71 -3.63 -11.69
C THR A 98 -6.86 -2.66 -11.45
N THR A 99 -6.56 -1.37 -11.52
CA THR A 99 -7.58 -0.34 -11.31
C THR A 99 -8.76 -0.53 -12.27
N ILE A 100 -9.79 0.28 -12.08
CA ILE A 100 -10.98 0.21 -12.92
C ILE A 100 -11.39 1.59 -13.41
N LYS A 101 -12.16 1.62 -14.50
CA LYS A 101 -12.62 2.88 -15.06
C LYS A 101 -14.02 3.21 -14.58
N GLY A 102 -14.11 3.82 -13.39
CA GLY A 102 -15.39 4.18 -12.84
C GLY A 102 -16.33 3.00 -12.71
N SER A 103 -17.56 3.18 -13.16
CA SER A 103 -18.56 2.11 -13.10
C SER A 103 -18.98 1.68 -14.51
N GLY A 104 -18.23 0.75 -15.09
CA GLY A 104 -18.54 0.27 -16.42
C GLY A 104 -18.98 -1.18 -16.42
N PRO A 105 -20.24 -1.42 -16.06
CA PRO A 105 -20.81 -2.78 -16.03
C PRO A 105 -20.98 -3.39 -17.41
N SER A 106 -21.17 -2.52 -18.41
CA SER A 106 -21.35 -2.97 -19.78
C SER A 106 -20.44 -2.19 -20.73
N SER A 107 -19.20 -1.99 -20.31
CA SER A 107 -18.23 -1.26 -21.13
C SER A 107 -17.97 -1.98 -22.45
N GLY A 108 -17.18 -1.35 -23.31
CA GLY A 108 -16.88 -1.94 -24.60
C GLY A 108 -17.80 -1.47 -25.70
N GLY A 1 25.61 -11.25 17.90
CA GLY A 1 24.59 -10.88 18.88
C GLY A 1 23.57 -9.92 18.30
N SER A 2 22.40 -10.45 17.93
CA SER A 2 21.34 -9.64 17.37
C SER A 2 21.88 -8.74 16.25
N SER A 3 22.76 -9.29 15.43
CA SER A 3 23.36 -8.54 14.33
C SER A 3 22.32 -8.20 13.28
N GLY A 4 21.93 -6.92 13.21
CA GLY A 4 20.94 -6.49 12.25
C GLY A 4 19.62 -6.13 12.89
N SER A 5 18.62 -6.98 12.69
CA SER A 5 17.29 -6.74 13.26
C SER A 5 16.41 -7.97 13.12
N SER A 6 15.69 -8.30 14.20
CA SER A 6 14.81 -9.46 14.19
C SER A 6 13.41 -9.09 14.66
N GLY A 7 12.41 -9.48 13.87
CA GLY A 7 11.03 -9.16 14.21
C GLY A 7 10.19 -8.86 12.99
N PRO A 8 8.86 -8.75 13.19
CA PRO A 8 7.91 -8.46 12.12
C PRO A 8 8.05 -7.04 11.59
N ASP A 9 7.98 -6.07 12.51
CA ASP A 9 8.09 -4.66 12.14
C ASP A 9 7.50 -4.40 10.76
N ALA A 10 6.44 -5.14 10.43
CA ALA A 10 5.77 -5.00 9.15
C ALA A 10 4.33 -5.47 9.22
N PRO A 11 3.44 -4.73 8.54
CA PRO A 11 2.00 -5.06 8.52
C PRO A 11 1.71 -6.32 7.72
N ARG A 12 0.44 -6.74 7.74
CA ARG A 12 0.04 -7.94 7.02
C ARG A 12 -1.37 -7.79 6.46
N ASN A 13 -1.80 -8.76 5.67
CA ASN A 13 -3.13 -8.73 5.07
C ASN A 13 -3.28 -7.53 4.14
N LEU A 14 -2.37 -7.42 3.17
CA LEU A 14 -2.39 -6.32 2.21
C LEU A 14 -3.46 -6.56 1.14
N GLN A 15 -4.55 -5.78 1.22
CA GLN A 15 -5.63 -5.90 0.27
C GLN A 15 -5.93 -4.56 -0.40
N LEU A 16 -5.61 -4.47 -1.69
CA LEU A 16 -5.85 -3.23 -2.44
C LEU A 16 -7.25 -3.22 -3.04
N SER A 17 -7.95 -2.11 -2.86
CA SER A 17 -9.31 -1.97 -3.39
C SER A 17 -9.46 -0.67 -4.16
N LEU A 18 -10.65 -0.43 -4.69
CA LEU A 18 -10.93 0.78 -5.45
C LEU A 18 -12.26 1.40 -5.02
N PRO A 19 -12.27 2.74 -4.89
CA PRO A 19 -13.47 3.48 -4.49
C PRO A 19 -14.54 3.48 -5.57
N ARG A 20 -15.76 3.12 -5.19
CA ARG A 20 -16.87 3.07 -6.13
C ARG A 20 -17.36 4.48 -6.47
N GLU A 21 -16.73 5.48 -5.86
CA GLU A 21 -17.10 6.87 -6.09
C GLU A 21 -15.86 7.70 -6.47
N ALA A 22 -14.80 7.02 -6.89
CA ALA A 22 -13.57 7.70 -7.27
C ALA A 22 -12.83 6.91 -8.35
N GLU A 23 -12.24 7.63 -9.30
CA GLU A 23 -11.51 7.00 -10.38
C GLU A 23 -10.00 7.16 -10.19
N GLY A 24 -9.22 6.35 -10.92
CA GLY A 24 -7.78 6.43 -10.81
C GLY A 24 -7.31 6.48 -9.37
N VAL A 25 -8.05 5.83 -8.48
CA VAL A 25 -7.70 5.80 -7.07
C VAL A 25 -7.67 4.38 -6.53
N ILE A 26 -6.63 4.06 -5.78
CA ILE A 26 -6.49 2.73 -5.20
C ILE A 26 -6.39 2.80 -3.68
N VAL A 27 -7.32 2.14 -3.00
CA VAL A 27 -7.33 2.12 -1.54
C VAL A 27 -6.63 0.89 -1.00
N GLY A 28 -5.40 1.06 -0.51
CA GLY A 28 -4.65 -0.05 0.03
C GLY A 28 -4.90 -0.26 1.50
N HIS A 29 -5.27 -1.49 1.86
CA HIS A 29 -5.54 -1.82 3.26
C HIS A 29 -4.55 -2.85 3.78
N TRP A 30 -4.35 -2.87 5.09
CA TRP A 30 -3.43 -3.81 5.72
C TRP A 30 -3.69 -3.93 7.22
N ALA A 31 -2.84 -4.68 7.90
CA ALA A 31 -2.98 -4.87 9.34
C ALA A 31 -1.70 -4.43 10.08
N PRO A 32 -1.80 -4.34 11.41
CA PRO A 32 -0.67 -3.94 12.24
C PRO A 32 0.42 -5.00 12.31
N PRO A 33 1.67 -4.56 12.50
CA PRO A 33 2.83 -5.46 12.58
C PRO A 33 2.82 -6.30 13.84
N ILE A 34 2.83 -7.62 13.68
CA ILE A 34 2.83 -8.53 14.81
C ILE A 34 3.60 -7.96 15.99
N HIS A 35 4.65 -7.21 15.68
CA HIS A 35 5.48 -6.59 16.71
C HIS A 35 6.29 -5.42 16.14
N THR A 36 6.87 -4.62 17.02
CA THR A 36 7.67 -3.48 16.62
C THR A 36 8.68 -3.09 17.68
N HIS A 37 9.94 -2.99 17.28
CA HIS A 37 11.01 -2.62 18.21
C HIS A 37 10.69 -1.33 18.94
N GLY A 38 10.25 -0.33 18.19
CA GLY A 38 9.90 0.95 18.79
C GLY A 38 8.46 1.33 18.55
N LEU A 39 8.00 2.39 19.22
CA LEU A 39 6.63 2.85 19.08
C LEU A 39 6.33 3.24 17.64
N ILE A 40 5.23 2.72 17.10
CA ILE A 40 4.84 3.01 15.73
C ILE A 40 4.31 4.43 15.61
N ARG A 41 4.97 5.23 14.77
CA ARG A 41 4.56 6.62 14.56
C ARG A 41 3.57 6.73 13.40
N GLU A 42 3.75 5.89 12.39
CA GLU A 42 2.88 5.89 11.22
C GLU A 42 3.24 4.75 10.27
N TYR A 43 2.49 4.66 9.18
CA TYR A 43 2.73 3.60 8.19
C TYR A 43 2.89 4.19 6.80
N ILE A 44 4.00 3.84 6.14
CA ILE A 44 4.29 4.34 4.80
C ILE A 44 3.72 3.40 3.73
N VAL A 45 3.27 3.98 2.63
CA VAL A 45 2.70 3.19 1.54
C VAL A 45 3.37 3.55 0.21
N GLU A 46 4.26 2.68 -0.25
CA GLU A 46 4.96 2.90 -1.52
C GLU A 46 4.24 2.21 -2.67
N TYR A 47 3.93 2.97 -3.71
CA TYR A 47 3.25 2.43 -4.87
C TYR A 47 3.94 2.86 -6.17
N SER A 48 3.79 2.04 -7.21
CA SER A 48 4.42 2.34 -8.49
C SER A 48 3.71 1.58 -9.62
N ARG A 49 3.51 2.25 -10.75
CA ARG A 49 2.85 1.64 -11.89
C ARG A 49 3.65 0.46 -12.43
N SER A 50 2.99 -0.67 -12.60
CA SER A 50 3.64 -1.87 -13.10
C SER A 50 4.68 -1.53 -14.18
N GLY A 51 5.95 -1.61 -13.80
CA GLY A 51 7.01 -1.29 -14.73
C GLY A 51 7.38 0.18 -14.74
N SER A 52 8.10 0.60 -13.70
CA SER A 52 8.51 2.00 -13.59
C SER A 52 9.46 2.19 -12.42
N LYS A 53 10.49 3.02 -12.63
CA LYS A 53 11.47 3.29 -11.59
C LYS A 53 11.06 4.48 -10.74
N MET A 54 9.76 4.67 -10.58
CA MET A 54 9.23 5.78 -9.80
C MET A 54 8.22 5.28 -8.77
N TRP A 55 8.60 5.34 -7.50
CA TRP A 55 7.73 4.89 -6.41
C TRP A 55 7.40 6.04 -5.47
N ALA A 56 6.11 6.30 -5.28
CA ALA A 56 5.66 7.38 -4.41
C ALA A 56 5.36 6.85 -3.01
N SER A 57 5.99 7.45 -2.01
CA SER A 57 5.79 7.04 -0.62
C SER A 57 5.03 8.11 0.16
N GLN A 58 4.02 7.67 0.92
CA GLN A 58 3.22 8.60 1.71
C GLN A 58 2.89 7.99 3.07
N ARG A 59 2.80 8.85 4.09
CA ARG A 59 2.50 8.40 5.44
C ARG A 59 1.00 8.23 5.63
N ALA A 60 0.61 7.17 6.34
CA ALA A 60 -0.80 6.90 6.59
C ALA A 60 -1.05 6.70 8.08
N ALA A 61 -2.01 7.45 8.61
CA ALA A 61 -2.37 7.35 10.03
C ALA A 61 -2.97 5.99 10.35
N SER A 62 -4.01 5.62 9.62
CA SER A 62 -4.69 4.35 9.83
C SER A 62 -3.98 3.22 9.08
N ASN A 63 -4.55 2.02 9.14
CA ASN A 63 -3.97 0.87 8.47
C ASN A 63 -4.43 0.80 7.01
N PHE A 64 -4.61 1.96 6.40
CA PHE A 64 -5.05 2.05 5.01
C PHE A 64 -4.77 3.43 4.43
N THR A 65 -4.79 3.52 3.10
CA THR A 65 -4.54 4.78 2.43
C THR A 65 -5.31 4.87 1.11
N GLU A 66 -5.21 6.00 0.43
CA GLU A 66 -5.91 6.21 -0.83
C GLU A 66 -4.96 6.78 -1.88
N ILE A 67 -4.45 5.92 -2.75
CA ILE A 67 -3.54 6.35 -3.80
C ILE A 67 -4.30 6.91 -5.00
N LYS A 68 -4.33 8.23 -5.11
CA LYS A 68 -5.02 8.89 -6.22
C LYS A 68 -4.04 9.25 -7.33
N ASN A 69 -4.55 9.94 -8.35
CA ASN A 69 -3.72 10.34 -9.49
C ASN A 69 -3.12 9.13 -10.18
N LEU A 70 -3.97 8.19 -10.56
CA LEU A 70 -3.53 6.98 -11.25
C LEU A 70 -4.19 6.84 -12.62
N LEU A 71 -3.82 5.80 -13.35
CA LEU A 71 -4.39 5.56 -14.67
C LEU A 71 -5.37 4.39 -14.64
N VAL A 72 -6.61 4.66 -15.04
CA VAL A 72 -7.64 3.63 -15.06
C VAL A 72 -7.21 2.44 -15.91
N ASN A 73 -7.68 1.25 -15.52
CA ASN A 73 -7.34 0.03 -16.25
C ASN A 73 -5.83 -0.14 -16.37
N THR A 74 -5.13 0.00 -15.24
CA THR A 74 -3.68 -0.13 -15.22
C THR A 74 -3.21 -0.82 -13.94
N LEU A 75 -2.30 -1.78 -14.08
CA LEU A 75 -1.77 -2.51 -12.94
C LEU A 75 -0.87 -1.63 -12.09
N TYR A 76 -1.11 -1.63 -10.79
CA TYR A 76 -0.32 -0.83 -9.86
C TYR A 76 0.11 -1.65 -8.65
N THR A 77 1.39 -1.56 -8.30
CA THR A 77 1.93 -2.29 -7.16
C THR A 77 1.89 -1.44 -5.89
N VAL A 78 1.42 -2.04 -4.80
CA VAL A 78 1.34 -1.34 -3.52
C VAL A 78 2.07 -2.11 -2.43
N ARG A 79 2.56 -1.38 -1.43
CA ARG A 79 3.28 -1.99 -0.32
C ARG A 79 3.25 -1.09 0.91
N VAL A 80 3.01 -1.68 2.07
CA VAL A 80 2.95 -0.93 3.31
C VAL A 80 4.09 -1.34 4.25
N ALA A 81 4.62 -0.37 5.00
CA ALA A 81 5.70 -0.64 5.94
C ALA A 81 5.48 0.10 7.26
N ALA A 82 5.86 -0.54 8.35
CA ALA A 82 5.71 0.06 9.68
C ALA A 82 6.87 0.97 10.00
N VAL A 83 6.57 2.22 10.33
CA VAL A 83 7.61 3.19 10.67
C VAL A 83 7.83 3.27 12.18
N THR A 84 9.08 3.40 12.59
CA THR A 84 9.42 3.48 14.00
C THR A 84 10.32 4.68 14.28
N SER A 85 10.56 4.95 15.56
CA SER A 85 11.41 6.07 15.97
C SER A 85 12.57 6.23 15.00
N ARG A 86 13.29 5.14 14.76
CA ARG A 86 14.44 5.16 13.86
C ARG A 86 14.01 5.51 12.44
N GLY A 87 12.98 4.81 11.95
CA GLY A 87 12.50 5.05 10.60
C GLY A 87 11.73 3.87 10.04
N ILE A 88 11.60 3.83 8.72
CA ILE A 88 10.88 2.74 8.06
C ILE A 88 11.56 1.40 8.32
N GLY A 89 10.75 0.36 8.52
CA GLY A 89 11.29 -0.96 8.77
C GLY A 89 11.07 -1.91 7.62
N ASN A 90 10.81 -3.17 7.93
CA ASN A 90 10.58 -4.18 6.90
C ASN A 90 9.37 -3.82 6.04
N TRP A 91 9.44 -4.18 4.76
CA TRP A 91 8.34 -3.89 3.84
C TRP A 91 7.41 -5.09 3.71
N SER A 92 6.11 -4.84 3.77
CA SER A 92 5.12 -5.90 3.66
C SER A 92 5.06 -6.44 2.24
N ASP A 93 4.60 -7.68 2.10
CA ASP A 93 4.48 -8.31 0.80
C ASP A 93 3.77 -7.40 -0.20
N SER A 94 4.51 -6.91 -1.19
CA SER A 94 3.94 -6.03 -2.19
C SER A 94 2.94 -6.77 -3.08
N LYS A 95 1.76 -6.19 -3.23
CA LYS A 95 0.71 -6.81 -4.04
C LYS A 95 0.43 -5.96 -5.28
N SER A 96 -0.30 -6.54 -6.23
CA SER A 96 -0.64 -5.84 -7.47
C SER A 96 -2.15 -5.84 -7.69
N ILE A 97 -2.67 -4.72 -8.18
CA ILE A 97 -4.09 -4.59 -8.45
C ILE A 97 -4.34 -3.78 -9.71
N THR A 98 -5.35 -4.20 -10.48
CA THR A 98 -5.70 -3.52 -11.72
C THR A 98 -6.84 -2.52 -11.50
N THR A 99 -6.60 -1.27 -11.86
CA THR A 99 -7.61 -0.23 -11.70
C THR A 99 -8.74 -0.39 -12.71
N ILE A 100 -9.73 0.48 -12.63
CA ILE A 100 -10.86 0.43 -13.54
C ILE A 100 -11.29 1.83 -13.96
N LYS A 101 -12.09 1.91 -15.02
CA LYS A 101 -12.57 3.20 -15.52
C LYS A 101 -13.84 3.61 -14.78
N GLY A 102 -13.77 3.60 -13.45
CA GLY A 102 -14.91 3.99 -12.65
C GLY A 102 -16.01 2.95 -12.64
N SER A 103 -16.94 3.08 -13.58
CA SER A 103 -18.06 2.13 -13.67
C SER A 103 -18.86 2.36 -14.96
N GLY A 104 -19.82 1.48 -15.21
CA GLY A 104 -20.63 1.60 -16.40
C GLY A 104 -20.82 0.29 -17.12
N PRO A 105 -22.01 0.08 -17.70
CA PRO A 105 -22.35 -1.14 -18.43
C PRO A 105 -21.57 -1.27 -19.75
N SER A 106 -20.40 -1.90 -19.68
CA SER A 106 -19.56 -2.08 -20.86
C SER A 106 -19.52 -0.81 -21.69
N SER A 107 -19.36 0.32 -21.01
CA SER A 107 -19.30 1.62 -21.68
C SER A 107 -17.93 1.83 -22.33
N GLY A 108 -17.94 2.42 -23.52
CA GLY A 108 -16.69 2.68 -24.23
C GLY A 108 -16.65 4.06 -24.85
N GLY A 1 17.92 -16.52 3.15
CA GLY A 1 17.77 -16.71 4.58
C GLY A 1 18.52 -15.66 5.39
N SER A 2 19.80 -15.47 5.07
CA SER A 2 20.63 -14.51 5.78
C SER A 2 20.46 -13.12 5.16
N SER A 3 20.57 -13.05 3.84
CA SER A 3 20.45 -11.77 3.13
C SER A 3 18.98 -11.38 2.97
N GLY A 4 18.51 -10.50 3.84
CA GLY A 4 17.14 -10.05 3.78
C GLY A 4 16.19 -11.00 4.50
N SER A 5 15.80 -10.64 5.71
CA SER A 5 14.90 -11.47 6.50
C SER A 5 13.63 -10.70 6.85
N SER A 6 12.52 -11.07 6.21
CA SER A 6 11.24 -10.41 6.45
C SER A 6 10.80 -10.60 7.89
N GLY A 7 10.74 -9.51 8.65
CA GLY A 7 10.33 -9.57 10.03
C GLY A 7 8.89 -9.14 10.23
N PRO A 8 8.34 -9.42 11.42
CA PRO A 8 6.97 -9.06 11.77
C PRO A 8 6.79 -7.56 11.92
N ASP A 9 7.89 -6.83 12.00
CA ASP A 9 7.86 -5.38 12.15
C ASP A 9 6.89 -4.76 11.16
N ALA A 10 6.90 -5.28 9.92
CA ALA A 10 6.02 -4.77 8.88
C ALA A 10 4.59 -5.30 9.06
N PRO A 11 3.62 -4.60 8.43
CA PRO A 11 2.21 -4.99 8.50
C PRO A 11 1.92 -6.28 7.73
N ARG A 12 0.66 -6.69 7.73
CA ARG A 12 0.26 -7.90 7.04
C ARG A 12 -1.18 -7.78 6.53
N ASN A 13 -1.55 -8.66 5.60
CA ASN A 13 -2.90 -8.65 5.03
C ASN A 13 -3.09 -7.46 4.09
N LEU A 14 -2.10 -7.25 3.22
CA LEU A 14 -2.17 -6.14 2.26
C LEU A 14 -3.22 -6.40 1.20
N GLN A 15 -4.38 -5.77 1.36
CA GLN A 15 -5.48 -5.93 0.41
C GLN A 15 -5.86 -4.59 -0.22
N LEU A 16 -5.56 -4.45 -1.50
CA LEU A 16 -5.87 -3.22 -2.23
C LEU A 16 -7.28 -3.26 -2.81
N SER A 17 -7.97 -2.12 -2.76
CA SER A 17 -9.33 -2.03 -3.27
C SER A 17 -9.50 -0.78 -4.13
N LEU A 18 -10.71 -0.59 -4.65
CA LEU A 18 -11.00 0.56 -5.49
C LEU A 18 -12.35 1.17 -5.12
N PRO A 19 -12.37 2.50 -4.97
CA PRO A 19 -13.59 3.24 -4.62
C PRO A 19 -14.61 3.25 -5.75
N ARG A 20 -15.85 2.87 -5.42
CA ARG A 20 -16.92 2.84 -6.41
C ARG A 20 -17.45 4.24 -6.68
N GLU A 21 -16.87 5.23 -6.01
CA GLU A 21 -17.29 6.62 -6.18
C GLU A 21 -16.11 7.51 -6.55
N ALA A 22 -15.01 6.88 -6.95
CA ALA A 22 -13.81 7.61 -7.34
C ALA A 22 -12.98 6.81 -8.34
N GLU A 23 -12.53 7.49 -9.40
CA GLU A 23 -11.73 6.84 -10.43
C GLU A 23 -10.25 7.14 -10.22
N GLY A 24 -9.39 6.38 -10.91
CA GLY A 24 -7.96 6.57 -10.79
C GLY A 24 -7.50 6.63 -9.34
N VAL A 25 -8.19 5.91 -8.48
CA VAL A 25 -7.84 5.88 -7.06
C VAL A 25 -7.74 4.45 -6.54
N ILE A 26 -6.75 4.20 -5.69
CA ILE A 26 -6.54 2.88 -5.11
C ILE A 26 -6.55 2.93 -3.59
N VAL A 27 -7.46 2.18 -2.99
CA VAL A 27 -7.56 2.14 -1.54
C VAL A 27 -6.83 0.93 -0.97
N GLY A 28 -5.62 1.16 -0.46
CA GLY A 28 -4.84 0.09 0.11
C GLY A 28 -5.12 -0.13 1.59
N HIS A 29 -5.16 -1.39 2.01
CA HIS A 29 -5.42 -1.73 3.40
C HIS A 29 -4.39 -2.72 3.92
N TRP A 30 -4.26 -2.79 5.25
CA TRP A 30 -3.30 -3.69 5.88
C TRP A 30 -3.59 -3.84 7.37
N ALA A 31 -2.81 -4.67 8.05
CA ALA A 31 -2.98 -4.89 9.47
C ALA A 31 -1.71 -4.53 10.24
N PRO A 32 -1.85 -4.38 11.57
CA PRO A 32 -0.72 -4.03 12.45
C PRO A 32 0.28 -5.18 12.57
N PRO A 33 1.56 -4.83 12.75
CA PRO A 33 2.64 -5.81 12.91
C PRO A 33 2.56 -6.56 14.23
N ILE A 34 2.97 -7.82 14.22
CA ILE A 34 2.95 -8.65 15.42
C ILE A 34 3.79 -8.03 16.53
N HIS A 35 4.95 -7.51 16.16
CA HIS A 35 5.86 -6.87 17.13
C HIS A 35 6.78 -5.87 16.44
N THR A 36 7.03 -4.76 17.11
CA THR A 36 7.90 -3.72 16.57
C THR A 36 8.91 -3.24 17.60
N HIS A 37 10.12 -2.93 17.13
CA HIS A 37 11.17 -2.46 18.02
C HIS A 37 10.64 -1.41 19.00
N GLY A 38 10.10 -0.32 18.45
CA GLY A 38 9.56 0.74 19.30
C GLY A 38 8.17 1.16 18.85
N LEU A 39 7.55 2.03 19.65
CA LEU A 39 6.20 2.52 19.36
C LEU A 39 6.09 2.90 17.87
N ILE A 40 5.03 2.42 17.23
CA ILE A 40 4.80 2.72 15.82
C ILE A 40 4.27 4.14 15.64
N ARG A 41 5.08 4.99 15.01
CA ARG A 41 4.69 6.37 14.78
C ARG A 41 3.63 6.46 13.68
N GLU A 42 3.86 5.76 12.58
CA GLU A 42 2.91 5.76 11.47
C GLU A 42 3.31 4.72 10.42
N TYR A 43 2.47 4.56 9.42
CA TYR A 43 2.73 3.59 8.35
C TYR A 43 2.81 4.28 7.00
N ILE A 44 3.89 4.00 6.26
CA ILE A 44 4.09 4.59 4.95
C ILE A 44 3.62 3.67 3.84
N VAL A 45 3.11 4.25 2.77
CA VAL A 45 2.61 3.47 1.63
C VAL A 45 3.35 3.84 0.35
N GLU A 46 3.92 2.84 -0.32
CA GLU A 46 4.65 3.06 -1.55
C GLU A 46 3.99 2.34 -2.72
N TYR A 47 3.60 3.09 -3.75
CA TYR A 47 2.96 2.51 -4.91
C TYR A 47 3.71 2.87 -6.19
N SER A 48 3.55 2.06 -7.22
CA SER A 48 4.21 2.29 -8.50
C SER A 48 3.48 1.59 -9.64
N ARG A 49 3.78 1.99 -10.86
CA ARG A 49 3.15 1.40 -12.04
C ARG A 49 3.95 0.20 -12.55
N SER A 50 3.28 -0.94 -12.70
CA SER A 50 3.94 -2.15 -13.17
C SER A 50 4.79 -1.86 -14.41
N GLY A 51 6.07 -1.61 -14.18
CA GLY A 51 6.97 -1.33 -15.29
C GLY A 51 7.47 0.12 -15.28
N SER A 52 7.95 0.56 -14.12
CA SER A 52 8.45 1.92 -13.98
C SER A 52 9.34 2.05 -12.75
N LYS A 53 10.47 2.73 -12.90
CA LYS A 53 11.41 2.93 -11.81
C LYS A 53 11.05 4.17 -11.00
N MET A 54 9.75 4.33 -10.73
CA MET A 54 9.27 5.47 -9.96
C MET A 54 8.30 5.02 -8.87
N TRP A 55 8.66 5.29 -7.62
CA TRP A 55 7.82 4.92 -6.49
C TRP A 55 7.41 6.14 -5.68
N ALA A 56 6.12 6.28 -5.42
CA ALA A 56 5.61 7.40 -4.65
C ALA A 56 5.29 6.98 -3.21
N SER A 57 5.96 7.60 -2.26
CA SER A 57 5.76 7.28 -0.84
C SER A 57 4.92 8.37 -0.17
N GLN A 58 4.09 7.95 0.78
CA GLN A 58 3.23 8.88 1.50
C GLN A 58 2.89 8.35 2.89
N ARG A 59 2.67 9.26 3.84
CA ARG A 59 2.35 8.89 5.20
C ARG A 59 0.87 8.56 5.34
N ALA A 60 0.56 7.61 6.21
CA ALA A 60 -0.82 7.19 6.44
C ALA A 60 -1.15 7.15 7.93
N ALA A 61 -2.24 7.80 8.31
CA ALA A 61 -2.66 7.85 9.70
C ALA A 61 -3.24 6.50 10.13
N SER A 62 -4.28 6.05 9.42
CA SER A 62 -4.92 4.79 9.74
C SER A 62 -4.24 3.63 9.02
N ASN A 63 -4.80 2.43 9.16
CA ASN A 63 -4.25 1.24 8.52
C ASN A 63 -4.70 1.14 7.07
N PHE A 64 -4.62 2.25 6.35
CA PHE A 64 -5.03 2.29 4.95
C PHE A 64 -4.66 3.63 4.31
N THR A 65 -4.81 3.70 3.00
CA THR A 65 -4.50 4.93 2.26
C THR A 65 -5.22 4.97 0.92
N GLU A 66 -5.40 6.17 0.39
CA GLU A 66 -6.08 6.35 -0.89
C GLU A 66 -5.14 6.95 -1.94
N ILE A 67 -4.59 6.09 -2.78
CA ILE A 67 -3.68 6.54 -3.83
C ILE A 67 -4.44 7.11 -5.01
N LYS A 68 -4.52 8.44 -5.07
CA LYS A 68 -5.22 9.11 -6.16
C LYS A 68 -4.25 9.50 -7.28
N ASN A 69 -4.79 10.06 -8.35
CA ASN A 69 -3.97 10.48 -9.49
C ASN A 69 -3.34 9.27 -10.17
N LEU A 70 -4.16 8.26 -10.45
CA LEU A 70 -3.69 7.04 -11.10
C LEU A 70 -4.37 6.86 -12.46
N LEU A 71 -3.84 5.94 -13.26
CA LEU A 71 -4.39 5.66 -14.58
C LEU A 71 -5.33 4.47 -14.54
N VAL A 72 -6.50 4.62 -15.16
CA VAL A 72 -7.50 3.55 -15.19
C VAL A 72 -7.00 2.37 -16.02
N ASN A 73 -7.35 1.16 -15.58
CA ASN A 73 -6.94 -0.05 -16.29
C ASN A 73 -5.43 -0.17 -16.32
N THR A 74 -4.79 0.06 -15.17
CA THR A 74 -3.34 -0.03 -15.07
C THR A 74 -2.92 -0.73 -13.79
N LEU A 75 -1.97 -1.66 -13.90
CA LEU A 75 -1.48 -2.39 -12.74
C LEU A 75 -0.63 -1.50 -11.84
N TYR A 76 -0.83 -1.64 -10.53
CA TYR A 76 -0.09 -0.84 -9.56
C TYR A 76 0.37 -1.71 -8.39
N THR A 77 1.66 -1.60 -8.05
CA THR A 77 2.23 -2.36 -6.95
C THR A 77 2.28 -1.53 -5.67
N VAL A 78 1.40 -1.86 -4.73
CA VAL A 78 1.34 -1.14 -3.47
C VAL A 78 2.05 -1.93 -2.36
N ARG A 79 2.62 -1.21 -1.40
CA ARG A 79 3.32 -1.84 -0.29
C ARG A 79 3.34 -0.92 0.93
N VAL A 80 3.05 -1.48 2.09
CA VAL A 80 3.03 -0.72 3.33
C VAL A 80 4.21 -1.10 4.22
N ALA A 81 4.67 -0.14 5.03
CA ALA A 81 5.79 -0.38 5.93
C ALA A 81 5.59 0.35 7.26
N ALA A 82 5.87 -0.34 8.36
CA ALA A 82 5.72 0.25 9.68
C ALA A 82 6.93 1.10 10.05
N VAL A 83 6.68 2.34 10.45
CA VAL A 83 7.75 3.26 10.82
C VAL A 83 7.92 3.30 12.34
N THR A 84 9.18 3.30 12.78
CA THR A 84 9.48 3.34 14.20
C THR A 84 10.47 4.46 14.53
N SER A 85 10.70 4.70 15.81
CA SER A 85 11.62 5.73 16.24
C SER A 85 12.81 5.84 15.30
N ARG A 86 13.38 4.70 14.94
CA ARG A 86 14.52 4.68 14.04
C ARG A 86 14.12 5.12 12.64
N GLY A 87 13.22 4.36 12.02
CA GLY A 87 12.76 4.68 10.68
C GLY A 87 11.91 3.59 10.07
N ILE A 88 11.79 3.61 8.74
CA ILE A 88 11.00 2.60 8.04
C ILE A 88 11.64 1.22 8.13
N GLY A 89 10.83 0.20 8.35
CA GLY A 89 11.34 -1.15 8.45
C GLY A 89 11.14 -1.95 7.18
N ASN A 90 10.98 -3.26 7.33
CA ASN A 90 10.77 -4.14 6.18
C ASN A 90 9.52 -3.74 5.41
N TRP A 91 9.34 -4.32 4.23
CA TRP A 91 8.18 -4.03 3.40
C TRP A 91 7.21 -5.21 3.38
N SER A 92 5.91 -4.92 3.51
CA SER A 92 4.90 -5.95 3.51
C SER A 92 4.83 -6.65 2.16
N ASP A 93 4.16 -7.80 2.13
CA ASP A 93 4.02 -8.57 0.90
C ASP A 93 3.34 -7.74 -0.19
N SER A 94 4.15 -6.96 -0.91
CA SER A 94 3.64 -6.12 -1.98
C SER A 94 2.64 -6.89 -2.85
N LYS A 95 1.59 -6.19 -3.26
CA LYS A 95 0.56 -6.80 -4.11
C LYS A 95 0.29 -5.96 -5.34
N SER A 96 -0.21 -6.60 -6.40
CA SER A 96 -0.51 -5.90 -7.65
C SER A 96 -2.01 -5.86 -7.89
N ILE A 97 -2.53 -4.67 -8.20
CA ILE A 97 -3.95 -4.49 -8.47
C ILE A 97 -4.17 -3.67 -9.72
N THR A 98 -5.05 -4.15 -10.60
CA THR A 98 -5.36 -3.45 -11.83
C THR A 98 -6.58 -2.54 -11.66
N THR A 99 -6.37 -1.25 -11.83
CA THR A 99 -7.44 -0.27 -11.69
C THR A 99 -8.51 -0.48 -12.75
N ILE A 100 -9.65 0.19 -12.58
CA ILE A 100 -10.75 0.07 -13.52
C ILE A 100 -11.24 1.44 -13.97
N LYS A 101 -11.79 1.50 -15.18
CA LYS A 101 -12.30 2.76 -15.73
C LYS A 101 -13.72 3.03 -15.23
N GLY A 102 -13.83 3.56 -14.01
CA GLY A 102 -15.12 3.86 -13.45
C GLY A 102 -16.11 2.71 -13.61
N SER A 103 -17.40 3.03 -13.58
CA SER A 103 -18.43 2.02 -13.71
C SER A 103 -18.63 1.64 -15.18
N GLY A 104 -18.75 0.33 -15.43
CA GLY A 104 -18.93 -0.15 -16.79
C GLY A 104 -20.40 -0.27 -17.16
N PRO A 105 -20.69 -1.12 -18.15
CA PRO A 105 -22.06 -1.36 -18.63
C PRO A 105 -22.91 -2.11 -17.60
N SER A 106 -22.24 -2.72 -16.64
CA SER A 106 -22.94 -3.49 -15.60
C SER A 106 -23.57 -2.55 -14.58
N SER A 107 -24.84 -2.78 -14.26
CA SER A 107 -25.55 -1.96 -13.30
C SER A 107 -24.95 -2.11 -11.90
N GLY A 108 -24.81 -0.98 -11.21
CA GLY A 108 -24.24 -1.01 -9.87
C GLY A 108 -25.31 -1.12 -8.79
N GLY A 1 25.30 -12.27 16.62
CA GLY A 1 24.13 -13.11 16.63
C GLY A 1 23.15 -12.76 15.53
N SER A 2 21.88 -13.14 15.71
CA SER A 2 20.86 -12.88 14.73
C SER A 2 20.73 -11.38 14.46
N SER A 3 20.14 -11.03 13.33
CA SER A 3 19.96 -9.62 12.95
C SER A 3 18.48 -9.28 12.83
N GLY A 4 17.77 -10.06 12.00
CA GLY A 4 16.35 -9.82 11.80
C GLY A 4 15.99 -9.65 10.34
N SER A 5 15.19 -10.58 9.82
CA SER A 5 14.79 -10.53 8.43
C SER A 5 13.28 -10.75 8.29
N SER A 6 12.63 -9.95 7.45
CA SER A 6 11.20 -10.06 7.24
C SER A 6 10.46 -10.24 8.57
N GLY A 7 10.86 -9.47 9.57
CA GLY A 7 10.24 -9.56 10.88
C GLY A 7 8.79 -9.09 10.87
N PRO A 8 8.12 -9.24 12.01
CA PRO A 8 6.71 -8.83 12.15
C PRO A 8 6.55 -7.32 12.13
N ASP A 9 7.66 -6.60 12.28
CA ASP A 9 7.63 -5.14 12.29
C ASP A 9 6.70 -4.61 11.21
N ALA A 10 6.78 -5.21 10.02
CA ALA A 10 5.93 -4.79 8.90
C ALA A 10 4.50 -5.29 9.08
N PRO A 11 3.55 -4.61 8.42
CA PRO A 11 2.13 -4.97 8.50
C PRO A 11 1.82 -6.28 7.80
N ARG A 12 0.55 -6.68 7.80
CA ARG A 12 0.13 -7.92 7.17
C ARG A 12 -1.29 -7.80 6.64
N ASN A 13 -1.64 -8.67 5.70
CA ASN A 13 -2.98 -8.66 5.10
C ASN A 13 -3.15 -7.47 4.16
N LEU A 14 -2.17 -7.28 3.27
CA LEU A 14 -2.21 -6.18 2.31
C LEU A 14 -3.30 -6.41 1.26
N GLN A 15 -4.44 -5.78 1.44
CA GLN A 15 -5.56 -5.92 0.51
C GLN A 15 -5.89 -4.59 -0.14
N LEU A 16 -5.62 -4.48 -1.44
CA LEU A 16 -5.90 -3.26 -2.19
C LEU A 16 -7.32 -3.25 -2.73
N SER A 17 -7.90 -2.06 -2.83
CA SER A 17 -9.26 -1.92 -3.33
C SER A 17 -9.40 -0.67 -4.20
N LEU A 18 -10.60 -0.44 -4.71
CA LEU A 18 -10.86 0.72 -5.55
C LEU A 18 -12.17 1.40 -5.16
N PRO A 19 -12.13 2.74 -5.04
CA PRO A 19 -13.31 3.52 -4.68
C PRO A 19 -14.37 3.55 -5.78
N ARG A 20 -15.60 3.22 -5.42
CA ARG A 20 -16.70 3.19 -6.38
C ARG A 20 -17.18 4.60 -6.69
N GLU A 21 -16.55 5.59 -6.05
CA GLU A 21 -16.91 6.99 -6.26
C GLU A 21 -15.69 7.81 -6.66
N ALA A 22 -14.65 7.13 -7.12
CA ALA A 22 -13.42 7.81 -7.54
C ALA A 22 -12.65 6.96 -8.55
N GLU A 23 -12.23 7.60 -9.64
CA GLU A 23 -11.48 6.90 -10.68
C GLU A 23 -9.98 7.12 -10.52
N GLY A 24 -9.19 6.23 -11.12
CA GLY A 24 -7.75 6.34 -11.02
C GLY A 24 -7.26 6.42 -9.58
N VAL A 25 -7.94 5.69 -8.70
CA VAL A 25 -7.57 5.70 -7.28
C VAL A 25 -7.55 4.28 -6.72
N ILE A 26 -6.55 3.97 -5.91
CA ILE A 26 -6.42 2.65 -5.30
C ILE A 26 -6.35 2.75 -3.78
N VAL A 27 -7.30 2.11 -3.11
CA VAL A 27 -7.35 2.12 -1.66
C VAL A 27 -6.63 0.91 -1.08
N GLY A 28 -5.42 1.12 -0.58
CA GLY A 28 -4.64 0.03 0.00
C GLY A 28 -4.85 -0.09 1.50
N HIS A 29 -5.13 -1.31 1.95
CA HIS A 29 -5.35 -1.56 3.37
C HIS A 29 -4.31 -2.54 3.92
N TRP A 30 -4.29 -2.70 5.24
CA TRP A 30 -3.35 -3.60 5.88
C TRP A 30 -3.65 -3.73 7.37
N ALA A 31 -2.90 -4.61 8.04
CA ALA A 31 -3.10 -4.82 9.48
C ALA A 31 -1.84 -4.44 10.25
N PRO A 32 -1.99 -4.24 11.57
CA PRO A 32 -0.87 -3.87 12.45
C PRO A 32 0.11 -5.02 12.65
N PRO A 33 1.39 -4.68 12.81
CA PRO A 33 2.46 -5.67 13.01
C PRO A 33 2.37 -6.35 14.37
N ILE A 34 2.81 -7.60 14.44
CA ILE A 34 2.78 -8.36 15.69
C ILE A 34 3.67 -7.72 16.74
N HIS A 35 4.86 -7.30 16.32
CA HIS A 35 5.82 -6.67 17.24
C HIS A 35 6.77 -5.75 16.48
N THR A 36 7.01 -4.57 17.04
CA THR A 36 7.90 -3.59 16.41
C THR A 36 9.01 -3.19 17.35
N HIS A 37 10.14 -2.78 16.79
CA HIS A 37 11.30 -2.36 17.59
C HIS A 37 10.85 -1.48 18.76
N GLY A 38 9.98 -0.52 18.48
CA GLY A 38 9.50 0.36 19.53
C GLY A 38 8.06 0.81 19.28
N LEU A 39 7.82 2.10 19.44
CA LEU A 39 6.48 2.66 19.24
C LEU A 39 6.25 3.01 17.78
N ILE A 40 5.18 2.50 17.21
CA ILE A 40 4.83 2.75 15.82
C ILE A 40 4.32 4.19 15.64
N ARG A 41 5.12 5.02 14.98
CA ARG A 41 4.74 6.41 14.75
C ARG A 41 3.66 6.50 13.68
N GLU A 42 3.90 5.84 12.54
CA GLU A 42 2.95 5.85 11.43
C GLU A 42 3.26 4.74 10.43
N TYR A 43 2.41 4.61 9.43
CA TYR A 43 2.59 3.58 8.41
C TYR A 43 2.66 4.20 7.02
N ILE A 44 3.77 3.95 6.32
CA ILE A 44 3.96 4.49 4.98
C ILE A 44 3.36 3.57 3.93
N VAL A 45 3.05 4.13 2.77
CA VAL A 45 2.47 3.35 1.68
C VAL A 45 3.10 3.72 0.34
N GLU A 46 3.85 2.78 -0.24
CA GLU A 46 4.51 3.00 -1.52
C GLU A 46 3.74 2.35 -2.66
N TYR A 47 3.81 2.94 -3.85
CA TYR A 47 3.12 2.42 -5.01
C TYR A 47 3.83 2.82 -6.30
N SER A 48 3.79 1.94 -7.30
CA SER A 48 4.43 2.20 -8.58
C SER A 48 3.83 1.33 -9.68
N ARG A 49 3.42 1.97 -10.77
CA ARG A 49 2.83 1.25 -11.89
C ARG A 49 3.73 0.09 -12.33
N SER A 50 3.12 -1.00 -12.77
CA SER A 50 3.86 -2.17 -13.21
C SER A 50 5.15 -1.76 -13.90
N GLY A 51 5.01 -1.01 -15.00
CA GLY A 51 6.18 -0.56 -15.73
C GLY A 51 6.54 0.88 -15.44
N SER A 52 7.44 1.07 -14.48
CA SER A 52 7.86 2.41 -14.08
C SER A 52 9.01 2.34 -13.07
N LYS A 53 9.92 3.31 -13.16
CA LYS A 53 11.06 3.35 -12.25
C LYS A 53 10.90 4.49 -11.25
N MET A 54 9.67 4.70 -10.78
CA MET A 54 9.40 5.75 -9.81
C MET A 54 8.33 5.32 -8.81
N TRP A 55 8.70 5.25 -7.55
CA TRP A 55 7.78 4.83 -6.50
C TRP A 55 7.45 6.00 -5.57
N ALA A 56 6.16 6.22 -5.34
CA ALA A 56 5.70 7.31 -4.48
C ALA A 56 5.28 6.78 -3.12
N SER A 57 5.83 7.38 -2.06
CA SER A 57 5.51 6.96 -0.70
C SER A 57 4.78 8.08 0.04
N GLN A 58 3.89 7.68 0.96
CA GLN A 58 3.13 8.65 1.74
C GLN A 58 2.77 8.08 3.10
N ARG A 59 2.64 8.97 4.09
CA ARG A 59 2.30 8.54 5.45
C ARG A 59 0.80 8.34 5.60
N ALA A 60 0.41 7.38 6.42
CA ALA A 60 -0.99 7.07 6.65
C ALA A 60 -1.29 6.94 8.14
N ALA A 61 -2.24 7.73 8.62
CA ALA A 61 -2.62 7.69 10.03
C ALA A 61 -3.26 6.35 10.39
N SER A 62 -4.26 5.95 9.61
CA SER A 62 -4.95 4.70 9.85
C SER A 62 -4.23 3.54 9.16
N ASN A 63 -4.84 2.36 9.24
CA ASN A 63 -4.26 1.16 8.62
C ASN A 63 -4.68 1.04 7.16
N PHE A 64 -4.75 2.18 6.48
CA PHE A 64 -5.14 2.21 5.07
C PHE A 64 -4.84 3.57 4.44
N THR A 65 -4.93 3.64 3.12
CA THR A 65 -4.67 4.87 2.41
C THR A 65 -5.42 4.90 1.07
N GLU A 66 -5.36 6.05 0.40
CA GLU A 66 -6.04 6.21 -0.89
C GLU A 66 -5.09 6.81 -1.93
N ILE A 67 -4.54 5.95 -2.77
CA ILE A 67 -3.61 6.40 -3.81
C ILE A 67 -4.37 6.90 -5.04
N LYS A 68 -4.49 8.22 -5.14
CA LYS A 68 -5.19 8.84 -6.27
C LYS A 68 -4.20 9.24 -7.36
N ASN A 69 -4.72 9.85 -8.42
CA ASN A 69 -3.89 10.30 -9.53
C ASN A 69 -3.21 9.11 -10.21
N LEU A 70 -3.99 8.09 -10.54
CA LEU A 70 -3.47 6.90 -11.19
C LEU A 70 -4.15 6.68 -12.54
N LEU A 71 -3.58 5.79 -13.34
CA LEU A 71 -4.13 5.47 -14.66
C LEU A 71 -5.11 4.32 -14.57
N VAL A 72 -6.33 4.55 -15.07
CA VAL A 72 -7.36 3.53 -15.04
C VAL A 72 -6.93 2.29 -15.82
N ASN A 73 -7.54 1.15 -15.51
CA ASN A 73 -7.22 -0.11 -16.17
C ASN A 73 -5.71 -0.31 -16.23
N THR A 74 -5.03 0.04 -15.14
CA THR A 74 -3.58 -0.10 -15.07
C THR A 74 -3.17 -0.82 -13.79
N LEU A 75 -2.18 -1.71 -13.91
CA LEU A 75 -1.69 -2.45 -12.75
C LEU A 75 -0.77 -1.60 -11.89
N TYR A 76 -0.92 -1.72 -10.58
CA TYR A 76 -0.10 -0.94 -9.65
C TYR A 76 0.32 -1.81 -8.46
N THR A 77 1.61 -1.80 -8.16
CA THR A 77 2.15 -2.58 -7.05
C THR A 77 2.20 -1.74 -5.77
N VAL A 78 1.38 -2.10 -4.79
CA VAL A 78 1.35 -1.39 -3.52
C VAL A 78 2.11 -2.15 -2.44
N ARG A 79 2.61 -1.42 -1.45
CA ARG A 79 3.36 -2.03 -0.35
C ARG A 79 3.38 -1.10 0.86
N VAL A 80 3.03 -1.66 2.02
CA VAL A 80 3.00 -0.89 3.25
C VAL A 80 4.18 -1.26 4.16
N ALA A 81 4.70 -0.28 4.88
CA ALA A 81 5.83 -0.49 5.78
C ALA A 81 5.61 0.21 7.12
N ALA A 82 5.84 -0.52 8.21
CA ALA A 82 5.67 0.04 9.54
C ALA A 82 6.88 0.87 9.95
N VAL A 83 6.62 2.12 10.33
CA VAL A 83 7.69 3.03 10.75
C VAL A 83 7.88 3.01 12.26
N THR A 84 9.12 3.19 12.71
CA THR A 84 9.42 3.20 14.13
C THR A 84 10.26 4.42 14.51
N SER A 85 10.50 4.58 15.80
CA SER A 85 11.29 5.71 16.30
C SER A 85 12.59 5.85 15.51
N ARG A 86 13.10 4.73 15.03
CA ARG A 86 14.34 4.73 14.26
C ARG A 86 14.08 5.15 12.81
N GLY A 87 13.16 4.45 12.15
CA GLY A 87 12.84 4.76 10.78
C GLY A 87 11.99 3.68 10.12
N ILE A 88 11.80 3.80 8.81
CA ILE A 88 11.01 2.82 8.07
C ILE A 88 11.66 1.45 8.11
N GLY A 89 10.84 0.42 8.31
CA GLY A 89 11.35 -0.94 8.35
C GLY A 89 11.05 -1.72 7.09
N ASN A 90 11.29 -3.02 7.13
CA ASN A 90 11.06 -3.88 5.98
C ASN A 90 9.72 -3.55 5.32
N TRP A 91 9.54 -4.02 4.10
CA TRP A 91 8.31 -3.77 3.35
C TRP A 91 7.42 -5.02 3.33
N SER A 92 6.12 -4.81 3.51
CA SER A 92 5.17 -5.91 3.51
C SER A 92 5.07 -6.55 2.14
N ASP A 93 4.53 -7.76 2.09
CA ASP A 93 4.38 -8.49 0.83
C ASP A 93 3.73 -7.60 -0.24
N SER A 94 4.57 -6.99 -1.07
CA SER A 94 4.08 -6.11 -2.12
C SER A 94 3.06 -6.84 -3.01
N LYS A 95 1.88 -6.25 -3.14
CA LYS A 95 0.82 -6.84 -3.95
C LYS A 95 0.53 -5.98 -5.17
N SER A 96 -0.19 -6.54 -6.14
CA SER A 96 -0.53 -5.81 -7.35
C SER A 96 -2.04 -5.81 -7.58
N ILE A 97 -2.57 -4.67 -8.00
CA ILE A 97 -4.00 -4.53 -8.24
C ILE A 97 -4.26 -3.68 -9.48
N THR A 98 -5.16 -4.16 -10.35
CA THR A 98 -5.50 -3.46 -11.57
C THR A 98 -6.67 -2.52 -11.35
N THR A 99 -6.50 -1.26 -11.77
CA THR A 99 -7.55 -0.26 -11.61
C THR A 99 -8.66 -0.46 -12.64
N ILE A 100 -9.70 0.36 -12.55
CA ILE A 100 -10.82 0.28 -13.48
C ILE A 100 -11.23 1.66 -13.98
N LYS A 101 -11.90 1.69 -15.12
CA LYS A 101 -12.35 2.94 -15.72
C LYS A 101 -13.73 3.33 -15.18
N GLY A 102 -13.79 3.68 -13.91
CA GLY A 102 -15.05 4.07 -13.29
C GLY A 102 -15.96 2.89 -13.05
N SER A 103 -17.14 3.15 -12.51
CA SER A 103 -18.11 2.09 -12.22
C SER A 103 -19.15 1.99 -13.32
N GLY A 104 -19.92 0.90 -13.31
CA GLY A 104 -20.94 0.70 -14.32
C GLY A 104 -22.30 0.42 -13.72
N PRO A 105 -22.62 -0.87 -13.54
CA PRO A 105 -23.90 -1.30 -12.97
C PRO A 105 -24.01 -0.96 -11.48
N SER A 106 -25.05 -0.20 -11.14
CA SER A 106 -25.26 0.20 -9.75
C SER A 106 -26.76 0.31 -9.45
N SER A 107 -27.10 0.25 -8.16
CA SER A 107 -28.50 0.33 -7.75
C SER A 107 -29.10 1.68 -8.15
N GLY A 108 -28.53 2.76 -7.60
CA GLY A 108 -29.03 4.08 -7.92
C GLY A 108 -27.97 5.16 -7.74
N GLY A 1 24.70 -7.57 2.83
CA GLY A 1 24.21 -8.33 3.96
C GLY A 1 22.99 -9.16 3.62
N SER A 2 21.86 -8.84 4.25
CA SER A 2 20.62 -9.57 4.01
C SER A 2 19.87 -8.99 2.82
N SER A 3 19.72 -9.79 1.77
CA SER A 3 19.02 -9.35 0.56
C SER A 3 17.51 -9.51 0.73
N GLY A 4 17.10 -10.36 1.66
CA GLY A 4 15.70 -10.57 1.90
C GLY A 4 15.37 -10.79 3.37
N SER A 5 15.44 -9.71 4.14
CA SER A 5 15.17 -9.78 5.57
C SER A 5 13.67 -9.64 5.85
N SER A 6 13.11 -10.60 6.58
CA SER A 6 11.68 -10.57 6.91
C SER A 6 11.48 -10.29 8.39
N GLY A 7 10.22 -10.11 8.79
CA GLY A 7 9.90 -9.85 10.17
C GLY A 7 8.50 -9.30 10.35
N PRO A 8 7.97 -9.42 11.58
CA PRO A 8 6.62 -8.94 11.91
C PRO A 8 6.54 -7.42 11.92
N ASP A 9 7.68 -6.77 12.15
CA ASP A 9 7.73 -5.31 12.19
C ASP A 9 6.79 -4.71 11.15
N ALA A 10 6.73 -5.34 9.98
CA ALA A 10 5.88 -4.86 8.90
C ALA A 10 4.45 -5.38 9.07
N PRO A 11 3.49 -4.67 8.44
CA PRO A 11 2.07 -5.04 8.51
C PRO A 11 1.77 -6.33 7.75
N ARG A 12 0.49 -6.66 7.64
CA ARG A 12 0.06 -7.86 6.93
C ARG A 12 -1.37 -7.72 6.43
N ASN A 13 -1.79 -8.68 5.60
CA ASN A 13 -3.15 -8.66 5.05
C ASN A 13 -3.34 -7.47 4.12
N LEU A 14 -2.42 -7.32 3.16
CA LEU A 14 -2.50 -6.21 2.20
C LEU A 14 -3.58 -6.48 1.16
N GLN A 15 -4.63 -5.68 1.21
CA GLN A 15 -5.74 -5.81 0.26
C GLN A 15 -6.06 -4.48 -0.40
N LEU A 16 -5.76 -4.37 -1.69
CA LEU A 16 -6.02 -3.15 -2.45
C LEU A 16 -7.41 -3.17 -3.06
N SER A 17 -8.11 -2.04 -2.95
CA SER A 17 -9.46 -1.93 -3.50
C SER A 17 -9.60 -0.67 -4.33
N LEU A 18 -10.70 -0.57 -5.08
CA LEU A 18 -10.96 0.58 -5.93
C LEU A 18 -12.23 1.31 -5.49
N PRO A 19 -12.11 2.62 -5.24
CA PRO A 19 -13.23 3.46 -4.81
C PRO A 19 -14.25 3.66 -5.93
N ARG A 20 -15.51 3.35 -5.64
CA ARG A 20 -16.58 3.50 -6.62
C ARG A 20 -17.00 4.96 -6.74
N GLU A 21 -16.35 5.82 -5.97
CA GLU A 21 -16.66 7.25 -6.00
C GLU A 21 -15.45 8.06 -6.46
N ALA A 22 -14.35 7.36 -6.75
CA ALA A 22 -13.14 8.02 -7.22
C ALA A 22 -12.45 7.20 -8.30
N GLU A 23 -11.97 7.88 -9.34
CA GLU A 23 -11.29 7.22 -10.45
C GLU A 23 -9.77 7.30 -10.29
N GLY A 24 -9.07 6.36 -10.91
CA GLY A 24 -7.62 6.34 -10.82
C GLY A 24 -7.12 6.34 -9.39
N VAL A 25 -7.94 5.81 -8.48
CA VAL A 25 -7.57 5.74 -7.07
C VAL A 25 -7.50 4.30 -6.58
N ILE A 26 -6.54 4.02 -5.71
CA ILE A 26 -6.38 2.69 -5.17
C ILE A 26 -6.24 2.72 -3.65
N VAL A 27 -7.28 2.24 -2.96
CA VAL A 27 -7.28 2.21 -1.50
C VAL A 27 -6.52 1.00 -0.98
N GLY A 28 -5.32 1.25 -0.44
CA GLY A 28 -4.51 0.17 0.08
C GLY A 28 -4.77 -0.08 1.56
N HIS A 29 -5.17 -1.30 1.89
CA HIS A 29 -5.45 -1.66 3.28
C HIS A 29 -4.44 -2.68 3.79
N TRP A 30 -4.27 -2.73 5.10
CA TRP A 30 -3.33 -3.65 5.72
C TRP A 30 -3.62 -3.81 7.21
N ALA A 31 -2.80 -4.62 7.89
CA ALA A 31 -2.98 -4.86 9.32
C ALA A 31 -1.73 -4.47 10.09
N PRO A 32 -1.88 -4.27 11.40
CA PRO A 32 -0.77 -3.89 12.28
C PRO A 32 0.23 -5.02 12.48
N PRO A 33 1.50 -4.66 12.70
CA PRO A 33 2.58 -5.62 12.91
C PRO A 33 2.45 -6.35 14.24
N ILE A 34 2.68 -7.66 14.22
CA ILE A 34 2.60 -8.48 15.43
C ILE A 34 3.42 -7.88 16.55
N HIS A 35 4.68 -7.56 16.26
CA HIS A 35 5.57 -6.96 17.24
C HIS A 35 6.63 -6.09 16.57
N THR A 36 6.91 -4.95 17.19
CA THR A 36 7.90 -4.02 16.65
C THR A 36 8.97 -3.70 17.68
N HIS A 37 10.14 -3.28 17.20
CA HIS A 37 11.25 -2.93 18.08
C HIS A 37 10.96 -1.66 18.86
N GLY A 38 10.09 -0.81 18.30
CA GLY A 38 9.74 0.43 18.95
C GLY A 38 8.31 0.85 18.67
N LEU A 39 7.92 2.01 19.19
CA LEU A 39 6.57 2.52 18.99
C LEU A 39 6.37 2.97 17.55
N ILE A 40 5.32 2.46 16.92
CA ILE A 40 5.01 2.81 15.53
C ILE A 40 4.45 4.23 15.43
N ARG A 41 5.16 5.10 14.74
CA ARG A 41 4.74 6.48 14.56
C ARG A 41 3.68 6.60 13.47
N GLU A 42 3.87 5.86 12.39
CA GLU A 42 2.93 5.88 11.28
C GLU A 42 3.20 4.73 10.31
N TYR A 43 2.46 4.70 9.20
CA TYR A 43 2.62 3.65 8.21
C TYR A 43 2.77 4.24 6.81
N ILE A 44 3.90 3.95 6.18
CA ILE A 44 4.17 4.46 4.83
C ILE A 44 3.69 3.48 3.77
N VAL A 45 3.10 4.01 2.70
CA VAL A 45 2.60 3.18 1.62
C VAL A 45 3.20 3.61 0.27
N GLU A 46 3.99 2.72 -0.33
CA GLU A 46 4.63 2.99 -1.60
C GLU A 46 3.88 2.30 -2.74
N TYR A 47 3.75 3.01 -3.86
CA TYR A 47 3.06 2.46 -5.02
C TYR A 47 3.78 2.86 -6.32
N SER A 48 3.81 1.94 -7.28
CA SER A 48 4.46 2.19 -8.56
C SER A 48 3.82 1.36 -9.66
N ARG A 49 3.59 2.00 -10.81
CA ARG A 49 2.98 1.31 -11.95
C ARG A 49 3.89 0.21 -12.47
N SER A 50 3.32 -0.97 -12.68
CA SER A 50 4.09 -2.11 -13.19
C SER A 50 4.80 -1.76 -14.49
N GLY A 51 6.01 -1.21 -14.37
CA GLY A 51 6.77 -0.84 -15.55
C GLY A 51 7.27 0.60 -15.48
N SER A 52 7.60 1.05 -14.28
CA SER A 52 8.09 2.41 -14.08
C SER A 52 8.72 2.58 -12.70
N LYS A 53 9.90 3.19 -12.67
CA LYS A 53 10.61 3.41 -11.42
C LYS A 53 10.06 4.63 -10.68
N MET A 54 8.74 4.77 -10.71
CA MET A 54 8.08 5.90 -10.04
C MET A 54 7.31 5.43 -8.81
N TRP A 55 8.02 5.31 -7.69
CA TRP A 55 7.41 4.87 -6.44
C TRP A 55 7.09 6.05 -5.54
N ALA A 56 5.81 6.26 -5.26
CA ALA A 56 5.38 7.36 -4.40
C ALA A 56 5.02 6.86 -3.01
N SER A 57 5.75 7.36 -2.00
CA SER A 57 5.51 6.95 -0.63
C SER A 57 4.80 8.07 0.14
N GLN A 58 3.85 7.68 1.00
CA GLN A 58 3.10 8.64 1.78
C GLN A 58 2.77 8.07 3.16
N ARG A 59 2.60 8.96 4.15
CA ARG A 59 2.29 8.54 5.51
C ARG A 59 0.79 8.32 5.67
N ALA A 60 0.44 7.33 6.50
CA ALA A 60 -0.96 7.01 6.74
C ALA A 60 -1.23 6.87 8.24
N ALA A 61 -2.04 7.76 8.79
CA ALA A 61 -2.38 7.73 10.20
C ALA A 61 -3.10 6.44 10.56
N SER A 62 -3.86 5.90 9.61
CA SER A 62 -4.61 4.67 9.83
C SER A 62 -3.92 3.48 9.16
N ASN A 63 -4.54 2.32 9.25
CA ASN A 63 -3.98 1.11 8.65
C ASN A 63 -4.34 1.01 7.18
N PHE A 64 -4.76 2.14 6.60
CA PHE A 64 -5.13 2.18 5.19
C PHE A 64 -4.86 3.56 4.60
N THR A 65 -4.78 3.61 3.27
CA THR A 65 -4.52 4.87 2.58
C THR A 65 -5.29 4.94 1.26
N GLU A 66 -5.17 6.08 0.57
CA GLU A 66 -5.84 6.27 -0.70
C GLU A 66 -4.88 6.80 -1.76
N ILE A 67 -4.39 5.90 -2.61
CA ILE A 67 -3.46 6.29 -3.66
C ILE A 67 -4.20 6.81 -4.89
N LYS A 68 -4.24 8.13 -5.02
CA LYS A 68 -4.91 8.77 -6.15
C LYS A 68 -3.92 9.16 -7.24
N ASN A 69 -4.42 9.79 -8.30
CA ASN A 69 -3.56 10.21 -9.40
C ASN A 69 -2.97 9.00 -10.12
N LEU A 70 -3.82 8.06 -10.49
CA LEU A 70 -3.36 6.85 -11.18
C LEU A 70 -4.10 6.68 -12.50
N LEU A 71 -3.72 5.66 -13.26
CA LEU A 71 -4.34 5.38 -14.55
C LEU A 71 -5.31 4.20 -14.43
N VAL A 72 -6.56 4.43 -14.79
CA VAL A 72 -7.58 3.40 -14.74
C VAL A 72 -7.23 2.23 -15.65
N ASN A 73 -7.57 1.03 -15.22
CA ASN A 73 -7.29 -0.18 -15.99
C ASN A 73 -5.79 -0.38 -16.16
N THR A 74 -5.06 -0.27 -15.05
CA THR A 74 -3.61 -0.44 -15.06
C THR A 74 -3.12 -1.10 -13.78
N LEU A 75 -2.22 -2.07 -13.93
CA LEU A 75 -1.66 -2.77 -12.77
C LEU A 75 -0.82 -1.84 -11.92
N TYR A 76 -1.04 -1.90 -10.61
CA TYR A 76 -0.29 -1.05 -9.68
C TYR A 76 0.20 -1.87 -8.49
N THR A 77 1.49 -1.78 -8.21
CA THR A 77 2.09 -2.51 -7.09
C THR A 77 2.14 -1.65 -5.84
N VAL A 78 1.35 -2.02 -4.84
CA VAL A 78 1.31 -1.27 -3.58
C VAL A 78 2.07 -2.02 -2.48
N ARG A 79 2.68 -1.26 -1.58
CA ARG A 79 3.44 -1.85 -0.48
C ARG A 79 3.38 -0.96 0.76
N VAL A 80 3.20 -1.58 1.93
CA VAL A 80 3.12 -0.85 3.18
C VAL A 80 4.24 -1.26 4.13
N ALA A 81 4.78 -0.27 4.85
CA ALA A 81 5.86 -0.54 5.79
C ALA A 81 5.61 0.17 7.13
N ALA A 82 5.89 -0.53 8.21
CA ALA A 82 5.69 0.02 9.55
C ALA A 82 6.86 0.92 9.95
N VAL A 83 6.57 2.20 10.16
CA VAL A 83 7.59 3.17 10.56
C VAL A 83 7.78 3.19 12.06
N THR A 84 9.02 3.44 12.49
CA THR A 84 9.32 3.48 13.91
C THR A 84 10.03 4.78 14.28
N SER A 85 10.30 4.96 15.57
CA SER A 85 10.96 6.17 16.05
C SER A 85 12.28 6.39 15.32
N ARG A 86 12.93 5.30 14.95
CA ARG A 86 14.21 5.37 14.24
C ARG A 86 13.98 5.65 12.76
N GLY A 87 13.06 4.91 12.15
CA GLY A 87 12.77 5.10 10.74
C GLY A 87 11.87 4.01 10.18
N ILE A 88 11.80 3.93 8.85
CA ILE A 88 10.97 2.93 8.19
C ILE A 88 11.59 1.54 8.32
N GLY A 89 10.75 0.54 8.58
CA GLY A 89 11.23 -0.82 8.72
C GLY A 89 11.13 -1.60 7.43
N ASN A 90 10.87 -2.90 7.55
CA ASN A 90 10.76 -3.77 6.38
C ASN A 90 9.49 -3.44 5.58
N TRP A 91 9.42 -3.95 4.36
CA TRP A 91 8.28 -3.70 3.50
C TRP A 91 7.35 -4.92 3.47
N SER A 92 6.06 -4.67 3.59
CA SER A 92 5.07 -5.75 3.58
C SER A 92 4.96 -6.38 2.20
N ASP A 93 4.56 -7.64 2.16
CA ASP A 93 4.41 -8.36 0.90
C ASP A 93 3.73 -7.49 -0.15
N SER A 94 4.52 -6.95 -1.07
CA SER A 94 3.99 -6.10 -2.14
C SER A 94 3.06 -6.88 -3.05
N LYS A 95 1.85 -6.34 -3.25
CA LYS A 95 0.86 -6.99 -4.11
C LYS A 95 0.57 -6.13 -5.33
N SER A 96 -0.10 -6.73 -6.31
CA SER A 96 -0.45 -6.02 -7.54
C SER A 96 -1.95 -6.07 -7.79
N ILE A 97 -2.52 -4.93 -8.17
CA ILE A 97 -3.95 -4.84 -8.44
C ILE A 97 -4.22 -4.00 -9.69
N THR A 98 -5.11 -4.49 -10.54
CA THR A 98 -5.46 -3.80 -11.77
C THR A 98 -6.62 -2.83 -11.54
N THR A 99 -6.34 -1.53 -11.60
CA THR A 99 -7.36 -0.52 -11.40
C THR A 99 -8.52 -0.71 -12.36
N ILE A 100 -9.57 0.09 -12.19
CA ILE A 100 -10.75 0.01 -13.05
C ILE A 100 -11.15 1.39 -13.55
N LYS A 101 -11.97 1.41 -14.60
CA LYS A 101 -12.44 2.67 -15.19
C LYS A 101 -13.93 2.85 -14.95
N GLY A 102 -14.29 3.36 -13.78
CA GLY A 102 -15.69 3.59 -13.45
C GLY A 102 -16.39 2.31 -13.02
N SER A 103 -17.62 2.45 -12.56
CA SER A 103 -18.41 1.29 -12.12
C SER A 103 -19.58 1.03 -13.06
N GLY A 104 -20.23 -0.12 -12.87
CA GLY A 104 -21.36 -0.46 -13.71
C GLY A 104 -21.39 -1.94 -14.04
N PRO A 105 -21.88 -2.75 -13.09
CA PRO A 105 -21.97 -4.21 -13.25
C PRO A 105 -23.04 -4.60 -14.27
N SER A 106 -24.08 -3.78 -14.38
CA SER A 106 -25.17 -4.04 -15.31
C SER A 106 -24.76 -3.68 -16.74
N SER A 107 -25.02 -4.61 -17.67
CA SER A 107 -24.68 -4.39 -19.07
C SER A 107 -25.86 -3.79 -19.83
N GLY A 108 -25.55 -2.97 -20.83
CA GLY A 108 -26.60 -2.34 -21.63
C GLY A 108 -26.47 -0.83 -21.65
N GLY A 1 21.99 -1.66 6.75
CA GLY A 1 20.65 -1.70 7.30
C GLY A 1 20.03 -3.08 7.23
N SER A 2 18.93 -3.20 6.50
CA SER A 2 18.24 -4.48 6.36
C SER A 2 18.15 -4.89 4.90
N SER A 3 18.90 -5.91 4.52
CA SER A 3 18.90 -6.41 3.15
C SER A 3 17.77 -7.41 2.93
N GLY A 4 16.59 -6.90 2.59
CA GLY A 4 15.45 -7.76 2.36
C GLY A 4 15.38 -8.90 3.34
N SER A 5 14.68 -8.69 4.46
CA SER A 5 14.55 -9.71 5.48
C SER A 5 13.11 -9.77 6.01
N SER A 6 12.59 -10.98 6.16
CA SER A 6 11.23 -11.17 6.64
C SER A 6 11.12 -10.77 8.11
N GLY A 7 10.10 -9.97 8.41
CA GLY A 7 9.90 -9.51 9.78
C GLY A 7 8.48 -9.06 10.04
N PRO A 8 7.98 -9.31 11.26
CA PRO A 8 6.63 -8.94 11.65
C PRO A 8 6.46 -7.43 11.80
N ASP A 9 7.56 -6.74 12.06
CA ASP A 9 7.54 -5.28 12.21
C ASP A 9 6.61 -4.64 11.18
N ALA A 10 6.61 -5.20 9.97
CA ALA A 10 5.77 -4.68 8.89
C ALA A 10 4.33 -5.19 9.03
N PRO A 11 3.40 -4.51 8.35
CA PRO A 11 1.98 -4.86 8.38
C PRO A 11 1.69 -6.17 7.65
N ARG A 12 0.42 -6.56 7.61
CA ARG A 12 0.03 -7.79 6.93
C ARG A 12 -1.38 -7.67 6.36
N ASN A 13 -1.80 -8.68 5.61
CA ASN A 13 -3.13 -8.68 5.00
C ASN A 13 -3.30 -7.46 4.09
N LEU A 14 -2.38 -7.30 3.15
CA LEU A 14 -2.43 -6.18 2.21
C LEU A 14 -3.50 -6.42 1.14
N GLN A 15 -4.58 -5.65 1.22
CA GLN A 15 -5.67 -5.78 0.25
C GLN A 15 -5.98 -4.43 -0.39
N LEU A 16 -5.66 -4.30 -1.67
CA LEU A 16 -5.91 -3.07 -2.41
C LEU A 16 -7.28 -3.09 -3.06
N SER A 17 -8.06 -2.03 -2.83
CA SER A 17 -9.40 -1.93 -3.40
C SER A 17 -9.58 -0.60 -4.13
N LEU A 18 -10.77 -0.40 -4.69
CA LEU A 18 -11.07 0.83 -5.41
C LEU A 18 -12.36 1.47 -4.90
N PRO A 19 -12.36 2.80 -4.79
CA PRO A 19 -13.53 3.55 -4.33
C PRO A 19 -14.68 3.53 -5.32
N ARG A 20 -15.87 3.18 -4.85
CA ARG A 20 -17.04 3.12 -5.70
C ARG A 20 -17.52 4.52 -6.09
N GLU A 21 -16.79 5.53 -5.61
CA GLU A 21 -17.13 6.91 -5.89
C GLU A 21 -15.90 7.71 -6.27
N ALA A 22 -14.92 7.04 -6.85
CA ALA A 22 -13.67 7.68 -7.26
C ALA A 22 -12.96 6.86 -8.33
N GLU A 23 -12.57 7.52 -9.41
CA GLU A 23 -11.88 6.85 -10.51
C GLU A 23 -10.38 7.10 -10.44
N GLY A 24 -9.60 6.14 -10.94
CA GLY A 24 -8.15 6.27 -10.92
C GLY A 24 -7.60 6.35 -9.51
N VAL A 25 -8.33 5.78 -8.56
CA VAL A 25 -7.90 5.78 -7.17
C VAL A 25 -7.85 4.36 -6.60
N ILE A 26 -6.80 4.06 -5.86
CA ILE A 26 -6.64 2.75 -5.25
C ILE A 26 -6.52 2.84 -3.74
N VAL A 27 -7.49 2.27 -3.03
CA VAL A 27 -7.49 2.28 -1.57
C VAL A 27 -6.80 1.05 -1.01
N GLY A 28 -5.55 1.23 -0.59
CA GLY A 28 -4.80 0.12 -0.03
C GLY A 28 -5.01 -0.04 1.46
N HIS A 29 -5.28 -1.26 1.90
CA HIS A 29 -5.50 -1.54 3.31
C HIS A 29 -4.50 -2.57 3.83
N TRP A 30 -4.34 -2.61 5.15
CA TRP A 30 -3.41 -3.55 5.78
C TRP A 30 -3.70 -3.70 7.26
N ALA A 31 -2.96 -4.58 7.92
CA ALA A 31 -3.13 -4.81 9.35
C ALA A 31 -1.87 -4.45 10.13
N PRO A 32 -2.01 -4.28 11.44
CA PRO A 32 -0.89 -3.93 12.32
C PRO A 32 0.09 -5.08 12.49
N PRO A 33 1.37 -4.75 12.72
CA PRO A 33 2.44 -5.74 12.90
C PRO A 33 2.30 -6.50 14.21
N ILE A 34 2.74 -7.76 14.21
CA ILE A 34 2.67 -8.59 15.40
C ILE A 34 3.53 -8.02 16.52
N HIS A 35 4.80 -7.79 16.21
CA HIS A 35 5.73 -7.24 17.20
C HIS A 35 6.73 -6.30 16.54
N THR A 36 6.72 -5.04 16.95
CA THR A 36 7.62 -4.04 16.39
C THR A 36 8.72 -3.68 17.39
N HIS A 37 9.86 -3.22 16.87
CA HIS A 37 10.98 -2.84 17.72
C HIS A 37 10.57 -1.79 18.74
N GLY A 38 9.83 -0.78 18.28
CA GLY A 38 9.38 0.28 19.16
C GLY A 38 8.05 0.86 18.74
N LEU A 39 7.53 1.81 19.52
CA LEU A 39 6.25 2.44 19.21
C LEU A 39 6.16 2.82 17.75
N ILE A 40 5.12 2.35 17.08
CA ILE A 40 4.92 2.64 15.66
C ILE A 40 4.45 4.08 15.46
N ARG A 41 5.32 4.92 14.92
CA ARG A 41 4.99 6.32 14.68
C ARG A 41 3.92 6.44 13.60
N GLU A 42 4.09 5.70 12.51
CA GLU A 42 3.14 5.73 11.40
C GLU A 42 3.47 4.67 10.36
N TYR A 43 2.60 4.51 9.38
CA TYR A 43 2.81 3.53 8.32
C TYR A 43 2.89 4.20 6.96
N ILE A 44 4.00 3.99 6.26
CA ILE A 44 4.21 4.58 4.95
C ILE A 44 3.77 3.62 3.84
N VAL A 45 3.24 4.17 2.76
CA VAL A 45 2.79 3.37 1.63
C VAL A 45 3.52 3.77 0.35
N GLU A 46 4.10 2.78 -0.33
CA GLU A 46 4.83 3.03 -1.57
C GLU A 46 4.17 2.28 -2.73
N TYR A 47 3.89 3.00 -3.80
CA TYR A 47 3.27 2.41 -4.99
C TYR A 47 4.00 2.83 -6.25
N SER A 48 3.90 2.01 -7.29
CA SER A 48 4.55 2.28 -8.56
C SER A 48 3.91 1.50 -9.69
N ARG A 49 3.65 2.17 -10.81
CA ARG A 49 3.03 1.52 -11.96
C ARG A 49 3.93 0.43 -12.52
N SER A 50 3.36 -0.75 -12.73
CA SER A 50 4.11 -1.88 -13.25
C SER A 50 4.94 -1.47 -14.45
N GLY A 51 6.18 -1.04 -14.20
CA GLY A 51 7.06 -0.63 -15.27
C GLY A 51 7.56 0.80 -15.08
N SER A 52 8.22 1.05 -13.97
CA SER A 52 8.75 2.38 -13.67
C SER A 52 9.76 2.33 -12.54
N LYS A 53 10.73 3.24 -12.57
CA LYS A 53 11.77 3.29 -11.55
C LYS A 53 11.48 4.41 -10.54
N MET A 54 10.22 4.81 -10.46
CA MET A 54 9.80 5.86 -9.54
C MET A 54 8.66 5.39 -8.66
N TRP A 55 8.92 5.28 -7.35
CA TRP A 55 7.91 4.85 -6.41
C TRP A 55 7.45 6.00 -5.52
N ALA A 56 6.15 6.26 -5.52
CA ALA A 56 5.59 7.34 -4.72
C ALA A 56 5.36 6.89 -3.27
N SER A 57 5.97 7.61 -2.34
CA SER A 57 5.84 7.28 -0.92
C SER A 57 4.99 8.33 -0.20
N GLN A 58 4.17 7.86 0.74
CA GLN A 58 3.30 8.76 1.50
C GLN A 58 2.97 8.16 2.86
N ARG A 59 2.83 9.02 3.87
CA ARG A 59 2.50 8.58 5.21
C ARG A 59 1.00 8.33 5.36
N ALA A 60 0.66 7.31 6.14
CA ALA A 60 -0.75 6.97 6.37
C ALA A 60 -1.06 6.91 7.86
N ALA A 61 -1.98 7.78 8.29
CA ALA A 61 -2.38 7.82 9.70
C ALA A 61 -2.92 6.48 10.16
N SER A 62 -3.96 6.00 9.49
CA SER A 62 -4.58 4.73 9.84
C SER A 62 -3.94 3.58 9.07
N ASN A 63 -4.48 2.38 9.23
CA ASN A 63 -3.97 1.21 8.55
C ASN A 63 -4.49 1.12 7.12
N PHE A 64 -4.46 2.25 6.42
CA PHE A 64 -4.94 2.30 5.04
C PHE A 64 -4.60 3.64 4.40
N THR A 65 -4.67 3.70 3.08
CA THR A 65 -4.36 4.91 2.34
C THR A 65 -5.14 4.98 1.03
N GLU A 66 -5.19 6.17 0.44
CA GLU A 66 -5.90 6.36 -0.82
C GLU A 66 -4.99 6.96 -1.89
N ILE A 67 -4.56 6.12 -2.82
CA ILE A 67 -3.68 6.57 -3.89
C ILE A 67 -4.49 7.05 -5.09
N LYS A 68 -4.62 8.37 -5.23
CA LYS A 68 -5.36 8.95 -6.34
C LYS A 68 -4.42 9.32 -7.49
N ASN A 69 -4.99 9.88 -8.55
CA ASN A 69 -4.19 10.27 -9.71
C ASN A 69 -3.57 9.05 -10.38
N LEU A 70 -4.40 8.06 -10.68
CA LEU A 70 -3.92 6.83 -11.33
C LEU A 70 -4.63 6.61 -12.67
N LEU A 71 -4.14 5.64 -13.43
CA LEU A 71 -4.72 5.33 -14.73
C LEU A 71 -5.62 4.09 -14.64
N VAL A 72 -6.88 4.26 -15.02
CA VAL A 72 -7.83 3.16 -14.99
C VAL A 72 -7.36 2.00 -15.86
N ASN A 73 -7.72 0.78 -15.47
CA ASN A 73 -7.35 -0.41 -16.22
C ASN A 73 -5.82 -0.51 -16.32
N THR A 74 -5.15 -0.34 -15.20
CA THR A 74 -3.69 -0.42 -15.16
C THR A 74 -3.21 -1.09 -13.88
N LEU A 75 -2.23 -1.97 -14.01
CA LEU A 75 -1.67 -2.68 -12.85
C LEU A 75 -0.85 -1.74 -11.99
N TYR A 76 -0.99 -1.86 -10.68
CA TYR A 76 -0.26 -1.03 -9.73
C TYR A 76 0.23 -1.84 -8.54
N THR A 77 1.52 -1.73 -8.24
CA THR A 77 2.11 -2.46 -7.12
C THR A 77 2.25 -1.56 -5.90
N VAL A 78 1.54 -1.92 -4.82
CA VAL A 78 1.58 -1.14 -3.59
C VAL A 78 2.26 -1.94 -2.47
N ARG A 79 2.70 -1.23 -1.44
CA ARG A 79 3.37 -1.86 -0.31
C ARG A 79 3.40 -0.93 0.89
N VAL A 80 3.06 -1.47 2.06
CA VAL A 80 3.05 -0.69 3.29
C VAL A 80 4.21 -1.06 4.20
N ALA A 81 4.69 -0.11 4.99
CA ALA A 81 5.79 -0.34 5.91
C ALA A 81 5.57 0.36 7.23
N ALA A 82 5.87 -0.32 8.33
CA ALA A 82 5.70 0.24 9.66
C ALA A 82 6.92 1.06 10.07
N VAL A 83 6.71 2.34 10.34
CA VAL A 83 7.79 3.23 10.75
C VAL A 83 7.93 3.29 12.26
N THR A 84 9.15 3.40 12.74
CA THR A 84 9.42 3.47 14.18
C THR A 84 10.32 4.66 14.52
N SER A 85 10.54 4.87 15.81
CA SER A 85 11.38 5.96 16.27
C SER A 85 12.55 6.20 15.31
N ARG A 86 13.29 5.12 15.04
CA ARG A 86 14.43 5.21 14.13
C ARG A 86 14.00 5.60 12.73
N GLY A 87 13.20 4.74 12.10
CA GLY A 87 12.72 5.01 10.76
C GLY A 87 11.92 3.86 10.18
N ILE A 88 11.82 3.83 8.85
CA ILE A 88 11.07 2.77 8.18
C ILE A 88 11.74 1.42 8.36
N GLY A 89 10.94 0.36 8.47
CA GLY A 89 11.47 -0.97 8.65
C GLY A 89 11.26 -1.85 7.42
N ASN A 90 11.04 -3.14 7.66
CA ASN A 90 10.81 -4.08 6.57
C ASN A 90 9.62 -3.66 5.72
N TRP A 91 9.45 -4.32 4.59
CA TRP A 91 8.34 -4.02 3.69
C TRP A 91 7.35 -5.18 3.63
N SER A 92 6.06 -4.86 3.66
CA SER A 92 5.02 -5.88 3.62
C SER A 92 4.95 -6.52 2.23
N ASP A 93 4.43 -7.75 2.18
CA ASP A 93 4.30 -8.47 0.93
C ASP A 93 3.65 -7.60 -0.14
N SER A 94 4.47 -6.90 -0.91
CA SER A 94 3.97 -6.02 -1.95
C SER A 94 3.03 -6.78 -2.89
N LYS A 95 1.84 -6.24 -3.11
CA LYS A 95 0.85 -6.85 -3.98
C LYS A 95 0.58 -5.98 -5.20
N SER A 96 -0.24 -6.49 -6.12
CA SER A 96 -0.58 -5.76 -7.32
C SER A 96 -2.09 -5.78 -7.57
N ILE A 97 -2.60 -4.70 -8.14
CA ILE A 97 -4.03 -4.60 -8.44
C ILE A 97 -4.27 -3.87 -9.76
N THR A 98 -5.13 -4.44 -10.59
CA THR A 98 -5.45 -3.85 -11.89
C THR A 98 -6.67 -2.95 -11.78
N THR A 99 -6.44 -1.63 -11.80
CA THR A 99 -7.52 -0.66 -11.71
C THR A 99 -8.59 -0.94 -12.75
N ILE A 100 -9.72 -0.23 -12.65
CA ILE A 100 -10.82 -0.39 -13.59
C ILE A 100 -11.39 0.96 -14.01
N LYS A 101 -12.01 0.98 -15.19
CA LYS A 101 -12.62 2.21 -15.70
C LYS A 101 -14.13 2.19 -15.52
N GLY A 102 -14.58 2.61 -14.35
CA GLY A 102 -16.01 2.64 -14.07
C GLY A 102 -16.37 1.89 -12.80
N SER A 103 -17.37 2.39 -12.08
CA SER A 103 -17.80 1.76 -10.84
C SER A 103 -18.72 0.57 -11.12
N GLY A 104 -19.80 0.83 -11.87
CA GLY A 104 -20.73 -0.22 -12.21
C GLY A 104 -21.20 -1.00 -10.98
N PRO A 105 -22.23 -0.47 -10.31
CA PRO A 105 -22.79 -1.10 -9.11
C PRO A 105 -23.53 -2.39 -9.42
N SER A 106 -24.18 -2.97 -8.41
CA SER A 106 -24.92 -4.21 -8.58
C SER A 106 -26.42 -3.98 -8.40
N SER A 107 -26.77 -2.84 -7.82
CA SER A 107 -28.16 -2.51 -7.59
C SER A 107 -28.71 -1.59 -8.70
N GLY A 108 -29.93 -1.86 -9.12
CA GLY A 108 -30.54 -1.06 -10.18
C GLY A 108 -30.74 -1.83 -11.45
N GLY A 1 16.06 -19.49 -0.29
CA GLY A 1 15.27 -19.79 -1.47
C GLY A 1 13.79 -19.55 -1.25
N SER A 2 13.46 -18.47 -0.56
CA SER A 2 12.07 -18.14 -0.28
C SER A 2 11.80 -16.64 -0.53
N SER A 3 10.53 -16.29 -0.57
CA SER A 3 10.14 -14.89 -0.81
C SER A 3 9.09 -14.45 0.20
N GLY A 4 9.30 -14.82 1.47
CA GLY A 4 8.35 -14.45 2.50
C GLY A 4 8.78 -13.20 3.25
N SER A 5 8.04 -12.85 4.30
CA SER A 5 8.33 -11.67 5.09
C SER A 5 9.58 -11.90 5.96
N SER A 6 10.39 -10.87 6.10
CA SER A 6 11.61 -10.95 6.89
C SER A 6 11.30 -10.84 8.38
N GLY A 7 10.55 -9.80 8.74
CA GLY A 7 10.20 -9.59 10.14
C GLY A 7 8.76 -9.15 10.30
N PRO A 8 8.21 -9.35 11.51
CA PRO A 8 6.83 -8.97 11.83
C PRO A 8 6.64 -7.45 11.88
N ASP A 9 7.72 -6.74 12.18
CA ASP A 9 7.67 -5.29 12.26
C ASP A 9 6.75 -4.71 11.19
N ALA A 10 6.76 -5.32 10.02
CA ALA A 10 5.92 -4.87 8.91
C ALA A 10 4.48 -5.36 9.07
N PRO A 11 3.54 -4.64 8.44
CA PRO A 11 2.12 -4.99 8.50
C PRO A 11 1.81 -6.27 7.74
N ARG A 12 0.53 -6.66 7.74
CA ARG A 12 0.10 -7.87 7.05
C ARG A 12 -1.37 -7.74 6.61
N ASN A 13 -1.80 -8.67 5.76
CA ASN A 13 -3.17 -8.68 5.28
C ASN A 13 -3.39 -7.55 4.26
N LEU A 14 -2.36 -7.27 3.48
CA LEU A 14 -2.43 -6.21 2.46
C LEU A 14 -3.50 -6.53 1.43
N GLN A 15 -4.60 -5.78 1.46
CA GLN A 15 -5.69 -5.98 0.53
C GLN A 15 -6.03 -4.69 -0.20
N LEU A 16 -5.75 -4.63 -1.50
CA LEU A 16 -6.02 -3.46 -2.30
C LEU A 16 -7.42 -3.53 -2.92
N SER A 17 -7.98 -2.37 -3.24
CA SER A 17 -9.30 -2.31 -3.85
C SER A 17 -9.47 -1.03 -4.66
N LEU A 18 -10.66 -0.86 -5.25
CA LEU A 18 -10.95 0.32 -6.05
C LEU A 18 -12.18 1.04 -5.52
N PRO A 19 -12.04 2.35 -5.25
CA PRO A 19 -13.14 3.18 -4.74
C PRO A 19 -14.21 3.42 -5.79
N ARG A 20 -15.46 3.17 -5.42
CA ARG A 20 -16.59 3.35 -6.33
C ARG A 20 -16.98 4.83 -6.40
N GLU A 21 -16.33 5.65 -5.60
CA GLU A 21 -16.61 7.08 -5.58
C GLU A 21 -15.36 7.89 -5.94
N ALA A 22 -14.39 7.23 -6.54
CA ALA A 22 -13.15 7.88 -6.94
C ALA A 22 -12.48 7.14 -8.09
N GLU A 23 -12.14 7.86 -9.14
CA GLU A 23 -11.48 7.27 -10.30
C GLU A 23 -9.96 7.38 -10.20
N GLY A 24 -9.26 6.45 -10.82
CA GLY A 24 -7.81 6.46 -10.79
C GLY A 24 -7.27 6.46 -9.37
N VAL A 25 -7.93 5.71 -8.48
CA VAL A 25 -7.50 5.63 -7.09
C VAL A 25 -7.50 4.18 -6.60
N ILE A 26 -6.63 3.89 -5.65
CA ILE A 26 -6.52 2.55 -5.09
C ILE A 26 -6.51 2.58 -3.57
N VAL A 27 -7.51 1.94 -2.97
CA VAL A 27 -7.61 1.90 -1.51
C VAL A 27 -6.92 0.66 -0.95
N GLY A 28 -5.70 0.84 -0.45
CA GLY A 28 -4.95 -0.28 0.10
C GLY A 28 -5.11 -0.37 1.60
N HIS A 29 -5.41 -1.58 2.08
CA HIS A 29 -5.59 -1.82 3.51
C HIS A 29 -4.55 -2.81 4.03
N TRP A 30 -4.48 -2.93 5.35
CA TRP A 30 -3.53 -3.85 5.98
C TRP A 30 -3.82 -4.00 7.47
N ALA A 31 -2.96 -4.72 8.17
CA ALA A 31 -3.12 -4.95 9.60
C ALA A 31 -1.87 -4.54 10.37
N PRO A 32 -2.00 -4.39 11.70
CA PRO A 32 -0.89 -4.01 12.56
C PRO A 32 0.15 -5.12 12.69
N PRO A 33 1.43 -4.72 12.85
CA PRO A 33 2.54 -5.67 13.00
C PRO A 33 2.50 -6.40 14.34
N ILE A 34 2.71 -7.72 14.28
CA ILE A 34 2.70 -8.54 15.49
C ILE A 34 3.56 -7.91 16.58
N HIS A 35 4.74 -7.44 16.20
CA HIS A 35 5.65 -6.82 17.15
C HIS A 35 6.71 -5.98 16.42
N THR A 36 6.81 -4.72 16.80
CA THR A 36 7.78 -3.81 16.19
C THR A 36 8.88 -3.43 17.17
N HIS A 37 10.07 -3.16 16.65
CA HIS A 37 11.20 -2.78 17.48
C HIS A 37 10.80 -1.67 18.46
N GLY A 38 10.24 -0.59 17.92
CA GLY A 38 9.82 0.52 18.75
C GLY A 38 8.41 0.96 18.47
N LEU A 39 7.86 1.81 19.34
CA LEU A 39 6.51 2.31 19.17
C LEU A 39 6.28 2.82 17.75
N ILE A 40 5.20 2.35 17.13
CA ILE A 40 4.87 2.75 15.77
C ILE A 40 4.34 4.19 15.73
N ARG A 41 4.84 4.98 14.78
CA ARG A 41 4.42 6.36 14.64
C ARG A 41 3.47 6.52 13.46
N GLU A 42 3.75 5.83 12.37
CA GLU A 42 2.92 5.89 11.17
C GLU A 42 3.27 4.77 10.20
N TYR A 43 2.51 4.68 9.12
CA TYR A 43 2.74 3.66 8.10
C TYR A 43 2.88 4.27 6.71
N ILE A 44 3.97 3.93 6.03
CA ILE A 44 4.22 4.45 4.70
C ILE A 44 3.64 3.53 3.62
N VAL A 45 3.21 4.12 2.51
CA VAL A 45 2.64 3.34 1.41
C VAL A 45 3.32 3.68 0.10
N GLU A 46 4.16 2.76 -0.38
CA GLU A 46 4.86 2.96 -1.64
C GLU A 46 4.15 2.25 -2.79
N TYR A 47 3.82 3.01 -3.82
CA TYR A 47 3.13 2.46 -4.98
C TYR A 47 3.81 2.90 -6.28
N SER A 48 3.68 2.07 -7.32
CA SER A 48 4.28 2.38 -8.61
C SER A 48 3.60 1.60 -9.72
N ARG A 49 3.58 2.17 -10.92
CA ARG A 49 2.96 1.53 -12.07
C ARG A 49 3.88 0.46 -12.65
N SER A 50 3.34 -0.76 -12.78
CA SER A 50 4.11 -1.87 -13.32
C SER A 50 5.07 -1.40 -14.41
N GLY A 51 6.36 -1.61 -14.19
CA GLY A 51 7.36 -1.20 -15.16
C GLY A 51 7.77 0.24 -14.98
N SER A 52 8.22 0.59 -13.78
CA SER A 52 8.64 1.96 -13.49
C SER A 52 9.64 1.99 -12.33
N LYS A 53 10.76 2.66 -12.55
CA LYS A 53 11.79 2.77 -11.52
C LYS A 53 11.44 3.86 -10.51
N MET A 54 10.25 4.42 -10.64
CA MET A 54 9.80 5.47 -9.73
C MET A 54 8.70 4.96 -8.81
N TRP A 55 8.73 5.38 -7.56
CA TRP A 55 7.74 4.96 -6.58
C TRP A 55 7.34 6.12 -5.67
N ALA A 56 6.04 6.25 -5.41
CA ALA A 56 5.54 7.31 -4.55
C ALA A 56 5.22 6.78 -3.15
N SER A 57 5.81 7.41 -2.14
CA SER A 57 5.58 7.00 -0.76
C SER A 57 4.89 8.11 0.03
N GLN A 58 3.95 7.72 0.89
CA GLN A 58 3.22 8.69 1.71
C GLN A 58 2.89 8.10 3.07
N ARG A 59 2.76 8.97 4.06
CA ARG A 59 2.45 8.54 5.42
C ARG A 59 0.94 8.34 5.60
N ALA A 60 0.57 7.38 6.44
CA ALA A 60 -0.83 7.09 6.70
C ALA A 60 -1.08 6.85 8.18
N ALA A 61 -2.11 7.49 8.71
CA ALA A 61 -2.46 7.36 10.13
C ALA A 61 -3.20 6.04 10.38
N SER A 62 -4.30 5.84 9.67
CA SER A 62 -5.11 4.64 9.82
C SER A 62 -4.43 3.45 9.13
N ASN A 63 -5.06 2.28 9.24
CA ASN A 63 -4.51 1.07 8.63
C ASN A 63 -4.90 0.98 7.16
N PHE A 64 -4.87 2.10 6.47
CA PHE A 64 -5.22 2.15 5.06
C PHE A 64 -4.93 3.53 4.47
N THR A 65 -4.77 3.58 3.14
CA THR A 65 -4.49 4.83 2.46
C THR A 65 -5.18 4.88 1.10
N GLU A 66 -5.37 6.09 0.58
CA GLU A 66 -6.03 6.27 -0.71
C GLU A 66 -5.05 6.85 -1.72
N ILE A 67 -4.50 5.98 -2.58
CA ILE A 67 -3.56 6.40 -3.60
C ILE A 67 -4.28 6.97 -4.81
N LYS A 68 -4.32 8.29 -4.91
CA LYS A 68 -4.98 8.96 -6.03
C LYS A 68 -3.97 9.29 -7.13
N ASN A 69 -4.47 9.84 -8.24
CA ASN A 69 -3.63 10.20 -9.36
C ASN A 69 -3.10 8.96 -10.07
N LEU A 70 -4.01 8.04 -10.40
CA LEU A 70 -3.64 6.81 -11.08
C LEU A 70 -4.37 6.67 -12.41
N LEU A 71 -3.97 5.68 -13.20
CA LEU A 71 -4.61 5.45 -14.51
C LEU A 71 -5.57 4.27 -14.43
N VAL A 72 -6.82 4.51 -14.83
CA VAL A 72 -7.84 3.48 -14.82
C VAL A 72 -7.46 2.31 -15.73
N ASN A 73 -7.78 1.10 -15.30
CA ASN A 73 -7.47 -0.10 -16.08
C ASN A 73 -5.96 -0.27 -16.24
N THR A 74 -5.24 -0.08 -15.14
CA THR A 74 -3.79 -0.21 -15.16
C THR A 74 -3.30 -0.96 -13.93
N LEU A 75 -2.20 -1.69 -14.09
CA LEU A 75 -1.62 -2.47 -13.00
C LEU A 75 -0.76 -1.58 -12.10
N TYR A 76 -1.08 -1.56 -10.80
CA TYR A 76 -0.34 -0.75 -9.85
C TYR A 76 0.08 -1.58 -8.65
N THR A 77 1.37 -1.57 -8.34
CA THR A 77 1.92 -2.32 -7.22
C THR A 77 2.15 -1.42 -6.01
N VAL A 78 1.46 -1.73 -4.91
CA VAL A 78 1.61 -0.94 -3.69
C VAL A 78 2.21 -1.78 -2.56
N ARG A 79 2.87 -1.11 -1.62
CA ARG A 79 3.49 -1.80 -0.50
C ARG A 79 3.50 -0.91 0.75
N VAL A 80 3.14 -1.48 1.88
CA VAL A 80 3.09 -0.74 3.14
C VAL A 80 4.24 -1.17 4.05
N ALA A 81 4.64 -0.26 4.94
CA ALA A 81 5.72 -0.55 5.89
C ALA A 81 5.51 0.22 7.20
N ALA A 82 5.79 -0.45 8.31
CA ALA A 82 5.65 0.18 9.62
C ALA A 82 6.86 1.04 9.96
N VAL A 83 6.61 2.30 10.31
CA VAL A 83 7.67 3.23 10.65
C VAL A 83 7.88 3.29 12.17
N THR A 84 9.13 3.50 12.57
CA THR A 84 9.46 3.58 13.99
C THR A 84 10.31 4.80 14.28
N SER A 85 10.54 5.07 15.57
CA SER A 85 11.34 6.22 15.98
C SER A 85 12.51 6.44 15.03
N ARG A 86 13.32 5.40 14.86
CA ARG A 86 14.48 5.48 13.98
C ARG A 86 14.06 5.86 12.56
N GLY A 87 13.19 5.06 11.97
CA GLY A 87 12.72 5.32 10.62
C GLY A 87 11.92 4.17 10.05
N ILE A 88 11.82 4.14 8.72
CA ILE A 88 11.07 3.07 8.05
C ILE A 88 11.70 1.71 8.31
N GLY A 89 10.87 0.69 8.43
CA GLY A 89 11.36 -0.66 8.67
C GLY A 89 11.20 -1.57 7.46
N ASN A 90 10.82 -2.81 7.72
CA ASN A 90 10.63 -3.78 6.64
C ASN A 90 9.40 -3.44 5.80
N TRP A 91 9.33 -3.98 4.60
CA TRP A 91 8.20 -3.73 3.71
C TRP A 91 7.30 -4.96 3.62
N SER A 92 5.99 -4.72 3.56
CA SER A 92 5.02 -5.79 3.49
C SER A 92 5.00 -6.41 2.09
N ASP A 93 4.30 -7.53 1.95
CA ASP A 93 4.21 -8.22 0.67
C ASP A 93 3.51 -7.35 -0.37
N SER A 94 4.28 -6.77 -1.27
CA SER A 94 3.73 -5.91 -2.31
C SER A 94 2.72 -6.67 -3.17
N LYS A 95 1.52 -6.12 -3.27
CA LYS A 95 0.46 -6.74 -4.06
C LYS A 95 0.15 -5.91 -5.30
N SER A 96 -0.39 -6.56 -6.32
CA SER A 96 -0.73 -5.88 -7.57
C SER A 96 -2.24 -5.79 -7.74
N ILE A 97 -2.68 -4.82 -8.54
CA ILE A 97 -4.10 -4.63 -8.78
C ILE A 97 -4.34 -3.80 -10.05
N THR A 98 -5.36 -4.17 -10.80
CA THR A 98 -5.69 -3.47 -12.04
C THR A 98 -6.83 -2.49 -11.83
N THR A 99 -6.49 -1.21 -11.66
CA THR A 99 -7.50 -0.17 -11.45
C THR A 99 -8.69 -0.36 -12.38
N ILE A 100 -9.79 0.29 -12.05
CA ILE A 100 -11.01 0.20 -12.86
C ILE A 100 -11.50 1.58 -13.28
N LYS A 101 -12.27 1.63 -14.35
CA LYS A 101 -12.81 2.88 -14.86
C LYS A 101 -13.97 3.37 -14.00
N GLY A 102 -13.77 3.37 -12.68
CA GLY A 102 -14.80 3.81 -11.77
C GLY A 102 -16.04 2.93 -11.84
N SER A 103 -17.19 3.54 -12.14
CA SER A 103 -18.45 2.81 -12.22
C SER A 103 -18.69 2.31 -13.64
N GLY A 104 -18.60 3.23 -14.61
CA GLY A 104 -18.81 2.87 -15.99
C GLY A 104 -19.23 4.05 -16.85
N PRO A 105 -19.07 3.92 -18.16
CA PRO A 105 -19.43 4.98 -19.12
C PRO A 105 -20.94 5.19 -19.22
N SER A 106 -21.70 4.21 -18.72
CA SER A 106 -23.15 4.29 -18.75
C SER A 106 -23.74 4.27 -17.35
N SER A 107 -24.14 5.45 -16.86
CA SER A 107 -24.70 5.58 -15.53
C SER A 107 -26.23 5.56 -15.58
N GLY A 108 -26.82 4.57 -14.93
CA GLY A 108 -28.27 4.45 -14.91
C GLY A 108 -28.74 3.04 -14.69
N GLY A 1 23.80 -10.14 5.26
CA GLY A 1 24.38 -11.11 4.35
C GLY A 1 23.36 -11.74 3.43
N SER A 2 22.42 -12.47 4.01
CA SER A 2 21.38 -13.13 3.23
C SER A 2 20.01 -12.96 3.89
N SER A 3 18.96 -13.05 3.08
CA SER A 3 17.60 -12.91 3.60
C SER A 3 17.33 -13.89 4.73
N GLY A 4 16.85 -13.37 5.85
CA GLY A 4 16.56 -14.21 7.00
C GLY A 4 15.08 -14.54 7.12
N SER A 5 14.49 -14.19 8.25
CA SER A 5 13.08 -14.46 8.49
C SER A 5 12.25 -13.18 8.38
N SER A 6 11.01 -13.32 7.94
CA SER A 6 10.11 -12.18 7.79
C SER A 6 9.62 -11.68 9.14
N GLY A 7 10.28 -10.65 9.66
CA GLY A 7 9.89 -10.10 10.94
C GLY A 7 8.51 -9.49 10.92
N PRO A 8 7.79 -9.60 12.05
CA PRO A 8 6.43 -9.07 12.18
C PRO A 8 6.40 -7.54 12.20
N ASP A 9 7.59 -6.94 12.30
CA ASP A 9 7.71 -5.49 12.34
C ASP A 9 6.78 -4.84 11.31
N ALA A 10 6.79 -5.38 10.09
CA ALA A 10 5.96 -4.86 9.02
C ALA A 10 4.51 -5.31 9.18
N PRO A 11 3.59 -4.60 8.52
CA PRO A 11 2.16 -4.91 8.57
C PRO A 11 1.81 -6.21 7.85
N ARG A 12 0.57 -6.63 7.96
CA ARG A 12 0.11 -7.85 7.31
C ARG A 12 -1.31 -7.70 6.79
N ASN A 13 -1.78 -8.71 6.06
CA ASN A 13 -3.13 -8.68 5.50
C ASN A 13 -3.29 -7.50 4.54
N LEU A 14 -2.37 -7.39 3.58
CA LEU A 14 -2.41 -6.32 2.60
C LEU A 14 -3.50 -6.56 1.57
N GLN A 15 -4.63 -5.88 1.72
CA GLN A 15 -5.74 -6.03 0.79
C GLN A 15 -6.07 -4.71 0.12
N LEU A 16 -5.86 -4.64 -1.19
CA LEU A 16 -6.13 -3.43 -1.96
C LEU A 16 -7.57 -3.40 -2.44
N SER A 17 -8.01 -2.24 -2.92
CA SER A 17 -9.37 -2.09 -3.41
C SER A 17 -9.48 -0.84 -4.28
N LEU A 18 -10.69 -0.60 -4.79
CA LEU A 18 -10.93 0.56 -5.65
C LEU A 18 -12.30 1.18 -5.36
N PRO A 19 -12.31 2.47 -5.03
CA PRO A 19 -13.54 3.21 -4.72
C PRO A 19 -14.42 3.41 -5.95
N ARG A 20 -15.46 2.61 -6.06
CA ARG A 20 -16.38 2.70 -7.20
C ARG A 20 -16.88 4.12 -7.37
N GLU A 21 -16.72 4.94 -6.33
CA GLU A 21 -17.16 6.33 -6.38
C GLU A 21 -16.08 7.22 -7.01
N ALA A 22 -14.82 6.86 -6.79
CA ALA A 22 -13.70 7.61 -7.33
C ALA A 22 -12.97 6.83 -8.41
N GLU A 23 -12.26 7.54 -9.28
CA GLU A 23 -11.52 6.89 -10.37
C GLU A 23 -10.02 7.02 -10.13
N GLY A 24 -9.25 6.24 -10.90
CA GLY A 24 -7.80 6.27 -10.76
C GLY A 24 -7.36 6.38 -9.31
N VAL A 25 -8.03 5.63 -8.44
CA VAL A 25 -7.70 5.63 -7.02
C VAL A 25 -7.66 4.22 -6.46
N ILE A 26 -6.64 3.94 -5.64
CA ILE A 26 -6.50 2.62 -5.04
C ILE A 26 -6.50 2.71 -3.52
N VAL A 27 -7.23 1.81 -2.87
CA VAL A 27 -7.32 1.79 -1.42
C VAL A 27 -6.60 0.57 -0.85
N GLY A 28 -5.39 0.79 -0.34
CA GLY A 28 -4.63 -0.30 0.23
C GLY A 28 -4.81 -0.42 1.73
N HIS A 29 -5.24 -1.59 2.18
CA HIS A 29 -5.46 -1.83 3.60
C HIS A 29 -4.44 -2.82 4.16
N TRP A 30 -4.29 -2.84 5.47
CA TRP A 30 -3.35 -3.74 6.13
C TRP A 30 -3.64 -3.85 7.61
N ALA A 31 -2.83 -4.63 8.32
CA ALA A 31 -2.99 -4.81 9.75
C ALA A 31 -1.70 -4.46 10.51
N PRO A 32 -1.84 -4.21 11.82
CA PRO A 32 -0.71 -3.85 12.67
C PRO A 32 0.25 -5.02 12.89
N PRO A 33 1.55 -4.71 13.01
CA PRO A 33 2.58 -5.72 13.23
C PRO A 33 2.51 -6.35 14.62
N ILE A 34 2.79 -7.65 14.69
CA ILE A 34 2.74 -8.36 15.95
C ILE A 34 3.66 -7.73 16.99
N HIS A 35 4.79 -7.19 16.52
CA HIS A 35 5.75 -6.53 17.39
C HIS A 35 6.69 -5.64 16.60
N THR A 36 7.15 -4.57 17.24
CA THR A 36 8.06 -3.63 16.59
C THR A 36 9.10 -3.09 17.57
N HIS A 37 10.33 -2.91 17.10
CA HIS A 37 11.40 -2.41 17.93
C HIS A 37 10.91 -1.32 18.86
N GLY A 38 10.25 -0.31 18.30
CA GLY A 38 9.73 0.78 19.10
C GLY A 38 8.34 1.20 18.67
N LEU A 39 7.70 2.04 19.49
CA LEU A 39 6.36 2.51 19.19
C LEU A 39 6.23 2.92 17.71
N ILE A 40 5.14 2.50 17.08
CA ILE A 40 4.91 2.83 15.68
C ILE A 40 4.35 4.23 15.52
N ARG A 41 5.11 5.09 14.85
CA ARG A 41 4.69 6.47 14.63
C ARG A 41 3.62 6.55 13.55
N GLU A 42 3.85 5.87 12.43
CA GLU A 42 2.91 5.86 11.32
C GLU A 42 3.25 4.76 10.32
N TYR A 43 2.44 4.63 9.28
CA TYR A 43 2.65 3.62 8.26
C TYR A 43 2.83 4.26 6.89
N ILE A 44 3.92 3.91 6.21
CA ILE A 44 4.22 4.46 4.90
C ILE A 44 3.69 3.54 3.79
N VAL A 45 3.25 4.13 2.70
CA VAL A 45 2.73 3.35 1.57
C VAL A 45 3.41 3.75 0.27
N GLU A 46 4.09 2.79 -0.35
CA GLU A 46 4.79 3.04 -1.61
C GLU A 46 4.08 2.37 -2.77
N TYR A 47 3.82 3.13 -3.82
CA TYR A 47 3.14 2.61 -5.00
C TYR A 47 3.88 3.01 -6.28
N SER A 48 3.80 2.15 -7.29
CA SER A 48 4.46 2.41 -8.56
C SER A 48 3.77 1.66 -9.69
N ARG A 49 3.79 2.25 -10.89
CA ARG A 49 3.17 1.64 -12.05
C ARG A 49 4.02 0.48 -12.58
N SER A 50 3.42 -0.71 -12.68
CA SER A 50 4.13 -1.88 -13.16
C SER A 50 4.82 -1.60 -14.48
N GLY A 51 6.06 -1.10 -14.39
CA GLY A 51 6.81 -0.79 -15.59
C GLY A 51 7.54 0.53 -15.49
N SER A 52 8.03 0.84 -14.29
CA SER A 52 8.74 2.10 -14.06
C SER A 52 9.49 2.06 -12.74
N LYS A 53 10.59 2.80 -12.67
CA LYS A 53 11.40 2.86 -11.44
C LYS A 53 11.00 4.06 -10.59
N MET A 54 9.71 4.39 -10.59
CA MET A 54 9.21 5.51 -9.81
C MET A 54 8.21 5.04 -8.76
N TRP A 55 8.50 5.36 -7.50
CA TRP A 55 7.63 4.97 -6.40
C TRP A 55 7.32 6.15 -5.50
N ALA A 56 6.04 6.43 -5.30
CA ALA A 56 5.61 7.54 -4.46
C ALA A 56 5.23 7.05 -3.07
N SER A 57 5.92 7.58 -2.06
CA SER A 57 5.65 7.19 -0.67
C SER A 57 4.91 8.31 0.06
N GLN A 58 3.98 7.91 0.93
CA GLN A 58 3.20 8.87 1.70
C GLN A 58 2.90 8.34 3.09
N ARG A 59 2.53 9.23 4.01
CA ARG A 59 2.23 8.86 5.38
C ARG A 59 0.74 8.54 5.54
N ALA A 60 0.44 7.51 6.32
CA ALA A 60 -0.94 7.12 6.55
C ALA A 60 -1.23 6.98 8.04
N ALA A 61 -2.22 7.72 8.53
CA ALA A 61 -2.59 7.69 9.93
C ALA A 61 -3.18 6.35 10.31
N SER A 62 -4.19 5.91 9.56
CA SER A 62 -4.85 4.64 9.82
C SER A 62 -4.16 3.51 9.08
N ASN A 63 -4.67 2.29 9.23
CA ASN A 63 -4.10 1.12 8.57
C ASN A 63 -4.59 1.03 7.13
N PHE A 64 -4.54 2.15 6.42
CA PHE A 64 -4.98 2.18 5.03
C PHE A 64 -4.67 3.54 4.40
N THR A 65 -4.83 3.63 3.08
CA THR A 65 -4.58 4.86 2.36
C THR A 65 -5.31 4.88 1.02
N GLU A 66 -5.25 6.03 0.34
CA GLU A 66 -5.91 6.17 -0.95
C GLU A 66 -4.96 6.78 -1.98
N ILE A 67 -4.42 5.93 -2.85
CA ILE A 67 -3.50 6.38 -3.88
C ILE A 67 -4.25 6.94 -5.09
N LYS A 68 -4.32 8.26 -5.18
CA LYS A 68 -5.01 8.91 -6.29
C LYS A 68 -4.04 9.26 -7.40
N ASN A 69 -4.53 9.93 -8.43
CA ASN A 69 -3.71 10.32 -9.57
C ASN A 69 -3.16 9.09 -10.29
N LEU A 70 -4.04 8.16 -10.61
CA LEU A 70 -3.64 6.93 -11.30
C LEU A 70 -4.33 6.83 -12.66
N LEU A 71 -3.92 5.84 -13.45
CA LEU A 71 -4.49 5.63 -14.77
C LEU A 71 -5.45 4.44 -14.77
N VAL A 72 -6.69 4.70 -15.17
CA VAL A 72 -7.71 3.65 -15.21
C VAL A 72 -7.24 2.47 -16.04
N ASN A 73 -7.65 1.27 -15.62
CA ASN A 73 -7.26 0.04 -16.33
C ASN A 73 -5.75 -0.08 -16.41
N THR A 74 -5.08 0.12 -15.28
CA THR A 74 -3.62 0.03 -15.24
C THR A 74 -3.16 -0.70 -13.99
N LEU A 75 -2.18 -1.59 -14.15
CA LEU A 75 -1.65 -2.35 -13.03
C LEU A 75 -0.79 -1.48 -12.13
N TYR A 76 -1.06 -1.52 -10.83
CA TYR A 76 -0.33 -0.72 -9.86
C TYR A 76 0.10 -1.57 -8.67
N THR A 77 1.38 -1.52 -8.33
CA THR A 77 1.92 -2.28 -7.21
C THR A 77 2.15 -1.39 -6.00
N VAL A 78 1.46 -1.69 -4.91
CA VAL A 78 1.59 -0.92 -3.68
C VAL A 78 2.19 -1.76 -2.56
N ARG A 79 2.85 -1.10 -1.62
CA ARG A 79 3.46 -1.79 -0.49
C ARG A 79 3.41 -0.93 0.77
N VAL A 80 3.18 -1.58 1.91
CA VAL A 80 3.11 -0.88 3.19
C VAL A 80 4.24 -1.30 4.12
N ALA A 81 4.73 -0.35 4.92
CA ALA A 81 5.80 -0.63 5.86
C ALA A 81 5.58 0.11 7.18
N ALA A 82 5.81 -0.59 8.28
CA ALA A 82 5.63 -0.01 9.61
C ALA A 82 6.84 0.84 9.99
N VAL A 83 6.59 2.09 10.34
CA VAL A 83 7.66 3.01 10.73
C VAL A 83 7.80 3.07 12.25
N THR A 84 9.05 3.13 12.72
CA THR A 84 9.31 3.19 14.15
C THR A 84 10.21 4.38 14.49
N SER A 85 10.43 4.61 15.78
CA SER A 85 11.27 5.71 16.23
C SER A 85 12.49 5.88 15.33
N ARG A 86 13.16 4.76 15.06
CA ARG A 86 14.35 4.78 14.22
C ARG A 86 14.01 5.21 12.80
N GLY A 87 13.31 4.34 12.07
CA GLY A 87 12.92 4.65 10.71
C GLY A 87 12.06 3.57 10.09
N ILE A 88 12.09 3.49 8.76
CA ILE A 88 11.30 2.49 8.05
C ILE A 88 11.95 1.10 8.14
N GLY A 89 11.11 0.07 8.22
CA GLY A 89 11.62 -1.28 8.31
C GLY A 89 11.34 -2.08 7.05
N ASN A 90 11.10 -3.37 7.22
CA ASN A 90 10.82 -4.26 6.09
C ASN A 90 9.55 -3.83 5.37
N TRP A 91 9.42 -4.25 4.12
CA TRP A 91 8.24 -3.91 3.31
C TRP A 91 7.28 -5.09 3.25
N SER A 92 6.00 -4.82 3.47
CA SER A 92 4.97 -5.86 3.44
C SER A 92 4.95 -6.54 2.07
N ASP A 93 4.18 -7.62 1.98
CA ASP A 93 4.06 -8.37 0.73
C ASP A 93 3.33 -7.55 -0.33
N SER A 94 4.08 -6.72 -1.04
CA SER A 94 3.50 -5.87 -2.09
C SER A 94 2.36 -6.59 -2.79
N LYS A 95 1.41 -5.81 -3.30
CA LYS A 95 0.26 -6.38 -4.01
C LYS A 95 -0.05 -5.57 -5.26
N SER A 96 -0.50 -6.25 -6.31
CA SER A 96 -0.83 -5.61 -7.57
C SER A 96 -2.35 -5.49 -7.74
N ILE A 97 -2.78 -4.48 -8.49
CA ILE A 97 -4.20 -4.27 -8.74
C ILE A 97 -4.42 -3.48 -10.02
N THR A 98 -5.36 -3.94 -10.84
CA THR A 98 -5.66 -3.27 -12.10
C THR A 98 -6.85 -2.32 -11.94
N THR A 99 -6.55 -1.02 -11.84
CA THR A 99 -7.60 -0.02 -11.68
C THR A 99 -8.73 -0.23 -12.69
N ILE A 100 -9.81 0.52 -12.53
CA ILE A 100 -10.95 0.42 -13.42
C ILE A 100 -11.40 1.79 -13.89
N LYS A 101 -11.87 1.86 -15.14
CA LYS A 101 -12.34 3.12 -15.71
C LYS A 101 -13.81 3.36 -15.37
N GLY A 102 -14.09 3.54 -14.08
CA GLY A 102 -15.45 3.79 -13.65
C GLY A 102 -16.47 3.03 -14.48
N SER A 103 -17.66 3.60 -14.63
CA SER A 103 -18.73 2.97 -15.40
C SER A 103 -18.80 3.56 -16.81
N GLY A 104 -18.84 2.69 -17.80
CA GLY A 104 -18.91 3.14 -19.18
C GLY A 104 -19.69 2.19 -20.07
N PRO A 105 -19.04 1.08 -20.46
CA PRO A 105 -19.66 0.06 -21.32
C PRO A 105 -20.76 -0.71 -20.60
N SER A 106 -21.75 -1.15 -21.36
CA SER A 106 -22.87 -1.90 -20.78
C SER A 106 -22.48 -3.36 -20.53
N SER A 107 -21.86 -3.98 -21.52
CA SER A 107 -21.43 -5.37 -21.41
C SER A 107 -20.02 -5.55 -21.96
N GLY A 108 -19.06 -5.79 -21.07
CA GLY A 108 -17.68 -5.97 -21.48
C GLY A 108 -16.78 -6.36 -20.33
N GLY A 1 18.34 -10.70 7.86
CA GLY A 1 18.47 -12.00 7.22
C GLY A 1 18.77 -11.90 5.74
N SER A 2 19.69 -12.73 5.27
CA SER A 2 20.09 -12.73 3.87
C SER A 2 18.99 -13.31 2.99
N SER A 3 18.48 -14.47 3.40
CA SER A 3 17.41 -15.15 2.65
C SER A 3 16.13 -15.19 3.45
N GLY A 4 15.32 -14.13 3.35
CA GLY A 4 14.07 -14.07 4.07
C GLY A 4 13.44 -12.69 4.02
N SER A 5 14.17 -11.68 4.50
CA SER A 5 13.67 -10.32 4.51
C SER A 5 12.21 -10.27 4.95
N SER A 6 11.89 -11.02 6.00
CA SER A 6 10.53 -11.07 6.51
C SER A 6 10.50 -10.80 8.01
N GLY A 7 9.99 -9.62 8.39
CA GLY A 7 9.92 -9.26 9.78
C GLY A 7 8.52 -8.84 10.20
N PRO A 8 8.24 -8.94 11.52
CA PRO A 8 6.94 -8.57 12.07
C PRO A 8 6.69 -7.06 12.03
N ASP A 9 7.77 -6.30 12.17
CA ASP A 9 7.66 -4.84 12.16
C ASP A 9 6.70 -4.37 11.07
N ALA A 10 6.80 -5.00 9.90
CA ALA A 10 5.93 -4.64 8.78
C ALA A 10 4.52 -5.19 8.98
N PRO A 11 3.54 -4.51 8.38
CA PRO A 11 2.13 -4.91 8.48
C PRO A 11 1.84 -6.19 7.70
N ARG A 12 0.60 -6.66 7.79
CA ARG A 12 0.18 -7.87 7.10
C ARG A 12 -1.25 -7.75 6.60
N ASN A 13 -1.64 -8.67 5.72
CA ASN A 13 -2.99 -8.67 5.16
C ASN A 13 -3.19 -7.48 4.22
N LEU A 14 -2.31 -7.35 3.24
CA LEU A 14 -2.39 -6.25 2.28
C LEU A 14 -3.48 -6.51 1.25
N GLN A 15 -4.61 -5.81 1.39
CA GLN A 15 -5.73 -5.97 0.47
C GLN A 15 -5.99 -4.68 -0.28
N LEU A 16 -5.88 -4.73 -1.61
CA LEU A 16 -6.10 -3.56 -2.45
C LEU A 16 -7.56 -3.49 -2.91
N SER A 17 -8.12 -2.29 -2.87
CA SER A 17 -9.50 -2.08 -3.27
C SER A 17 -9.64 -0.83 -4.14
N LEU A 18 -10.85 -0.57 -4.61
CA LEU A 18 -11.11 0.60 -5.44
C LEU A 18 -12.39 1.30 -5.01
N PRO A 19 -12.31 2.63 -4.82
CA PRO A 19 -13.45 3.45 -4.41
C PRO A 19 -14.51 3.57 -5.50
N ARG A 20 -15.76 3.33 -5.14
CA ARG A 20 -16.86 3.41 -6.09
C ARG A 20 -17.24 4.86 -6.37
N GLU A 21 -16.56 5.79 -5.68
CA GLU A 21 -16.82 7.21 -5.86
C GLU A 21 -15.55 7.96 -6.21
N ALA A 22 -14.55 7.23 -6.68
CA ALA A 22 -13.27 7.82 -7.06
C ALA A 22 -12.58 7.00 -8.14
N GLU A 23 -12.08 7.67 -9.16
CA GLU A 23 -11.39 6.99 -10.26
C GLU A 23 -9.88 7.03 -10.07
N GLY A 24 -9.15 6.35 -10.94
CA GLY A 24 -7.71 6.32 -10.85
C GLY A 24 -7.22 6.35 -9.40
N VAL A 25 -7.96 5.69 -8.51
CA VAL A 25 -7.59 5.64 -7.10
C VAL A 25 -7.65 4.22 -6.57
N ILE A 26 -6.63 3.84 -5.80
CA ILE A 26 -6.57 2.51 -5.23
C ILE A 26 -6.52 2.56 -3.71
N VAL A 27 -7.51 1.96 -3.06
CA VAL A 27 -7.58 1.93 -1.60
C VAL A 27 -6.88 0.70 -1.05
N GLY A 28 -5.66 0.89 -0.56
CA GLY A 28 -4.91 -0.21 0.01
C GLY A 28 -5.08 -0.33 1.50
N HIS A 29 -5.38 -1.54 1.97
CA HIS A 29 -5.57 -1.78 3.40
C HIS A 29 -4.56 -2.79 3.92
N TRP A 30 -4.35 -2.78 5.24
CA TRP A 30 -3.40 -3.70 5.86
C TRP A 30 -3.70 -3.87 7.35
N ALA A 31 -2.89 -4.67 8.02
CA ALA A 31 -3.07 -4.92 9.45
C ALA A 31 -1.82 -4.52 10.23
N PRO A 32 -1.99 -4.38 11.56
CA PRO A 32 -0.88 -4.01 12.45
C PRO A 32 0.17 -5.11 12.58
N PRO A 33 1.44 -4.70 12.73
CA PRO A 33 2.56 -5.64 12.87
C PRO A 33 2.53 -6.37 14.20
N ILE A 34 3.00 -7.63 14.20
CA ILE A 34 3.03 -8.43 15.41
C ILE A 34 3.87 -7.78 16.49
N HIS A 35 5.01 -7.21 16.08
CA HIS A 35 5.92 -6.56 17.01
C HIS A 35 6.93 -5.69 16.26
N THR A 36 7.03 -4.43 16.67
CA THR A 36 7.95 -3.49 16.05
C THR A 36 9.12 -3.16 16.97
N HIS A 37 10.26 -2.82 16.38
CA HIS A 37 11.45 -2.48 17.15
C HIS A 37 11.07 -1.74 18.43
N GLY A 38 10.16 -0.77 18.31
CA GLY A 38 9.74 -0.01 19.46
C GLY A 38 8.30 0.46 19.35
N LEU A 39 8.12 1.75 19.10
CA LEU A 39 6.78 2.33 18.96
C LEU A 39 6.48 2.65 17.50
N ILE A 40 5.24 2.38 17.09
CA ILE A 40 4.81 2.64 15.72
C ILE A 40 4.25 4.05 15.59
N ARG A 41 5.00 4.93 14.92
CA ARG A 41 4.58 6.30 14.72
C ARG A 41 3.51 6.38 13.62
N GLU A 42 3.73 5.64 12.54
CA GLU A 42 2.79 5.63 11.41
C GLU A 42 3.17 4.56 10.41
N TYR A 43 2.40 4.49 9.32
CA TYR A 43 2.64 3.50 8.28
C TYR A 43 2.73 4.16 6.91
N ILE A 44 3.88 4.04 6.26
CA ILE A 44 4.08 4.63 4.94
C ILE A 44 3.67 3.66 3.84
N VAL A 45 3.19 4.19 2.72
CA VAL A 45 2.77 3.37 1.59
C VAL A 45 3.49 3.79 0.32
N GLU A 46 4.09 2.83 -0.36
CA GLU A 46 4.81 3.09 -1.60
C GLU A 46 4.19 2.33 -2.76
N TYR A 47 3.84 3.05 -3.82
CA TYR A 47 3.24 2.44 -5.00
C TYR A 47 3.99 2.85 -6.27
N SER A 48 3.89 2.01 -7.29
CA SER A 48 4.57 2.27 -8.56
C SER A 48 3.93 1.47 -9.69
N ARG A 49 3.59 2.15 -10.79
CA ARG A 49 2.98 1.50 -11.93
C ARG A 49 3.83 0.32 -12.42
N SER A 50 3.20 -0.84 -12.56
CA SER A 50 3.90 -2.03 -13.01
C SER A 50 4.86 -1.71 -14.16
N GLY A 51 6.14 -1.59 -13.83
CA GLY A 51 7.14 -1.28 -14.84
C GLY A 51 7.46 0.19 -14.90
N SER A 52 8.30 0.66 -13.97
CA SER A 52 8.68 2.06 -13.93
C SER A 52 9.75 2.29 -12.85
N LYS A 53 10.69 3.19 -13.14
CA LYS A 53 11.75 3.50 -12.20
C LYS A 53 11.36 4.68 -11.30
N MET A 54 10.10 4.71 -10.89
CA MET A 54 9.61 5.79 -10.04
C MET A 54 8.60 5.25 -9.03
N TRP A 55 8.94 5.36 -7.75
CA TRP A 55 8.07 4.90 -6.68
C TRP A 55 7.71 6.03 -5.72
N ALA A 56 6.41 6.27 -5.55
CA ALA A 56 5.95 7.32 -4.65
C ALA A 56 5.87 6.83 -3.22
N SER A 57 5.61 7.75 -2.29
CA SER A 57 5.51 7.40 -0.88
C SER A 57 4.64 8.41 -0.13
N GLN A 58 3.82 7.91 0.79
CA GLN A 58 2.94 8.77 1.57
C GLN A 58 2.62 8.13 2.91
N ARG A 59 2.38 8.97 3.92
CA ARG A 59 2.07 8.49 5.26
C ARG A 59 0.57 8.18 5.38
N ALA A 60 0.26 7.13 6.13
CA ALA A 60 -1.12 6.72 6.34
C ALA A 60 -1.48 6.67 7.82
N ALA A 61 -2.36 7.56 8.25
CA ALA A 61 -2.78 7.61 9.65
C ALA A 61 -3.36 6.27 10.09
N SER A 62 -4.40 5.83 9.40
CA SER A 62 -5.05 4.56 9.73
C SER A 62 -4.38 3.39 9.02
N ASN A 63 -4.95 2.21 9.16
CA ASN A 63 -4.41 1.02 8.52
C ASN A 63 -4.86 0.91 7.07
N PHE A 64 -4.90 2.06 6.39
CA PHE A 64 -5.31 2.10 4.99
C PHE A 64 -5.03 3.46 4.38
N THR A 65 -5.01 3.53 3.06
CA THR A 65 -4.75 4.77 2.35
C THR A 65 -5.44 4.79 1.00
N GLU A 66 -5.35 5.92 0.29
CA GLU A 66 -5.97 6.07 -1.02
C GLU A 66 -4.97 6.60 -2.04
N ILE A 67 -4.40 5.71 -2.83
CA ILE A 67 -3.43 6.10 -3.86
C ILE A 67 -4.12 6.72 -5.07
N LYS A 68 -4.09 8.04 -5.14
CA LYS A 68 -4.72 8.75 -6.26
C LYS A 68 -3.69 9.04 -7.35
N ASN A 69 -4.16 9.65 -8.44
CA ASN A 69 -3.29 9.98 -9.56
C ASN A 69 -2.84 8.72 -10.29
N LEU A 70 -3.79 7.86 -10.63
CA LEU A 70 -3.49 6.62 -11.33
C LEU A 70 -4.25 6.55 -12.66
N LEU A 71 -3.80 5.66 -13.54
CA LEU A 71 -4.42 5.50 -14.85
C LEU A 71 -5.43 4.36 -14.82
N VAL A 72 -6.67 4.66 -15.22
CA VAL A 72 -7.73 3.66 -15.25
C VAL A 72 -7.31 2.44 -16.05
N ASN A 73 -7.68 1.26 -15.56
CA ASN A 73 -7.34 0.01 -16.23
C ASN A 73 -5.83 -0.17 -16.32
N THR A 74 -5.14 0.06 -15.21
CA THR A 74 -3.69 -0.06 -15.17
C THR A 74 -3.23 -0.71 -13.87
N LEU A 75 -2.38 -1.72 -13.98
CA LEU A 75 -1.87 -2.44 -12.81
C LEU A 75 -0.96 -1.52 -11.98
N TYR A 76 -1.17 -1.54 -10.67
CA TYR A 76 -0.36 -0.71 -9.77
C TYR A 76 0.02 -1.50 -8.52
N THR A 77 1.29 -1.42 -8.15
CA THR A 77 1.79 -2.12 -6.96
C THR A 77 1.75 -1.22 -5.74
N VAL A 78 1.55 -1.84 -4.57
CA VAL A 78 1.50 -1.09 -3.32
C VAL A 78 2.16 -1.87 -2.19
N ARG A 79 2.93 -1.16 -1.36
CA ARG A 79 3.62 -1.78 -0.24
C ARG A 79 3.62 -0.87 0.98
N VAL A 80 3.21 -1.41 2.12
CA VAL A 80 3.15 -0.65 3.36
C VAL A 80 4.31 -1.01 4.28
N ALA A 81 4.69 -0.06 5.13
CA ALA A 81 5.79 -0.27 6.07
C ALA A 81 5.54 0.45 7.39
N ALA A 82 5.83 -0.23 8.50
CA ALA A 82 5.63 0.35 9.81
C ALA A 82 6.80 1.24 10.21
N VAL A 83 6.52 2.53 10.41
CA VAL A 83 7.56 3.48 10.78
C VAL A 83 7.72 3.55 12.29
N THR A 84 8.97 3.54 12.74
CA THR A 84 9.27 3.59 14.18
C THR A 84 10.25 4.72 14.49
N SER A 85 10.43 5.00 15.77
CA SER A 85 11.34 6.05 16.21
C SER A 85 12.57 6.12 15.31
N ARG A 86 13.10 4.96 14.96
CA ARG A 86 14.28 4.88 14.11
C ARG A 86 13.93 5.28 12.68
N GLY A 87 12.93 4.62 12.11
CA GLY A 87 12.53 4.92 10.74
C GLY A 87 11.69 3.82 10.13
N ILE A 88 11.72 3.72 8.80
CA ILE A 88 10.98 2.70 8.09
C ILE A 88 11.64 1.33 8.22
N GLY A 89 10.85 0.30 8.46
CA GLY A 89 11.38 -1.04 8.59
C GLY A 89 11.10 -1.90 7.37
N ASN A 90 11.07 -3.21 7.58
CA ASN A 90 10.80 -4.15 6.48
C ASN A 90 9.57 -3.72 5.68
N TRP A 91 9.44 -4.27 4.49
CA TRP A 91 8.31 -3.95 3.62
C TRP A 91 7.29 -5.09 3.61
N SER A 92 6.02 -4.74 3.64
CA SER A 92 4.95 -5.72 3.64
C SER A 92 4.77 -6.33 2.25
N ASP A 93 4.37 -7.60 2.21
CA ASP A 93 4.17 -8.29 0.94
C ASP A 93 3.56 -7.36 -0.10
N SER A 94 4.39 -6.88 -1.02
CA SER A 94 3.93 -5.98 -2.07
C SER A 94 2.95 -6.68 -3.00
N LYS A 95 1.71 -6.18 -3.03
CA LYS A 95 0.68 -6.75 -3.88
C LYS A 95 0.37 -5.83 -5.06
N SER A 96 -0.32 -6.37 -6.05
CA SER A 96 -0.68 -5.61 -7.25
C SER A 96 -2.19 -5.64 -7.48
N ILE A 97 -2.72 -4.56 -8.03
CA ILE A 97 -4.15 -4.47 -8.30
C ILE A 97 -4.41 -3.70 -9.61
N THR A 98 -5.41 -4.14 -10.35
CA THR A 98 -5.76 -3.50 -11.62
C THR A 98 -6.92 -2.53 -11.44
N THR A 99 -6.67 -1.26 -11.69
CA THR A 99 -7.69 -0.23 -11.55
C THR A 99 -8.78 -0.41 -12.60
N ILE A 100 -9.88 0.34 -12.45
CA ILE A 100 -11.00 0.26 -13.38
C ILE A 100 -11.46 1.66 -13.78
N LYS A 101 -11.92 1.78 -15.02
CA LYS A 101 -12.41 3.07 -15.54
C LYS A 101 -13.83 3.33 -15.07
N GLY A 102 -13.96 3.78 -13.82
CA GLY A 102 -15.27 4.08 -13.28
C GLY A 102 -16.07 2.82 -12.98
N SER A 103 -16.66 2.76 -11.79
CA SER A 103 -17.45 1.60 -11.39
C SER A 103 -18.71 1.48 -12.25
N GLY A 104 -19.43 0.38 -12.07
CA GLY A 104 -20.65 0.16 -12.83
C GLY A 104 -21.47 -1.00 -12.29
N PRO A 105 -22.74 -1.09 -12.72
CA PRO A 105 -23.64 -2.15 -12.29
C PRO A 105 -23.26 -3.51 -12.88
N SER A 106 -22.23 -3.51 -13.72
CA SER A 106 -21.76 -4.74 -14.34
C SER A 106 -21.26 -5.73 -13.30
N SER A 107 -22.07 -6.76 -13.02
CA SER A 107 -21.70 -7.77 -12.03
C SER A 107 -20.79 -8.83 -12.65
N GLY A 108 -21.22 -9.38 -13.78
CA GLY A 108 -20.43 -10.40 -14.46
C GLY A 108 -20.89 -11.81 -14.12
N GLY A 1 25.37 -9.55 7.73
CA GLY A 1 24.86 -10.64 6.91
C GLY A 1 23.35 -10.82 7.06
N SER A 2 22.94 -12.03 7.43
CA SER A 2 21.52 -12.33 7.59
C SER A 2 21.16 -12.47 9.07
N SER A 3 20.59 -11.40 9.63
CA SER A 3 20.19 -11.40 11.03
C SER A 3 18.73 -11.80 11.19
N GLY A 4 17.84 -11.07 10.53
CA GLY A 4 16.43 -11.37 10.61
C GLY A 4 15.82 -11.65 9.25
N SER A 5 14.59 -12.17 9.24
CA SER A 5 13.89 -12.48 8.00
C SER A 5 12.39 -12.38 8.19
N SER A 6 11.72 -11.79 7.19
CA SER A 6 10.27 -11.63 7.25
C SER A 6 9.81 -11.31 8.66
N GLY A 7 10.42 -10.29 9.26
CA GLY A 7 10.06 -9.90 10.61
C GLY A 7 8.64 -9.38 10.71
N PRO A 8 8.01 -9.57 11.89
CA PRO A 8 6.64 -9.13 12.13
C PRO A 8 6.53 -7.61 12.19
N ASP A 9 7.66 -6.93 12.19
CA ASP A 9 7.68 -5.47 12.24
C ASP A 9 6.73 -4.87 11.20
N ALA A 10 6.74 -5.44 10.00
CA ALA A 10 5.88 -4.96 8.93
C ALA A 10 4.45 -5.45 9.12
N PRO A 11 3.50 -4.77 8.47
CA PRO A 11 2.08 -5.12 8.55
C PRO A 11 1.76 -6.43 7.84
N ARG A 12 0.47 -6.77 7.78
CA ARG A 12 0.04 -8.01 7.13
C ARG A 12 -1.41 -7.89 6.65
N ASN A 13 -1.85 -8.86 5.86
CA ASN A 13 -3.20 -8.87 5.34
C ASN A 13 -3.42 -7.70 4.38
N LEU A 14 -2.50 -7.54 3.43
CA LEU A 14 -2.59 -6.46 2.45
C LEU A 14 -3.73 -6.72 1.47
N GLN A 15 -4.70 -5.81 1.45
CA GLN A 15 -5.85 -5.93 0.55
C GLN A 15 -6.00 -4.68 -0.30
N LEU A 16 -6.03 -4.87 -1.62
CA LEU A 16 -6.18 -3.76 -2.55
C LEU A 16 -7.61 -3.68 -3.08
N SER A 17 -8.11 -2.45 -3.22
CA SER A 17 -9.47 -2.23 -3.71
C SER A 17 -9.56 -0.91 -4.48
N LEU A 18 -10.71 -0.67 -5.10
CA LEU A 18 -10.92 0.54 -5.87
C LEU A 18 -12.21 1.24 -5.44
N PRO A 19 -12.11 2.55 -5.20
CA PRO A 19 -13.26 3.37 -4.77
C PRO A 19 -14.29 3.55 -5.88
N ARG A 20 -15.55 3.24 -5.58
CA ARG A 20 -16.62 3.37 -6.56
C ARG A 20 -17.04 4.83 -6.71
N GLU A 21 -16.35 5.72 -6.00
CA GLU A 21 -16.66 7.14 -6.06
C GLU A 21 -15.41 7.95 -6.43
N ALA A 22 -14.37 7.25 -6.88
CA ALA A 22 -13.12 7.90 -7.28
C ALA A 22 -12.42 7.12 -8.38
N GLU A 23 -11.87 7.84 -9.34
CA GLU A 23 -11.17 7.21 -10.46
C GLU A 23 -9.65 7.33 -10.28
N GLY A 24 -8.91 6.40 -10.90
CA GLY A 24 -7.46 6.41 -10.80
C GLY A 24 -6.99 6.46 -9.35
N VAL A 25 -7.73 5.79 -8.47
CA VAL A 25 -7.36 5.75 -7.06
C VAL A 25 -7.41 4.33 -6.52
N ILE A 26 -6.40 3.99 -5.72
CA ILE A 26 -6.33 2.64 -5.13
C ILE A 26 -6.33 2.71 -3.60
N VAL A 27 -7.20 1.92 -2.99
CA VAL A 27 -7.29 1.87 -1.53
C VAL A 27 -6.64 0.61 -0.97
N GLY A 28 -5.43 0.76 -0.45
CA GLY A 28 -4.73 -0.39 0.10
C GLY A 28 -4.91 -0.50 1.60
N HIS A 29 -5.32 -1.68 2.06
CA HIS A 29 -5.54 -1.92 3.48
C HIS A 29 -4.56 -2.96 4.02
N TRP A 30 -4.41 -2.99 5.33
CA TRP A 30 -3.50 -3.94 5.98
C TRP A 30 -3.80 -4.05 7.46
N ALA A 31 -2.97 -4.82 8.17
CA ALA A 31 -3.15 -5.02 9.60
C ALA A 31 -1.89 -4.62 10.37
N PRO A 32 -2.03 -4.42 11.69
CA PRO A 32 -0.92 -4.03 12.56
C PRO A 32 0.09 -5.16 12.74
N PRO A 33 1.37 -4.79 12.88
CA PRO A 33 2.46 -5.76 13.05
C PRO A 33 2.41 -6.43 14.43
N ILE A 34 2.69 -7.73 14.44
CA ILE A 34 2.68 -8.49 15.69
C ILE A 34 3.57 -7.84 16.73
N HIS A 35 4.80 -7.53 16.35
CA HIS A 35 5.76 -6.90 17.25
C HIS A 35 6.74 -6.02 16.48
N THR A 36 6.94 -4.80 16.99
CA THR A 36 7.86 -3.86 16.35
C THR A 36 8.96 -3.43 17.30
N HIS A 37 10.05 -2.90 16.75
CA HIS A 37 11.18 -2.45 17.56
C HIS A 37 10.72 -1.43 18.60
N GLY A 38 9.97 -0.43 18.16
CA GLY A 38 9.47 0.59 19.05
C GLY A 38 8.12 1.14 18.65
N LEU A 39 7.56 2.01 19.48
CA LEU A 39 6.27 2.61 19.19
C LEU A 39 6.14 2.97 17.72
N ILE A 40 5.00 2.63 17.12
CA ILE A 40 4.76 2.92 15.71
C ILE A 40 4.16 4.31 15.53
N ARG A 41 4.88 5.17 14.82
CA ARG A 41 4.44 6.53 14.56
C ARG A 41 3.41 6.57 13.44
N GLU A 42 3.72 5.88 12.34
CA GLU A 42 2.83 5.83 11.20
C GLU A 42 3.23 4.71 10.23
N TYR A 43 2.49 4.58 9.15
CA TYR A 43 2.76 3.54 8.16
C TYR A 43 2.92 4.15 6.77
N ILE A 44 4.10 3.97 6.19
CA ILE A 44 4.39 4.50 4.86
C ILE A 44 3.95 3.52 3.77
N VAL A 45 3.29 4.05 2.74
CA VAL A 45 2.82 3.23 1.64
C VAL A 45 3.41 3.69 0.31
N GLU A 46 4.14 2.79 -0.34
CA GLU A 46 4.77 3.10 -1.62
C GLU A 46 4.04 2.42 -2.78
N TYR A 47 3.98 3.10 -3.92
CA TYR A 47 3.30 2.56 -5.09
C TYR A 47 4.04 2.95 -6.37
N SER A 48 3.97 2.07 -7.37
CA SER A 48 4.64 2.32 -8.65
C SER A 48 4.02 1.47 -9.75
N ARG A 49 3.57 2.12 -10.82
CA ARG A 49 2.97 1.42 -11.94
C ARG A 49 3.88 0.31 -12.45
N SER A 50 3.32 -0.89 -12.60
CA SER A 50 4.07 -2.03 -13.07
C SER A 50 5.07 -1.62 -14.15
N GLY A 51 4.73 -0.58 -14.90
CA GLY A 51 5.60 -0.09 -15.96
C GLY A 51 6.21 1.25 -15.63
N SER A 52 6.94 1.32 -14.51
CA SER A 52 7.58 2.56 -14.09
C SER A 52 8.45 2.33 -12.87
N LYS A 53 9.62 2.95 -12.85
CA LYS A 53 10.55 2.82 -11.74
C LYS A 53 10.36 3.95 -10.72
N MET A 54 9.31 4.73 -10.92
CA MET A 54 9.00 5.84 -10.02
C MET A 54 8.07 5.39 -8.89
N TRP A 55 8.60 5.33 -7.68
CA TRP A 55 7.82 4.92 -6.52
C TRP A 55 7.55 6.10 -5.60
N ALA A 56 6.27 6.37 -5.34
CA ALA A 56 5.88 7.47 -4.47
C ALA A 56 5.44 6.96 -3.10
N SER A 57 6.04 7.51 -2.05
CA SER A 57 5.71 7.11 -0.69
C SER A 57 4.91 8.19 0.02
N GLN A 58 4.07 7.78 0.95
CA GLN A 58 3.24 8.71 1.71
C GLN A 58 2.93 8.17 3.10
N ARG A 59 2.73 9.08 4.05
CA ARG A 59 2.43 8.70 5.43
C ARG A 59 0.96 8.37 5.59
N ALA A 60 0.67 7.33 6.37
CA ALA A 60 -0.71 6.91 6.61
C ALA A 60 -0.99 6.80 8.11
N ALA A 61 -2.02 7.52 8.56
CA ALA A 61 -2.40 7.49 9.97
C ALA A 61 -3.03 6.16 10.35
N SER A 62 -4.07 5.77 9.61
CA SER A 62 -4.77 4.51 9.88
C SER A 62 -4.04 3.34 9.22
N ASN A 63 -4.65 2.16 9.31
CA ASN A 63 -4.06 0.96 8.72
C ASN A 63 -4.41 0.85 7.24
N PHE A 64 -4.56 2.00 6.59
CA PHE A 64 -4.90 2.03 5.17
C PHE A 64 -4.46 3.34 4.53
N THR A 65 -4.73 3.48 3.24
CA THR A 65 -4.36 4.70 2.51
C THR A 65 -5.11 4.79 1.18
N GLU A 66 -4.98 5.93 0.52
CA GLU A 66 -5.64 6.15 -0.76
C GLU A 66 -4.66 6.70 -1.79
N ILE A 67 -4.16 5.83 -2.66
CA ILE A 67 -3.22 6.22 -3.69
C ILE A 67 -3.95 6.74 -4.93
N LYS A 68 -3.96 8.06 -5.11
CA LYS A 68 -4.62 8.67 -6.25
C LYS A 68 -3.61 9.01 -7.34
N ASN A 69 -4.08 9.67 -8.39
CA ASN A 69 -3.22 10.05 -9.50
C ASN A 69 -2.68 8.83 -10.23
N LEU A 70 -3.57 7.89 -10.53
CA LEU A 70 -3.18 6.66 -11.22
C LEU A 70 -3.93 6.53 -12.55
N LEU A 71 -3.55 5.51 -13.33
CA LEU A 71 -4.19 5.28 -14.62
C LEU A 71 -5.23 4.16 -14.52
N VAL A 72 -6.48 4.50 -14.82
CA VAL A 72 -7.57 3.53 -14.77
C VAL A 72 -7.28 2.33 -15.67
N ASN A 73 -7.65 1.14 -15.21
CA ASN A 73 -7.44 -0.07 -15.96
C ASN A 73 -5.95 -0.34 -16.17
N THR A 74 -5.18 -0.20 -15.10
CA THR A 74 -3.73 -0.40 -15.16
C THR A 74 -3.23 -1.09 -13.90
N LEU A 75 -2.29 -2.01 -14.06
CA LEU A 75 -1.72 -2.74 -12.93
C LEU A 75 -0.84 -1.82 -12.08
N TYR A 76 -1.17 -1.72 -10.80
CA TYR A 76 -0.41 -0.88 -9.89
C TYR A 76 0.01 -1.67 -8.65
N THR A 77 1.29 -1.59 -8.31
CA THR A 77 1.82 -2.29 -7.14
C THR A 77 1.88 -1.37 -5.93
N VAL A 78 1.39 -1.87 -4.80
CA VAL A 78 1.40 -1.10 -3.56
C VAL A 78 2.06 -1.87 -2.43
N ARG A 79 2.81 -1.16 -1.60
CA ARG A 79 3.51 -1.78 -0.47
C ARG A 79 3.45 -0.89 0.76
N VAL A 80 3.21 -1.49 1.92
CA VAL A 80 3.14 -0.74 3.17
C VAL A 80 4.26 -1.15 4.12
N ALA A 81 4.78 -0.18 4.86
CA ALA A 81 5.85 -0.44 5.82
C ALA A 81 5.58 0.23 7.15
N ALA A 82 5.94 -0.44 8.24
CA ALA A 82 5.73 0.09 9.58
C ALA A 82 6.89 0.99 9.99
N VAL A 83 6.59 2.27 10.20
CA VAL A 83 7.61 3.23 10.60
C VAL A 83 7.75 3.28 12.12
N THR A 84 8.98 3.45 12.59
CA THR A 84 9.25 3.51 14.03
C THR A 84 10.06 4.76 14.37
N SER A 85 10.21 5.02 15.67
CA SER A 85 10.95 6.17 16.14
C SER A 85 12.17 6.42 15.26
N ARG A 86 12.95 5.38 15.02
CA ARG A 86 14.15 5.49 14.18
C ARG A 86 13.78 5.80 12.74
N GLY A 87 13.06 4.87 12.11
CA GLY A 87 12.66 5.06 10.73
C GLY A 87 11.89 3.88 10.18
N ILE A 88 11.72 3.84 8.86
CA ILE A 88 10.99 2.75 8.21
C ILE A 88 11.67 1.41 8.46
N GLY A 89 10.88 0.35 8.54
CA GLY A 89 11.41 -0.97 8.77
C GLY A 89 11.36 -1.84 7.54
N ASN A 90 10.70 -2.99 7.66
CA ASN A 90 10.58 -3.92 6.54
C ASN A 90 9.36 -3.59 5.70
N TRP A 91 9.45 -3.89 4.40
CA TRP A 91 8.34 -3.63 3.48
C TRP A 91 7.41 -4.84 3.39
N SER A 92 6.12 -4.58 3.51
CA SER A 92 5.12 -5.65 3.44
C SER A 92 4.99 -6.18 2.01
N ASP A 93 4.85 -7.50 1.90
CA ASP A 93 4.71 -8.13 0.59
C ASP A 93 3.89 -7.26 -0.35
N SER A 94 4.57 -6.55 -1.24
CA SER A 94 3.89 -5.67 -2.19
C SER A 94 2.80 -6.42 -2.95
N LYS A 95 1.66 -5.78 -3.11
CA LYS A 95 0.53 -6.38 -3.81
C LYS A 95 0.22 -5.63 -5.10
N SER A 96 -0.47 -6.30 -6.02
CA SER A 96 -0.82 -5.70 -7.30
C SER A 96 -2.33 -5.69 -7.50
N ILE A 97 -2.83 -4.71 -8.24
CA ILE A 97 -4.25 -4.59 -8.50
C ILE A 97 -4.52 -3.73 -9.73
N THR A 98 -5.32 -4.25 -10.65
CA THR A 98 -5.65 -3.54 -11.88
C THR A 98 -6.78 -2.55 -11.65
N THR A 99 -6.42 -1.28 -11.47
CA THR A 99 -7.40 -0.22 -11.24
C THR A 99 -8.59 -0.37 -12.19
N ILE A 100 -9.71 0.27 -11.84
CA ILE A 100 -10.91 0.22 -12.66
C ILE A 100 -11.37 1.62 -13.06
N LYS A 101 -12.00 1.73 -14.21
CA LYS A 101 -12.49 3.01 -14.71
C LYS A 101 -13.77 3.41 -13.99
N GLY A 102 -13.64 3.82 -12.73
CA GLY A 102 -14.79 4.23 -11.95
C GLY A 102 -15.89 3.19 -11.97
N SER A 103 -17.07 3.57 -11.49
CA SER A 103 -18.21 2.67 -11.45
C SER A 103 -19.00 2.72 -12.75
N GLY A 104 -20.04 1.89 -12.86
CA GLY A 104 -20.84 1.86 -14.05
C GLY A 104 -22.16 2.59 -13.88
N PRO A 105 -23.22 1.84 -13.53
CA PRO A 105 -24.55 2.42 -13.33
C PRO A 105 -24.63 3.28 -12.08
N SER A 106 -25.68 4.09 -11.99
CA SER A 106 -25.87 4.98 -10.83
C SER A 106 -27.28 4.83 -10.26
N SER A 107 -27.37 4.10 -9.15
CA SER A 107 -28.67 3.89 -8.50
C SER A 107 -28.94 4.96 -7.45
N GLY A 108 -29.85 5.88 -7.76
CA GLY A 108 -30.18 6.93 -6.84
C GLY A 108 -30.39 6.43 -5.42
N GLY A 1 25.33 -0.95 8.80
CA GLY A 1 25.10 -2.29 8.30
C GLY A 1 23.65 -2.53 7.96
N SER A 2 23.41 -3.10 6.77
CA SER A 2 22.05 -3.38 6.32
C SER A 2 21.65 -4.80 6.68
N SER A 3 20.35 -5.00 6.92
CA SER A 3 19.84 -6.32 7.28
C SER A 3 18.73 -6.73 6.33
N GLY A 4 19.06 -7.63 5.40
CA GLY A 4 18.08 -8.10 4.44
C GLY A 4 17.30 -9.29 4.95
N SER A 5 16.26 -9.03 5.73
CA SER A 5 15.43 -10.09 6.29
C SER A 5 14.01 -9.58 6.58
N SER A 6 13.13 -10.50 6.94
CA SER A 6 11.75 -10.14 7.24
C SER A 6 11.53 -10.02 8.74
N GLY A 7 10.32 -9.62 9.13
CA GLY A 7 10.01 -9.47 10.55
C GLY A 7 8.59 -9.00 10.78
N PRO A 8 8.12 -9.11 12.03
CA PRO A 8 6.77 -8.70 12.41
C PRO A 8 6.60 -7.18 12.37
N ASP A 9 7.70 -6.46 12.33
CA ASP A 9 7.67 -5.00 12.29
C ASP A 9 6.75 -4.52 11.17
N ALA A 10 6.77 -5.21 10.04
CA ALA A 10 5.95 -4.85 8.90
C ALA A 10 4.52 -5.35 9.09
N PRO A 11 3.56 -4.69 8.42
CA PRO A 11 2.14 -5.05 8.50
C PRO A 11 1.84 -6.37 7.80
N ARG A 12 0.56 -6.72 7.73
CA ARG A 12 0.14 -7.96 7.09
C ARG A 12 -1.28 -7.84 6.55
N ASN A 13 -1.60 -8.67 5.56
CA ASN A 13 -2.92 -8.65 4.95
C ASN A 13 -3.11 -7.42 4.09
N LEU A 14 -2.18 -7.21 3.15
CA LEU A 14 -2.24 -6.07 2.25
C LEU A 14 -3.22 -6.32 1.10
N GLN A 15 -4.25 -5.49 1.01
CA GLN A 15 -5.25 -5.64 -0.05
C GLN A 15 -5.57 -4.28 -0.67
N LEU A 16 -5.74 -4.28 -2.00
CA LEU A 16 -6.05 -3.05 -2.71
C LEU A 16 -7.50 -3.06 -3.22
N SER A 17 -8.20 -1.95 -3.03
CA SER A 17 -9.58 -1.84 -3.48
C SER A 17 -9.77 -0.63 -4.38
N LEU A 18 -10.90 -0.59 -5.07
CA LEU A 18 -11.21 0.51 -5.98
C LEU A 18 -12.50 1.22 -5.58
N PRO A 19 -12.39 2.51 -5.24
CA PRO A 19 -13.54 3.33 -4.83
C PRO A 19 -14.48 3.61 -5.99
N ARG A 20 -15.77 3.31 -5.78
CA ARG A 20 -16.78 3.53 -6.81
C ARG A 20 -17.11 5.02 -6.92
N GLU A 21 -16.63 5.81 -5.97
CA GLU A 21 -16.88 7.25 -5.96
C GLU A 21 -15.66 8.01 -6.48
N ALA A 22 -14.57 7.28 -6.73
CA ALA A 22 -13.35 7.89 -7.23
C ALA A 22 -12.66 6.98 -8.23
N GLU A 23 -11.98 7.58 -9.20
CA GLU A 23 -11.26 6.82 -10.23
C GLU A 23 -9.75 6.91 -10.02
N GLY A 24 -9.00 6.19 -10.86
CA GLY A 24 -7.56 6.20 -10.74
C GLY A 24 -7.08 6.20 -9.31
N VAL A 25 -7.92 5.69 -8.41
CA VAL A 25 -7.57 5.64 -6.99
C VAL A 25 -7.55 4.19 -6.49
N ILE A 26 -6.71 3.94 -5.49
CA ILE A 26 -6.59 2.60 -4.91
C ILE A 26 -6.55 2.66 -3.40
N VAL A 27 -7.56 2.06 -2.76
CA VAL A 27 -7.63 2.04 -1.31
C VAL A 27 -6.82 0.90 -0.73
N GLY A 28 -5.61 1.21 -0.25
CA GLY A 28 -4.74 0.20 0.32
C GLY A 28 -5.06 -0.07 1.78
N HIS A 29 -5.28 -1.34 2.11
CA HIS A 29 -5.59 -1.73 3.48
C HIS A 29 -4.65 -2.83 3.96
N TRP A 30 -4.38 -2.85 5.26
CA TRP A 30 -3.50 -3.86 5.84
C TRP A 30 -3.74 -3.99 7.35
N ALA A 31 -2.93 -4.81 8.00
CA ALA A 31 -3.06 -5.02 9.43
C ALA A 31 -1.79 -4.59 10.18
N PRO A 32 -1.93 -4.29 11.47
CA PRO A 32 -0.81 -3.86 12.31
C PRO A 32 0.17 -4.99 12.59
N PRO A 33 1.44 -4.62 12.82
CA PRO A 33 2.50 -5.59 13.10
C PRO A 33 2.34 -6.25 14.46
N ILE A 34 2.58 -7.56 14.51
CA ILE A 34 2.46 -8.32 15.76
C ILE A 34 3.19 -7.61 16.89
N HIS A 35 4.37 -7.08 16.59
CA HIS A 35 5.17 -6.38 17.58
C HIS A 35 6.27 -5.56 16.92
N THR A 36 6.65 -4.45 17.55
CA THR A 36 7.69 -3.59 17.01
C THR A 36 8.62 -3.10 18.12
N HIS A 37 9.91 -3.37 17.97
CA HIS A 37 10.90 -2.94 18.96
C HIS A 37 10.56 -1.56 19.52
N GLY A 38 10.26 -0.63 18.62
CA GLY A 38 9.92 0.72 19.04
C GLY A 38 8.49 1.10 18.67
N LEU A 39 7.90 1.98 19.47
CA LEU A 39 6.52 2.42 19.23
C LEU A 39 6.33 2.82 17.78
N ILE A 40 5.28 2.29 17.16
CA ILE A 40 4.98 2.59 15.76
C ILE A 40 4.47 4.02 15.61
N ARG A 41 5.28 4.87 14.98
CA ARG A 41 4.90 6.26 14.77
C ARG A 41 3.82 6.37 13.70
N GLU A 42 3.98 5.62 12.61
CA GLU A 42 3.02 5.64 11.52
C GLU A 42 3.36 4.59 10.47
N TYR A 43 2.57 4.54 9.41
CA TYR A 43 2.79 3.58 8.34
C TYR A 43 2.84 4.27 6.98
N ILE A 44 3.90 4.03 6.23
CA ILE A 44 4.06 4.63 4.91
C ILE A 44 3.59 3.68 3.81
N VAL A 45 3.14 4.25 2.70
CA VAL A 45 2.66 3.46 1.57
C VAL A 45 3.34 3.87 0.28
N GLU A 46 3.96 2.91 -0.40
CA GLU A 46 4.65 3.19 -1.66
C GLU A 46 3.99 2.44 -2.81
N TYR A 47 3.62 3.16 -3.86
CA TYR A 47 2.98 2.57 -5.02
C TYR A 47 3.72 2.94 -6.30
N SER A 48 3.62 2.08 -7.31
CA SER A 48 4.28 2.32 -8.59
C SER A 48 3.63 1.49 -9.69
N ARG A 49 3.76 1.97 -10.93
CA ARG A 49 3.18 1.28 -12.08
C ARG A 49 3.96 0.00 -12.38
N SER A 50 3.23 -1.05 -12.75
CA SER A 50 3.84 -2.33 -13.07
C SER A 50 5.17 -2.13 -13.80
N GLY A 51 5.22 -1.14 -14.68
CA GLY A 51 6.43 -0.87 -15.42
C GLY A 51 6.83 0.59 -15.36
N SER A 52 7.63 0.94 -14.35
CA SER A 52 8.07 2.32 -14.17
C SER A 52 9.08 2.42 -13.04
N LYS A 53 10.04 3.32 -13.18
CA LYS A 53 11.07 3.53 -12.15
C LYS A 53 10.71 4.69 -11.25
N MET A 54 9.42 4.92 -11.06
CA MET A 54 8.95 6.01 -10.21
C MET A 54 8.02 5.49 -9.12
N TRP A 55 8.53 5.43 -7.89
CA TRP A 55 7.74 4.95 -6.76
C TRP A 55 7.44 6.08 -5.79
N ALA A 56 6.15 6.35 -5.60
CA ALA A 56 5.73 7.42 -4.70
C ALA A 56 5.65 6.91 -3.26
N SER A 57 5.45 7.84 -2.33
CA SER A 57 5.36 7.49 -0.91
C SER A 57 4.53 8.52 -0.14
N GLN A 58 3.76 8.03 0.83
CA GLN A 58 2.92 8.91 1.63
C GLN A 58 2.62 8.29 2.99
N ARG A 59 2.48 9.13 4.01
CA ARG A 59 2.20 8.66 5.35
C ARG A 59 0.71 8.38 5.54
N ALA A 60 0.39 7.38 6.36
CA ALA A 60 -1.00 7.02 6.62
C ALA A 60 -1.24 6.85 8.12
N ALA A 61 -2.18 7.64 8.64
CA ALA A 61 -2.53 7.57 10.06
C ALA A 61 -3.02 6.19 10.45
N SER A 62 -4.06 5.72 9.77
CA SER A 62 -4.63 4.41 10.04
C SER A 62 -3.89 3.32 9.28
N ASN A 63 -4.39 2.09 9.36
CA ASN A 63 -3.77 0.96 8.68
C ASN A 63 -4.27 0.87 7.24
N PHE A 64 -4.57 2.03 6.65
CA PHE A 64 -5.05 2.08 5.27
C PHE A 64 -4.83 3.47 4.67
N THR A 65 -4.82 3.53 3.34
CA THR A 65 -4.60 4.79 2.64
C THR A 65 -5.30 4.78 1.28
N GLU A 66 -5.44 5.97 0.69
CA GLU A 66 -6.08 6.10 -0.62
C GLU A 66 -5.09 6.61 -1.66
N ILE A 67 -4.55 5.70 -2.46
CA ILE A 67 -3.59 6.06 -3.50
C ILE A 67 -4.31 6.61 -4.73
N LYS A 68 -4.30 7.92 -4.88
CA LYS A 68 -4.93 8.56 -6.03
C LYS A 68 -3.90 8.97 -7.08
N ASN A 69 -4.37 9.55 -8.17
CA ASN A 69 -3.48 9.98 -9.25
C ASN A 69 -2.92 8.78 -10.00
N LEU A 70 -3.75 7.78 -10.24
CA LEU A 70 -3.34 6.58 -10.94
C LEU A 70 -4.08 6.43 -12.27
N LEU A 71 -3.53 5.60 -13.15
CA LEU A 71 -4.14 5.38 -14.46
C LEU A 71 -5.04 4.16 -14.42
N VAL A 72 -6.27 4.32 -14.91
CA VAL A 72 -7.23 3.22 -14.95
C VAL A 72 -6.73 2.07 -15.81
N ASN A 73 -7.26 0.88 -15.57
CA ASN A 73 -6.87 -0.30 -16.32
C ASN A 73 -5.35 -0.42 -16.37
N THR A 74 -4.69 -0.14 -15.25
CA THR A 74 -3.24 -0.22 -15.17
C THR A 74 -2.80 -0.90 -13.89
N LEU A 75 -2.07 -2.00 -14.03
CA LEU A 75 -1.58 -2.76 -12.88
C LEU A 75 -0.74 -1.88 -11.97
N TYR A 76 -1.17 -1.72 -10.73
CA TYR A 76 -0.44 -0.91 -9.76
C TYR A 76 -0.01 -1.74 -8.56
N THR A 77 1.27 -1.63 -8.20
CA THR A 77 1.82 -2.38 -7.07
C THR A 77 2.03 -1.47 -5.87
N VAL A 78 1.34 -1.77 -4.78
CA VAL A 78 1.45 -0.98 -3.56
C VAL A 78 2.13 -1.78 -2.44
N ARG A 79 2.88 -1.09 -1.60
CA ARG A 79 3.58 -1.73 -0.49
C ARG A 79 3.58 -0.84 0.75
N VAL A 80 3.25 -1.43 1.89
CA VAL A 80 3.21 -0.69 3.15
C VAL A 80 4.40 -1.05 4.04
N ALA A 81 4.82 -0.11 4.87
CA ALA A 81 5.94 -0.32 5.77
C ALA A 81 5.71 0.37 7.12
N ALA A 82 5.97 -0.36 8.20
CA ALA A 82 5.79 0.19 9.54
C ALA A 82 6.98 1.05 9.94
N VAL A 83 6.70 2.30 10.30
CA VAL A 83 7.74 3.22 10.71
C VAL A 83 7.97 3.17 12.21
N THR A 84 9.23 3.29 12.63
CA THR A 84 9.59 3.25 14.05
C THR A 84 10.44 4.44 14.42
N SER A 85 10.62 4.64 15.73
CA SER A 85 11.42 5.76 16.23
C SER A 85 12.60 6.03 15.31
N ARG A 86 13.24 4.96 14.84
CA ARG A 86 14.39 5.09 13.95
C ARG A 86 13.96 5.50 12.55
N GLY A 87 13.19 4.63 11.89
CA GLY A 87 12.72 4.92 10.56
C GLY A 87 11.87 3.80 9.98
N ILE A 88 11.77 3.76 8.66
CA ILE A 88 10.99 2.73 7.99
C ILE A 88 11.65 1.36 8.09
N GLY A 89 10.84 0.32 8.29
CA GLY A 89 11.38 -1.01 8.41
C GLY A 89 11.20 -1.83 7.15
N ASN A 90 11.03 -3.13 7.30
CA ASN A 90 10.85 -4.02 6.15
C ASN A 90 9.61 -3.63 5.35
N TRP A 91 9.47 -4.22 4.17
CA TRP A 91 8.32 -3.94 3.31
C TRP A 91 7.36 -5.12 3.27
N SER A 92 6.07 -4.82 3.40
CA SER A 92 5.04 -5.85 3.39
C SER A 92 4.84 -6.39 1.97
N ASP A 93 4.67 -7.71 1.87
CA ASP A 93 4.47 -8.35 0.58
C ASP A 93 3.64 -7.46 -0.34
N SER A 94 4.31 -6.78 -1.27
CA SER A 94 3.65 -5.89 -2.21
C SER A 94 2.36 -6.53 -2.73
N LYS A 95 1.50 -5.70 -3.32
CA LYS A 95 0.23 -6.17 -3.85
C LYS A 95 -0.07 -5.50 -5.19
N SER A 96 -0.36 -6.32 -6.20
CA SER A 96 -0.66 -5.81 -7.53
C SER A 96 -2.17 -5.85 -7.80
N ILE A 97 -2.69 -4.81 -8.44
CA ILE A 97 -4.11 -4.73 -8.75
C ILE A 97 -4.34 -3.97 -10.06
N THR A 98 -5.33 -4.42 -10.83
CA THR A 98 -5.66 -3.78 -12.10
C THR A 98 -6.80 -2.79 -11.94
N THR A 99 -6.45 -1.51 -11.84
CA THR A 99 -7.45 -0.46 -11.68
C THR A 99 -8.61 -0.65 -12.66
N ILE A 100 -9.67 0.13 -12.48
CA ILE A 100 -10.83 0.06 -13.35
C ILE A 100 -11.20 1.42 -13.90
N LYS A 101 -11.85 1.43 -15.06
CA LYS A 101 -12.26 2.67 -15.70
C LYS A 101 -13.77 2.90 -15.54
N GLY A 102 -14.15 3.47 -14.40
CA GLY A 102 -15.55 3.73 -14.14
C GLY A 102 -16.17 2.72 -13.19
N SER A 103 -17.27 3.10 -12.55
CA SER A 103 -17.95 2.21 -11.62
C SER A 103 -19.41 2.02 -12.02
N GLY A 104 -19.65 1.80 -13.31
CA GLY A 104 -21.00 1.61 -13.79
C GLY A 104 -21.64 2.91 -14.24
N PRO A 105 -22.99 2.92 -14.26
CA PRO A 105 -23.75 4.10 -14.67
C PRO A 105 -23.66 5.23 -13.65
N SER A 106 -23.91 6.46 -14.11
CA SER A 106 -23.86 7.63 -13.23
C SER A 106 -25.12 8.46 -13.37
N SER A 107 -26.06 8.25 -12.44
CA SER A 107 -27.32 8.99 -12.45
C SER A 107 -27.72 9.39 -11.03
N GLY A 108 -28.71 10.28 -10.94
CA GLY A 108 -29.17 10.74 -9.64
C GLY A 108 -30.68 10.62 -9.49
N GLY A 1 22.25 -9.22 4.85
CA GLY A 1 21.97 -7.94 4.21
C GLY A 1 20.48 -7.72 4.02
N SER A 2 19.87 -6.95 4.93
CA SER A 2 18.45 -6.67 4.86
C SER A 2 17.63 -7.96 4.83
N SER A 3 18.08 -8.96 5.57
CA SER A 3 17.40 -10.24 5.63
C SER A 3 16.17 -10.17 6.53
N GLY A 4 15.25 -9.28 6.18
CA GLY A 4 14.04 -9.13 6.98
C GLY A 4 13.38 -10.45 7.30
N SER A 5 13.29 -11.32 6.29
CA SER A 5 12.67 -12.62 6.47
C SER A 5 11.21 -12.49 6.88
N SER A 6 10.47 -11.70 6.12
CA SER A 6 9.05 -11.48 6.40
C SER A 6 8.84 -11.08 7.87
N GLY A 7 9.73 -10.23 8.37
CA GLY A 7 9.64 -9.79 9.75
C GLY A 7 8.28 -9.20 10.07
N PRO A 8 7.86 -9.34 11.34
CA PRO A 8 6.57 -8.83 11.81
C PRO A 8 6.53 -7.31 11.87
N ASP A 9 7.69 -6.70 12.07
CA ASP A 9 7.79 -5.24 12.14
C ASP A 9 6.85 -4.59 11.13
N ALA A 10 6.83 -5.12 9.91
CA ALA A 10 5.98 -4.59 8.85
C ALA A 10 4.55 -5.08 9.00
N PRO A 11 3.61 -4.40 8.32
CA PRO A 11 2.19 -4.75 8.37
C PRO A 11 1.90 -6.07 7.65
N ARG A 12 0.63 -6.43 7.61
CA ARG A 12 0.20 -7.67 6.96
C ARG A 12 -1.23 -7.56 6.46
N ASN A 13 -1.68 -8.58 5.73
CA ASN A 13 -3.02 -8.61 5.19
C ASN A 13 -3.26 -7.41 4.27
N LEU A 14 -2.38 -7.23 3.29
CA LEU A 14 -2.49 -6.12 2.35
C LEU A 14 -3.55 -6.41 1.30
N GLN A 15 -4.62 -5.63 1.30
CA GLN A 15 -5.71 -5.80 0.35
C GLN A 15 -6.05 -4.48 -0.33
N LEU A 16 -5.79 -4.39 -1.62
CA LEU A 16 -6.08 -3.18 -2.38
C LEU A 16 -7.47 -3.24 -3.00
N SER A 17 -8.18 -2.12 -2.98
CA SER A 17 -9.52 -2.04 -3.54
C SER A 17 -9.67 -0.81 -4.42
N LEU A 18 -10.78 -0.75 -5.16
CA LEU A 18 -11.05 0.37 -6.04
C LEU A 18 -12.36 1.06 -5.67
N PRO A 19 -12.27 2.38 -5.39
CA PRO A 19 -13.45 3.18 -5.01
C PRO A 19 -14.41 3.38 -6.18
N ARG A 20 -15.68 3.04 -5.95
CA ARG A 20 -16.70 3.19 -6.99
C ARG A 20 -17.15 4.64 -7.11
N GLU A 21 -16.55 5.51 -6.30
CA GLU A 21 -16.89 6.93 -6.32
C GLU A 21 -15.70 7.77 -6.78
N ALA A 22 -14.54 7.12 -6.87
CA ALA A 22 -13.32 7.82 -7.29
C ALA A 22 -12.62 7.05 -8.40
N GLU A 23 -12.20 7.76 -9.44
CA GLU A 23 -11.53 7.15 -10.57
C GLU A 23 -10.01 7.33 -10.46
N GLY A 24 -9.27 6.29 -10.84
CA GLY A 24 -7.82 6.35 -10.77
C GLY A 24 -7.30 6.34 -9.35
N VAL A 25 -8.10 5.80 -8.43
CA VAL A 25 -7.73 5.74 -7.03
C VAL A 25 -7.68 4.29 -6.54
N ILE A 26 -6.76 4.02 -5.62
CA ILE A 26 -6.60 2.68 -5.07
C ILE A 26 -6.56 2.70 -3.55
N VAL A 27 -7.56 2.08 -2.92
CA VAL A 27 -7.64 2.03 -1.48
C VAL A 27 -6.96 0.78 -0.93
N GLY A 28 -5.76 0.96 -0.39
CA GLY A 28 -5.03 -0.17 0.16
C GLY A 28 -5.20 -0.30 1.67
N HIS A 29 -5.49 -1.51 2.12
CA HIS A 29 -5.69 -1.76 3.55
C HIS A 29 -4.71 -2.83 4.04
N TRP A 30 -4.30 -2.70 5.30
CA TRP A 30 -3.37 -3.64 5.90
C TRP A 30 -3.66 -3.83 7.38
N ALA A 31 -2.82 -4.61 8.06
CA ALA A 31 -2.98 -4.86 9.48
C ALA A 31 -1.74 -4.46 10.26
N PRO A 32 -1.89 -4.31 11.58
CA PRO A 32 -0.79 -3.93 12.47
C PRO A 32 0.25 -5.03 12.63
N PRO A 33 1.51 -4.63 12.80
CA PRO A 33 2.63 -5.57 12.96
C PRO A 33 2.57 -6.31 14.28
N ILE A 34 2.65 -7.64 14.23
CA ILE A 34 2.61 -8.46 15.43
C ILE A 34 3.39 -7.81 16.57
N HIS A 35 4.65 -7.47 16.30
CA HIS A 35 5.50 -6.84 17.31
C HIS A 35 6.59 -6.00 16.64
N THR A 36 6.66 -4.73 17.03
CA THR A 36 7.66 -3.82 16.47
C THR A 36 8.69 -3.44 17.52
N HIS A 37 9.90 -3.12 17.07
CA HIS A 37 10.98 -2.74 17.96
C HIS A 37 10.60 -1.50 18.76
N GLY A 38 10.31 -0.41 18.06
CA GLY A 38 9.93 0.83 18.72
C GLY A 38 8.49 1.23 18.43
N LEU A 39 7.96 2.12 19.27
CA LEU A 39 6.58 2.58 19.09
C LEU A 39 6.32 3.03 17.66
N ILE A 40 5.33 2.42 17.03
CA ILE A 40 4.97 2.77 15.66
C ILE A 40 4.44 4.20 15.56
N ARG A 41 5.14 5.02 14.79
CA ARG A 41 4.74 6.41 14.61
C ARG A 41 3.71 6.55 13.49
N GLU A 42 3.94 5.84 12.40
CA GLU A 42 3.03 5.88 11.26
C GLU A 42 3.34 4.75 10.27
N TYR A 43 2.55 4.68 9.21
CA TYR A 43 2.74 3.66 8.19
C TYR A 43 2.87 4.27 6.81
N ILE A 44 3.99 4.00 6.14
CA ILE A 44 4.23 4.53 4.81
C ILE A 44 3.69 3.59 3.74
N VAL A 45 3.32 4.17 2.59
CA VAL A 45 2.78 3.39 1.48
C VAL A 45 3.46 3.75 0.18
N GLU A 46 4.17 2.79 -0.41
CA GLU A 46 4.86 3.02 -1.67
C GLU A 46 4.14 2.33 -2.82
N TYR A 47 3.75 3.12 -3.81
CA TYR A 47 3.04 2.60 -4.98
C TYR A 47 3.71 3.05 -6.27
N SER A 48 3.69 2.18 -7.27
CA SER A 48 4.30 2.48 -8.56
C SER A 48 3.66 1.65 -9.68
N ARG A 49 3.45 2.27 -10.83
CA ARG A 49 2.86 1.60 -11.97
C ARG A 49 3.77 0.50 -12.50
N SER A 50 3.24 -0.71 -12.61
CA SER A 50 4.02 -1.84 -13.10
C SER A 50 4.99 -1.41 -14.19
N GLY A 51 6.27 -1.32 -13.84
CA GLY A 51 7.28 -0.92 -14.80
C GLY A 51 7.66 0.55 -14.66
N SER A 52 8.36 0.87 -13.57
CA SER A 52 8.77 2.25 -13.32
C SER A 52 9.70 2.32 -12.12
N LYS A 53 10.88 2.89 -12.30
CA LYS A 53 11.86 3.02 -11.23
C LYS A 53 11.38 4.02 -10.19
N MET A 54 10.43 4.87 -10.58
CA MET A 54 9.89 5.88 -9.67
C MET A 54 8.86 5.27 -8.72
N TRP A 55 8.74 5.84 -7.53
CA TRP A 55 7.81 5.34 -6.53
C TRP A 55 7.34 6.46 -5.61
N ALA A 56 6.02 6.58 -5.45
CA ALA A 56 5.45 7.62 -4.60
C ALA A 56 5.21 7.10 -3.19
N SER A 57 5.78 7.77 -2.20
CA SER A 57 5.62 7.37 -0.81
C SER A 57 4.84 8.42 -0.02
N GLN A 58 3.94 7.96 0.84
CA GLN A 58 3.13 8.86 1.66
C GLN A 58 2.86 8.25 3.03
N ARG A 59 2.63 9.11 4.01
CA ARG A 59 2.35 8.67 5.37
C ARG A 59 0.88 8.31 5.53
N ALA A 60 0.58 7.51 6.56
CA ALA A 60 -0.78 7.10 6.83
C ALA A 60 -1.06 7.02 8.33
N ALA A 61 -2.09 7.72 8.78
CA ALA A 61 -2.46 7.74 10.19
C ALA A 61 -3.19 6.45 10.57
N SER A 62 -3.94 5.90 9.63
CA SER A 62 -4.70 4.68 9.87
C SER A 62 -4.04 3.49 9.19
N ASN A 63 -4.68 2.33 9.31
CA ASN A 63 -4.15 1.10 8.71
C ASN A 63 -4.52 1.01 7.23
N PHE A 64 -4.92 2.15 6.66
CA PHE A 64 -5.30 2.19 5.25
C PHE A 64 -5.01 3.57 4.66
N THR A 65 -5.10 3.66 3.33
CA THR A 65 -4.83 4.91 2.64
C THR A 65 -5.54 4.95 1.29
N GLU A 66 -5.44 6.08 0.60
CA GLU A 66 -6.07 6.25 -0.70
C GLU A 66 -5.09 6.80 -1.72
N ILE A 67 -4.62 5.94 -2.62
CA ILE A 67 -3.67 6.33 -3.65
C ILE A 67 -4.39 6.87 -4.88
N LYS A 68 -4.46 8.19 -4.99
CA LYS A 68 -5.13 8.83 -6.12
C LYS A 68 -4.12 9.19 -7.20
N ASN A 69 -4.60 9.78 -8.29
CA ASN A 69 -3.74 10.18 -9.40
C ASN A 69 -3.16 8.96 -10.11
N LEU A 70 -4.04 8.01 -10.44
CA LEU A 70 -3.62 6.79 -11.12
C LEU A 70 -4.30 6.66 -12.48
N LEU A 71 -3.97 5.60 -13.21
CA LEU A 71 -4.56 5.35 -14.52
C LEU A 71 -5.50 4.16 -14.48
N VAL A 72 -6.78 4.42 -14.71
CA VAL A 72 -7.79 3.37 -14.70
C VAL A 72 -7.40 2.22 -15.63
N ASN A 73 -7.73 1.00 -15.22
CA ASN A 73 -7.40 -0.18 -16.01
C ASN A 73 -5.89 -0.33 -16.17
N THR A 74 -5.16 -0.10 -15.09
CA THR A 74 -3.70 -0.21 -15.12
C THR A 74 -3.18 -0.89 -13.86
N LEU A 75 -2.28 -1.85 -14.06
CA LEU A 75 -1.70 -2.59 -12.93
C LEU A 75 -0.86 -1.67 -12.05
N TYR A 76 -1.15 -1.68 -10.75
CA TYR A 76 -0.42 -0.85 -9.80
C TYR A 76 0.04 -1.67 -8.60
N THR A 77 1.33 -1.58 -8.29
CA THR A 77 1.89 -2.32 -7.16
C THR A 77 1.91 -1.46 -5.90
N VAL A 78 1.34 -1.99 -4.82
CA VAL A 78 1.28 -1.27 -3.55
C VAL A 78 2.02 -2.04 -2.46
N ARG A 79 2.63 -1.30 -1.54
CA ARG A 79 3.36 -1.92 -0.44
C ARG A 79 3.43 -0.98 0.76
N VAL A 80 3.11 -1.51 1.94
CA VAL A 80 3.13 -0.71 3.17
C VAL A 80 4.31 -1.10 4.05
N ALA A 81 4.72 -0.19 4.93
CA ALA A 81 5.82 -0.44 5.83
C ALA A 81 5.61 0.26 7.17
N ALA A 82 5.90 -0.44 8.25
CA ALA A 82 5.75 0.12 9.59
C ALA A 82 6.97 0.93 10.00
N VAL A 83 6.77 2.22 10.25
CA VAL A 83 7.86 3.10 10.65
C VAL A 83 8.03 3.11 12.17
N THR A 84 9.29 3.20 12.61
CA THR A 84 9.59 3.21 14.03
C THR A 84 10.45 4.42 14.40
N SER A 85 10.54 4.71 15.69
CA SER A 85 11.33 5.84 16.17
C SER A 85 12.59 6.02 15.33
N ARG A 86 13.12 4.91 14.81
CA ARG A 86 14.32 4.95 14.00
C ARG A 86 13.99 5.31 12.56
N GLY A 87 13.15 4.50 11.92
CA GLY A 87 12.77 4.75 10.55
C GLY A 87 11.92 3.64 9.96
N ILE A 88 11.83 3.60 8.64
CA ILE A 88 11.05 2.58 7.96
C ILE A 88 11.71 1.21 8.06
N GLY A 89 10.90 0.18 8.25
CA GLY A 89 11.43 -1.17 8.37
C GLY A 89 11.14 -2.01 7.13
N ASN A 90 11.10 -3.33 7.31
CA ASN A 90 10.84 -4.24 6.20
C ASN A 90 9.60 -3.82 5.44
N TRP A 91 9.53 -4.22 4.17
CA TRP A 91 8.39 -3.88 3.33
C TRP A 91 7.40 -5.04 3.26
N SER A 92 6.11 -4.73 3.41
CA SER A 92 5.08 -5.75 3.37
C SER A 92 5.05 -6.44 2.01
N ASP A 93 4.51 -7.66 1.98
CA ASP A 93 4.42 -8.43 0.75
C ASP A 93 3.73 -7.63 -0.34
N SER A 94 4.51 -6.87 -1.10
CA SER A 94 3.97 -6.05 -2.18
C SER A 94 3.00 -6.85 -3.05
N LYS A 95 1.80 -6.32 -3.24
CA LYS A 95 0.79 -6.98 -4.04
C LYS A 95 0.51 -6.20 -5.33
N SER A 96 -0.40 -6.73 -6.15
CA SER A 96 -0.75 -6.08 -7.40
C SER A 96 -2.26 -6.05 -7.59
N ILE A 97 -2.74 -4.99 -8.23
CA ILE A 97 -4.17 -4.83 -8.48
C ILE A 97 -4.43 -4.03 -9.75
N THR A 98 -5.40 -4.49 -10.54
CA THR A 98 -5.75 -3.82 -11.79
C THR A 98 -6.93 -2.87 -11.60
N THR A 99 -6.66 -1.57 -11.59
CA THR A 99 -7.69 -0.57 -11.42
C THR A 99 -8.80 -0.73 -12.46
N ILE A 100 -9.84 0.08 -12.34
CA ILE A 100 -10.97 0.03 -13.26
C ILE A 100 -11.40 1.42 -13.68
N LYS A 101 -12.16 1.50 -14.76
CA LYS A 101 -12.66 2.78 -15.27
C LYS A 101 -14.12 2.99 -14.88
N GLY A 102 -14.38 2.97 -13.58
CA GLY A 102 -15.74 3.17 -13.10
C GLY A 102 -16.59 1.92 -13.23
N SER A 103 -17.85 2.01 -12.82
CA SER A 103 -18.77 0.88 -12.90
C SER A 103 -19.90 1.16 -13.88
N GLY A 104 -20.26 0.14 -14.65
CA GLY A 104 -21.33 0.29 -15.62
C GLY A 104 -22.56 -0.53 -15.28
N PRO A 105 -23.40 0.01 -14.37
CA PRO A 105 -24.62 -0.66 -13.93
C PRO A 105 -25.68 -0.71 -15.03
N SER A 106 -26.30 -1.87 -15.19
CA SER A 106 -27.33 -2.05 -16.21
C SER A 106 -28.15 -3.30 -15.95
N SER A 107 -29.07 -3.61 -16.86
CA SER A 107 -29.91 -4.79 -16.73
C SER A 107 -30.50 -5.19 -18.08
N GLY A 108 -30.26 -6.44 -18.46
CA GLY A 108 -30.76 -6.93 -19.73
C GLY A 108 -30.38 -8.38 -19.99
N GLY A 1 23.32 -5.26 2.46
CA GLY A 1 21.94 -5.21 2.00
C GLY A 1 21.65 -6.25 0.95
N SER A 2 21.83 -7.51 1.31
CA SER A 2 21.58 -8.61 0.38
C SER A 2 20.30 -9.36 0.75
N SER A 3 20.29 -9.94 1.94
CA SER A 3 19.13 -10.69 2.42
C SER A 3 18.19 -9.79 3.23
N GLY A 4 16.92 -9.78 2.86
CA GLY A 4 15.96 -8.96 3.56
C GLY A 4 14.95 -9.79 4.34
N SER A 5 15.46 -10.55 5.31
CA SER A 5 14.61 -11.39 6.14
C SER A 5 13.41 -10.61 6.66
N SER A 6 12.22 -10.92 6.14
CA SER A 6 11.01 -10.24 6.56
C SER A 6 10.70 -10.52 8.03
N GLY A 7 10.12 -9.54 8.70
CA GLY A 7 9.77 -9.69 10.10
C GLY A 7 8.39 -9.16 10.44
N PRO A 8 8.00 -9.31 11.71
CA PRO A 8 6.69 -8.85 12.18
C PRO A 8 6.59 -7.32 12.23
N ASP A 9 7.74 -6.67 12.31
CA ASP A 9 7.79 -5.22 12.36
C ASP A 9 6.87 -4.61 11.31
N ALA A 10 6.85 -5.20 10.13
CA ALA A 10 6.02 -4.72 9.03
C ALA A 10 4.57 -5.19 9.20
N PRO A 11 3.64 -4.52 8.51
CA PRO A 11 2.21 -4.85 8.57
C PRO A 11 1.90 -6.18 7.87
N ARG A 12 0.63 -6.55 7.84
CA ARG A 12 0.20 -7.79 7.21
C ARG A 12 -1.23 -7.67 6.70
N ASN A 13 -1.66 -8.68 5.94
CA ASN A 13 -3.01 -8.69 5.38
C ASN A 13 -3.21 -7.51 4.43
N LEU A 14 -2.29 -7.34 3.49
CA LEU A 14 -2.37 -6.25 2.52
C LEU A 14 -3.45 -6.54 1.48
N GLN A 15 -4.56 -5.80 1.57
CA GLN A 15 -5.66 -5.97 0.63
C GLN A 15 -6.03 -4.65 -0.02
N LEU A 16 -5.84 -4.57 -1.33
CA LEU A 16 -6.14 -3.36 -2.08
C LEU A 16 -7.59 -3.38 -2.59
N SER A 17 -8.05 -2.24 -3.07
CA SER A 17 -9.42 -2.13 -3.59
C SER A 17 -9.55 -0.94 -4.53
N LEU A 18 -10.70 -0.83 -5.19
CA LEU A 18 -10.95 0.26 -6.13
C LEU A 18 -12.27 0.95 -5.81
N PRO A 19 -12.19 2.25 -5.50
CA PRO A 19 -13.38 3.05 -5.17
C PRO A 19 -14.26 3.30 -6.39
N ARG A 20 -15.51 2.85 -6.32
CA ARG A 20 -16.45 3.02 -7.41
C ARG A 20 -16.90 4.47 -7.51
N GLU A 21 -16.38 5.32 -6.63
CA GLU A 21 -16.72 6.73 -6.62
C GLU A 21 -15.49 7.59 -6.89
N ALA A 22 -14.37 6.94 -7.16
CA ALA A 22 -13.12 7.65 -7.43
C ALA A 22 -12.30 6.92 -8.49
N GLU A 23 -12.01 7.61 -9.58
CA GLU A 23 -11.23 7.03 -10.68
C GLU A 23 -9.74 7.20 -10.43
N GLY A 24 -8.94 6.23 -10.91
CA GLY A 24 -7.50 6.29 -10.73
C GLY A 24 -7.11 6.33 -9.26
N VAL A 25 -7.83 5.59 -8.44
CA VAL A 25 -7.54 5.53 -7.01
C VAL A 25 -7.49 4.10 -6.50
N ILE A 26 -6.60 3.84 -5.56
CA ILE A 26 -6.46 2.50 -4.99
C ILE A 26 -6.46 2.55 -3.47
N VAL A 27 -7.35 1.77 -2.85
CA VAL A 27 -7.45 1.72 -1.40
C VAL A 27 -6.69 0.53 -0.84
N GLY A 28 -5.49 0.78 -0.33
CA GLY A 28 -4.68 -0.29 0.24
C GLY A 28 -4.88 -0.44 1.74
N HIS A 29 -5.40 -1.59 2.15
CA HIS A 29 -5.64 -1.85 3.56
C HIS A 29 -4.64 -2.88 4.10
N TRP A 30 -4.40 -2.83 5.40
CA TRP A 30 -3.47 -3.76 6.04
C TRP A 30 -3.75 -3.85 7.54
N ALA A 31 -2.91 -4.62 8.24
CA ALA A 31 -3.07 -4.80 9.68
C ALA A 31 -1.79 -4.41 10.41
N PRO A 32 -1.92 -4.17 11.72
CA PRO A 32 -0.79 -3.78 12.57
C PRO A 32 0.21 -4.92 12.77
N PRO A 33 1.49 -4.58 12.95
CA PRO A 33 2.55 -5.56 13.16
C PRO A 33 2.45 -6.24 14.52
N ILE A 34 2.71 -7.55 14.54
CA ILE A 34 2.64 -8.31 15.78
C ILE A 34 3.47 -7.65 16.88
N HIS A 35 4.75 -7.44 16.61
CA HIS A 35 5.65 -6.81 17.57
C HIS A 35 6.58 -5.83 16.89
N THR A 36 6.92 -4.74 17.59
CA THR A 36 7.82 -3.73 17.04
C THR A 36 8.82 -3.26 18.09
N HIS A 37 9.97 -2.77 17.62
CA HIS A 37 11.00 -2.28 18.52
C HIS A 37 10.57 -0.99 19.23
N GLY A 38 10.12 -0.03 18.44
CA GLY A 38 9.68 1.24 18.99
C GLY A 38 8.25 1.58 18.60
N LEU A 39 7.53 2.24 19.51
CA LEU A 39 6.16 2.63 19.25
C LEU A 39 5.97 3.07 17.80
N ILE A 40 5.13 2.34 17.06
CA ILE A 40 4.88 2.66 15.67
C ILE A 40 4.38 4.09 15.51
N ARG A 41 5.16 4.91 14.80
CA ARG A 41 4.80 6.31 14.58
C ARG A 41 3.75 6.43 13.48
N GLU A 42 3.98 5.74 12.37
CA GLU A 42 3.05 5.78 11.24
C GLU A 42 3.35 4.65 10.25
N TYR A 43 2.61 4.62 9.15
CA TYR A 43 2.79 3.60 8.13
C TYR A 43 2.91 4.22 6.75
N ILE A 44 4.04 3.96 6.08
CA ILE A 44 4.28 4.50 4.75
C ILE A 44 3.73 3.56 3.68
N VAL A 45 3.35 4.14 2.54
CA VAL A 45 2.81 3.37 1.43
C VAL A 45 3.49 3.73 0.12
N GLU A 46 4.17 2.75 -0.48
CA GLU A 46 4.86 2.96 -1.74
C GLU A 46 4.11 2.32 -2.90
N TYR A 47 3.73 3.13 -3.88
CA TYR A 47 3.00 2.63 -5.05
C TYR A 47 3.67 3.09 -6.34
N SER A 48 3.59 2.24 -7.36
CA SER A 48 4.19 2.55 -8.66
C SER A 48 3.52 1.76 -9.77
N ARG A 49 3.45 2.35 -10.95
CA ARG A 49 2.83 1.71 -12.10
C ARG A 49 3.64 0.48 -12.53
N SER A 50 2.96 -0.65 -12.71
CA SER A 50 3.61 -1.88 -13.12
C SER A 50 4.76 -1.59 -14.08
N GLY A 51 5.99 -1.69 -13.59
CA GLY A 51 7.14 -1.44 -14.41
C GLY A 51 7.51 0.03 -14.47
N SER A 52 8.16 0.51 -13.42
CA SER A 52 8.56 1.92 -13.36
C SER A 52 9.65 2.13 -12.32
N LYS A 53 10.51 3.11 -12.56
CA LYS A 53 11.59 3.42 -11.63
C LYS A 53 11.18 4.51 -10.64
N MET A 54 9.95 5.00 -10.79
CA MET A 54 9.44 6.04 -9.91
C MET A 54 8.43 5.46 -8.92
N TRP A 55 8.61 5.78 -7.64
CA TRP A 55 7.72 5.29 -6.60
C TRP A 55 7.28 6.42 -5.67
N ALA A 56 5.98 6.54 -5.47
CA ALA A 56 5.43 7.58 -4.60
C ALA A 56 5.18 7.05 -3.19
N SER A 57 5.82 7.67 -2.21
CA SER A 57 5.67 7.26 -0.81
C SER A 57 4.95 8.33 0.00
N GLN A 58 3.98 7.90 0.80
CA GLN A 58 3.20 8.82 1.62
C GLN A 58 2.91 8.21 2.99
N ARG A 59 2.63 9.06 3.97
CA ARG A 59 2.33 8.60 5.32
C ARG A 59 0.84 8.31 5.48
N ALA A 60 0.51 7.44 6.43
CA ALA A 60 -0.88 7.07 6.69
C ALA A 60 -1.14 6.94 8.19
N ALA A 61 -2.10 7.70 8.69
CA ALA A 61 -2.44 7.67 10.10
C ALA A 61 -3.06 6.32 10.48
N SER A 62 -4.07 5.91 9.71
CA SER A 62 -4.76 4.65 9.96
C SER A 62 -4.02 3.49 9.30
N ASN A 63 -4.57 2.29 9.42
CA ASN A 63 -3.97 1.10 8.83
C ASN A 63 -4.34 0.99 7.36
N PHE A 64 -4.83 2.08 6.78
CA PHE A 64 -5.22 2.10 5.38
C PHE A 64 -4.96 3.46 4.76
N THR A 65 -5.06 3.54 3.44
CA THR A 65 -4.83 4.78 2.72
C THR A 65 -5.53 4.78 1.36
N GLU A 66 -5.48 5.91 0.67
CA GLU A 66 -6.11 6.04 -0.64
C GLU A 66 -5.13 6.62 -1.65
N ILE A 67 -4.53 5.75 -2.46
CA ILE A 67 -3.57 6.18 -3.47
C ILE A 67 -4.29 6.76 -4.69
N LYS A 68 -4.33 8.09 -4.75
CA LYS A 68 -4.99 8.77 -5.87
C LYS A 68 -3.98 9.13 -6.95
N ASN A 69 -4.44 9.86 -7.96
CA ASN A 69 -3.57 10.27 -9.06
C ASN A 69 -3.02 9.05 -9.80
N LEU A 70 -3.89 8.10 -10.09
CA LEU A 70 -3.50 6.88 -10.80
C LEU A 70 -4.20 6.77 -12.14
N LEU A 71 -3.76 5.84 -12.97
CA LEU A 71 -4.35 5.63 -14.28
C LEU A 71 -5.31 4.45 -14.27
N VAL A 72 -6.56 4.70 -14.65
CA VAL A 72 -7.57 3.66 -14.67
C VAL A 72 -7.12 2.48 -15.53
N ASN A 73 -7.73 1.32 -15.31
CA ASN A 73 -7.38 0.12 -16.06
C ASN A 73 -5.88 -0.04 -16.17
N THR A 74 -5.17 0.20 -15.06
CA THR A 74 -3.72 0.08 -15.05
C THR A 74 -3.25 -0.65 -13.79
N LEU A 75 -2.36 -1.62 -13.96
CA LEU A 75 -1.83 -2.38 -12.85
C LEU A 75 -0.90 -1.52 -11.99
N TYR A 76 -1.24 -1.39 -10.72
CA TYR A 76 -0.44 -0.59 -9.79
C TYR A 76 0.03 -1.44 -8.60
N THR A 77 1.34 -1.46 -8.38
CA THR A 77 1.91 -2.22 -7.28
C THR A 77 2.06 -1.36 -6.04
N VAL A 78 1.33 -1.73 -4.98
CA VAL A 78 1.38 -0.99 -3.72
C VAL A 78 2.00 -1.84 -2.61
N ARG A 79 2.65 -1.18 -1.66
CA ARG A 79 3.28 -1.87 -0.55
C ARG A 79 3.29 -0.99 0.70
N VAL A 80 2.98 -1.60 1.84
CA VAL A 80 2.95 -0.87 3.11
C VAL A 80 4.11 -1.29 4.00
N ALA A 81 4.67 -0.32 4.74
CA ALA A 81 5.79 -0.59 5.63
C ALA A 81 5.59 0.11 6.97
N ALA A 82 5.90 -0.60 8.05
CA ALA A 82 5.77 -0.04 9.39
C ALA A 82 6.95 0.85 9.74
N VAL A 83 6.67 2.08 10.12
CA VAL A 83 7.72 3.03 10.49
C VAL A 83 7.93 3.06 12.00
N THR A 84 9.19 3.20 12.41
CA THR A 84 9.52 3.24 13.82
C THR A 84 10.41 4.45 14.15
N SER A 85 10.53 4.77 15.43
CA SER A 85 11.34 5.90 15.87
C SER A 85 12.56 6.06 14.98
N ARG A 86 13.13 4.93 14.54
CA ARG A 86 14.30 4.94 13.69
C ARG A 86 13.93 5.31 12.26
N GLY A 87 13.14 4.45 11.62
CA GLY A 87 12.73 4.71 10.25
C GLY A 87 11.88 3.58 9.68
N ILE A 88 11.81 3.52 8.35
CA ILE A 88 11.03 2.48 7.69
C ILE A 88 11.72 1.13 7.78
N GLY A 89 10.92 0.08 7.97
CA GLY A 89 11.48 -1.26 8.07
C GLY A 89 11.05 -2.16 6.92
N ASN A 90 11.02 -3.47 7.17
CA ASN A 90 10.63 -4.43 6.14
C ASN A 90 9.41 -3.94 5.38
N TRP A 91 9.32 -4.33 4.11
CA TRP A 91 8.20 -3.93 3.27
C TRP A 91 7.20 -5.07 3.11
N SER A 92 5.93 -4.77 3.31
CA SER A 92 4.87 -5.78 3.18
C SER A 92 4.83 -6.35 1.77
N ASP A 93 4.53 -7.64 1.66
CA ASP A 93 4.44 -8.30 0.37
C ASP A 93 3.65 -7.46 -0.62
N SER A 94 4.36 -6.72 -1.47
CA SER A 94 3.73 -5.87 -2.47
C SER A 94 2.62 -6.62 -3.21
N LYS A 95 1.50 -5.95 -3.42
CA LYS A 95 0.37 -6.56 -4.11
C LYS A 95 0.01 -5.77 -5.37
N SER A 96 -0.20 -6.47 -6.47
CA SER A 96 -0.55 -5.83 -7.74
C SER A 96 -2.06 -5.86 -7.96
N ILE A 97 -2.62 -4.72 -8.34
CA ILE A 97 -4.05 -4.62 -8.59
C ILE A 97 -4.33 -3.82 -9.86
N THR A 98 -5.42 -4.16 -10.53
CA THR A 98 -5.81 -3.48 -11.76
C THR A 98 -6.95 -2.50 -11.51
N THR A 99 -6.65 -1.20 -11.63
CA THR A 99 -7.65 -0.16 -11.42
C THR A 99 -8.84 -0.35 -12.35
N ILE A 100 -9.93 0.35 -12.04
CA ILE A 100 -11.13 0.26 -12.86
C ILE A 100 -11.53 1.63 -13.40
N LYS A 101 -12.18 1.64 -14.56
CA LYS A 101 -12.62 2.88 -15.19
C LYS A 101 -14.12 3.08 -15.00
N GLY A 102 -14.51 3.49 -13.81
CA GLY A 102 -15.92 3.73 -13.52
C GLY A 102 -16.81 2.66 -14.13
N SER A 103 -16.82 1.48 -13.52
CA SER A 103 -17.63 0.37 -14.01
C SER A 103 -19.02 0.39 -13.36
N GLY A 104 -19.95 -0.35 -13.96
CA GLY A 104 -21.30 -0.41 -13.42
C GLY A 104 -22.04 0.91 -13.58
N PRO A 105 -22.62 1.13 -14.77
CA PRO A 105 -23.36 2.36 -15.06
C PRO A 105 -24.68 2.44 -14.30
N SER A 106 -24.62 2.96 -13.07
CA SER A 106 -25.81 3.09 -12.23
C SER A 106 -26.70 1.85 -12.36
N SER A 107 -26.06 0.68 -12.41
CA SER A 107 -26.79 -0.57 -12.53
C SER A 107 -26.45 -1.52 -11.38
N GLY A 108 -27.43 -1.77 -10.52
CA GLY A 108 -27.21 -2.66 -9.39
C GLY A 108 -26.95 -4.09 -9.82
N GLY A 1 25.87 -15.41 5.22
CA GLY A 1 25.19 -14.21 4.76
C GLY A 1 23.70 -14.42 4.61
N SER A 2 22.94 -14.02 5.63
CA SER A 2 21.50 -14.17 5.61
C SER A 2 20.84 -13.09 4.75
N SER A 3 20.09 -13.52 3.74
CA SER A 3 19.42 -12.59 2.84
C SER A 3 18.89 -11.38 3.59
N GLY A 4 18.04 -11.63 4.59
CA GLY A 4 17.49 -10.54 5.38
C GLY A 4 16.34 -11.00 6.25
N SER A 5 16.57 -11.05 7.55
CA SER A 5 15.53 -11.48 8.50
C SER A 5 14.28 -10.62 8.37
N SER A 6 13.12 -11.25 8.43
CA SER A 6 11.86 -10.53 8.33
C SER A 6 11.02 -10.70 9.59
N GLY A 7 10.93 -9.64 10.39
CA GLY A 7 10.16 -9.70 11.61
C GLY A 7 8.76 -9.16 11.44
N PRO A 8 7.93 -9.30 12.49
CA PRO A 8 6.54 -8.83 12.48
C PRO A 8 6.45 -7.31 12.48
N ASP A 9 7.60 -6.65 12.47
CA ASP A 9 7.64 -5.19 12.46
C ASP A 9 6.72 -4.61 11.40
N ALA A 10 6.78 -5.19 10.20
CA ALA A 10 5.95 -4.75 9.10
C ALA A 10 4.51 -5.21 9.27
N PRO A 11 3.57 -4.54 8.56
CA PRO A 11 2.15 -4.87 8.61
C PRO A 11 1.83 -6.20 7.95
N ARG A 12 0.56 -6.58 7.97
CA ARG A 12 0.13 -7.84 7.38
C ARG A 12 -1.30 -7.72 6.83
N ASN A 13 -1.73 -8.73 6.10
CA ASN A 13 -3.07 -8.75 5.52
C ASN A 13 -3.26 -7.59 4.54
N LEU A 14 -2.27 -7.40 3.67
CA LEU A 14 -2.33 -6.33 2.68
C LEU A 14 -3.43 -6.59 1.65
N GLN A 15 -4.57 -5.94 1.85
CA GLN A 15 -5.71 -6.10 0.94
C GLN A 15 -6.02 -4.78 0.24
N LEU A 16 -5.77 -4.74 -1.07
CA LEU A 16 -6.03 -3.54 -1.86
C LEU A 16 -7.46 -3.53 -2.39
N SER A 17 -7.99 -2.35 -2.64
CA SER A 17 -9.35 -2.20 -3.15
C SER A 17 -9.46 -1.01 -4.07
N LEU A 18 -10.67 -0.76 -4.59
CA LEU A 18 -10.91 0.35 -5.48
C LEU A 18 -12.20 1.08 -5.13
N PRO A 19 -12.13 2.42 -5.06
CA PRO A 19 -13.30 3.25 -4.73
C PRO A 19 -14.33 3.26 -5.85
N ARG A 20 -15.57 2.95 -5.49
CA ARG A 20 -16.66 2.92 -6.46
C ARG A 20 -17.17 4.33 -6.76
N GLU A 21 -16.55 5.32 -6.11
CA GLU A 21 -16.94 6.72 -6.29
C GLU A 21 -15.74 7.57 -6.68
N ALA A 22 -14.63 6.90 -7.00
CA ALA A 22 -13.41 7.60 -7.39
C ALA A 22 -12.65 6.82 -8.46
N GLU A 23 -12.24 7.52 -9.52
CA GLU A 23 -11.51 6.89 -10.61
C GLU A 23 -10.00 7.04 -10.41
N GLY A 24 -9.24 6.20 -11.10
CA GLY A 24 -7.79 6.25 -10.98
C GLY A 24 -7.33 6.36 -9.54
N VAL A 25 -7.95 5.59 -8.65
CA VAL A 25 -7.61 5.62 -7.24
C VAL A 25 -7.61 4.21 -6.65
N ILE A 26 -6.68 3.94 -5.75
CA ILE A 26 -6.57 2.63 -5.12
C ILE A 26 -6.64 2.75 -3.60
N VAL A 27 -7.32 1.81 -2.97
CA VAL A 27 -7.46 1.80 -1.52
C VAL A 27 -6.74 0.61 -0.90
N GLY A 28 -5.53 0.84 -0.39
CA GLY A 28 -4.76 -0.23 0.22
C GLY A 28 -5.01 -0.35 1.71
N HIS A 29 -5.28 -1.56 2.17
CA HIS A 29 -5.53 -1.80 3.59
C HIS A 29 -4.57 -2.84 4.15
N TRP A 30 -4.40 -2.84 5.47
CA TRP A 30 -3.50 -3.78 6.12
C TRP A 30 -3.79 -3.85 7.62
N ALA A 31 -2.98 -4.62 8.33
CA ALA A 31 -3.14 -4.77 9.78
C ALA A 31 -1.88 -4.39 10.52
N PRO A 32 -2.01 -4.15 11.84
CA PRO A 32 -0.88 -3.77 12.68
C PRO A 32 0.11 -4.91 12.89
N PRO A 33 1.40 -4.56 13.00
CA PRO A 33 2.47 -5.53 13.20
C PRO A 33 2.42 -6.17 14.58
N ILE A 34 2.41 -7.50 14.61
CA ILE A 34 2.37 -8.24 15.87
C ILE A 34 3.23 -7.56 16.94
N HIS A 35 4.47 -7.25 16.57
CA HIS A 35 5.39 -6.59 17.50
C HIS A 35 6.40 -5.74 16.74
N THR A 36 6.89 -4.69 17.39
CA THR A 36 7.87 -3.80 16.77
C THR A 36 8.95 -3.39 17.77
N HIS A 37 10.10 -2.96 17.25
CA HIS A 37 11.21 -2.55 18.10
C HIS A 37 11.12 -1.06 18.42
N GLY A 38 9.90 -0.55 18.53
CA GLY A 38 9.70 0.85 18.84
C GLY A 38 8.30 1.33 18.47
N LEU A 39 7.66 2.02 19.41
CA LEU A 39 6.31 2.53 19.19
C LEU A 39 6.14 3.00 17.75
N ILE A 40 5.16 2.41 17.04
CA ILE A 40 4.90 2.79 15.66
C ILE A 40 4.40 4.22 15.56
N ARG A 41 5.09 5.02 14.76
CA ARG A 41 4.71 6.42 14.57
C ARG A 41 3.69 6.57 13.44
N GLU A 42 3.89 5.80 12.38
CA GLU A 42 2.99 5.83 11.22
C GLU A 42 3.31 4.72 10.24
N TYR A 43 2.51 4.62 9.19
CA TYR A 43 2.72 3.59 8.17
C TYR A 43 2.87 4.23 6.79
N ILE A 44 4.01 3.97 6.15
CA ILE A 44 4.28 4.50 4.83
C ILE A 44 3.73 3.59 3.74
N VAL A 45 3.33 4.18 2.62
CA VAL A 45 2.78 3.43 1.50
C VAL A 45 3.46 3.80 0.20
N GLU A 46 4.22 2.86 -0.37
CA GLU A 46 4.92 3.10 -1.62
C GLU A 46 4.21 2.42 -2.79
N TYR A 47 3.83 3.22 -3.78
CA TYR A 47 3.13 2.69 -4.95
C TYR A 47 3.86 3.08 -6.24
N SER A 48 3.78 2.21 -7.24
CA SER A 48 4.43 2.46 -8.52
C SER A 48 3.79 1.62 -9.62
N ARG A 49 3.67 2.21 -10.80
CA ARG A 49 3.08 1.52 -11.94
C ARG A 49 3.87 0.26 -12.29
N SER A 50 3.18 -0.75 -12.81
CA SER A 50 3.82 -2.00 -13.18
C SER A 50 5.12 -1.75 -13.93
N GLY A 51 5.25 -0.57 -14.51
CA GLY A 51 6.45 -0.21 -15.24
C GLY A 51 6.93 1.19 -14.94
N SER A 52 7.84 1.31 -13.98
CA SER A 52 8.39 2.61 -13.60
C SER A 52 9.52 2.45 -12.60
N LYS A 53 10.49 3.35 -12.66
CA LYS A 53 11.64 3.32 -11.76
C LYS A 53 11.45 4.28 -10.60
N MET A 54 10.25 4.83 -10.48
CA MET A 54 9.95 5.78 -9.42
C MET A 54 8.85 5.23 -8.50
N TRP A 55 8.96 5.53 -7.21
CA TRP A 55 7.98 5.07 -6.24
C TRP A 55 7.53 6.23 -5.33
N ALA A 56 6.23 6.50 -5.34
CA ALA A 56 5.68 7.56 -4.51
C ALA A 56 5.30 7.06 -3.13
N SER A 57 5.93 7.62 -2.10
CA SER A 57 5.68 7.22 -0.72
C SER A 57 4.90 8.31 0.02
N GLN A 58 4.06 7.89 0.95
CA GLN A 58 3.26 8.83 1.74
C GLN A 58 2.90 8.23 3.10
N ARG A 59 2.79 9.09 4.10
CA ARG A 59 2.45 8.65 5.45
C ARG A 59 0.94 8.47 5.60
N ALA A 60 0.55 7.37 6.24
CA ALA A 60 -0.86 7.08 6.45
C ALA A 60 -1.16 6.84 7.92
N ALA A 61 -2.00 7.69 8.51
CA ALA A 61 -2.37 7.57 9.91
C ALA A 61 -3.04 6.23 10.18
N SER A 62 -4.13 5.96 9.48
CA SER A 62 -4.87 4.71 9.65
C SER A 62 -4.11 3.54 9.05
N ASN A 63 -4.72 2.37 9.08
CA ASN A 63 -4.10 1.16 8.53
C ASN A 63 -4.42 1.00 7.05
N PHE A 64 -4.82 2.10 6.42
CA PHE A 64 -5.16 2.09 4.99
C PHE A 64 -4.84 3.43 4.35
N THR A 65 -4.71 3.43 3.03
CA THR A 65 -4.40 4.65 2.29
C THR A 65 -5.08 4.64 0.92
N GLU A 66 -5.34 5.83 0.39
CA GLU A 66 -5.99 5.96 -0.90
C GLU A 66 -5.04 6.58 -1.93
N ILE A 67 -4.46 5.75 -2.78
CA ILE A 67 -3.53 6.21 -3.79
C ILE A 67 -4.27 6.72 -5.02
N LYS A 68 -4.40 8.04 -5.13
CA LYS A 68 -5.09 8.66 -6.25
C LYS A 68 -4.09 9.05 -7.34
N ASN A 69 -4.60 9.71 -8.38
CA ASN A 69 -3.76 10.14 -9.50
C ASN A 69 -3.18 8.94 -10.24
N LEU A 70 -4.03 7.96 -10.53
CA LEU A 70 -3.60 6.76 -11.24
C LEU A 70 -4.26 6.67 -12.62
N LEU A 71 -3.88 5.66 -13.38
CA LEU A 71 -4.45 5.46 -14.72
C LEU A 71 -5.43 4.29 -14.72
N VAL A 72 -6.65 4.55 -15.16
CA VAL A 72 -7.68 3.52 -15.22
C VAL A 72 -7.24 2.36 -16.10
N ASN A 73 -7.57 1.14 -15.68
CA ASN A 73 -7.21 -0.06 -16.42
C ASN A 73 -5.70 -0.22 -16.50
N THR A 74 -5.03 0.07 -15.39
CA THR A 74 -3.57 -0.04 -15.33
C THR A 74 -3.12 -0.77 -14.05
N LEU A 75 -2.22 -1.72 -14.21
CA LEU A 75 -1.71 -2.48 -13.07
C LEU A 75 -0.84 -1.60 -12.17
N TYR A 76 -1.21 -1.52 -10.90
CA TYR A 76 -0.47 -0.72 -9.94
C TYR A 76 -0.04 -1.56 -8.74
N THR A 77 1.22 -1.42 -8.36
CA THR A 77 1.75 -2.17 -7.23
C THR A 77 1.94 -1.28 -6.01
N VAL A 78 1.35 -1.67 -4.89
CA VAL A 78 1.46 -0.89 -3.65
C VAL A 78 2.03 -1.74 -2.52
N ARG A 79 2.82 -1.11 -1.66
CA ARG A 79 3.42 -1.80 -0.53
C ARG A 79 3.40 -0.94 0.72
N VAL A 80 3.06 -1.54 1.85
CA VAL A 80 3.01 -0.82 3.12
C VAL A 80 4.13 -1.26 4.05
N ALA A 81 4.68 -0.30 4.79
CA ALA A 81 5.76 -0.58 5.72
C ALA A 81 5.56 0.18 7.03
N ALA A 82 5.79 -0.52 8.15
CA ALA A 82 5.64 0.09 9.47
C ALA A 82 6.87 0.90 9.84
N VAL A 83 6.65 2.15 10.24
CA VAL A 83 7.75 3.04 10.62
C VAL A 83 7.95 3.03 12.13
N THR A 84 9.22 3.13 12.55
CA THR A 84 9.54 3.13 13.97
C THR A 84 10.44 4.31 14.32
N SER A 85 10.64 4.55 15.62
CA SER A 85 11.48 5.64 16.08
C SER A 85 12.70 5.82 15.17
N ARG A 86 13.33 4.70 14.82
CA ARG A 86 14.51 4.73 13.96
C ARG A 86 14.13 5.13 12.54
N GLY A 87 13.23 4.37 11.93
CA GLY A 87 12.81 4.68 10.58
C GLY A 87 11.95 3.59 9.97
N ILE A 88 11.96 3.47 8.65
CA ILE A 88 11.17 2.46 7.96
C ILE A 88 11.80 1.08 8.10
N GLY A 89 10.97 0.07 8.29
CA GLY A 89 11.46 -1.28 8.44
C GLY A 89 11.16 -2.15 7.22
N ASN A 90 10.92 -3.42 7.45
CA ASN A 90 10.62 -4.36 6.38
C ASN A 90 9.42 -3.89 5.56
N TRP A 91 9.38 -4.27 4.30
CA TRP A 91 8.28 -3.89 3.42
C TRP A 91 7.28 -5.04 3.26
N SER A 92 6.00 -4.72 3.38
CA SER A 92 4.95 -5.73 3.25
C SER A 92 4.91 -6.29 1.84
N ASP A 93 4.58 -7.57 1.72
CA ASP A 93 4.50 -8.24 0.43
C ASP A 93 3.73 -7.37 -0.58
N SER A 94 4.47 -6.57 -1.34
CA SER A 94 3.87 -5.70 -2.33
C SER A 94 2.79 -6.43 -3.11
N LYS A 95 1.62 -5.81 -3.24
CA LYS A 95 0.50 -6.40 -3.96
C LYS A 95 0.23 -5.64 -5.25
N SER A 96 -0.57 -6.24 -6.13
CA SER A 96 -0.91 -5.62 -7.40
C SER A 96 -2.42 -5.58 -7.61
N ILE A 97 -2.87 -4.62 -8.40
CA ILE A 97 -4.31 -4.47 -8.68
C ILE A 97 -4.54 -3.65 -9.94
N THR A 98 -5.42 -4.14 -10.81
CA THR A 98 -5.74 -3.44 -12.05
C THR A 98 -6.94 -2.53 -11.89
N THR A 99 -6.72 -1.22 -12.01
CA THR A 99 -7.78 -0.25 -11.87
C THR A 99 -8.85 -0.44 -12.95
N ILE A 100 -9.94 0.31 -12.84
CA ILE A 100 -11.02 0.23 -13.81
C ILE A 100 -11.49 1.61 -14.24
N LYS A 101 -12.00 1.70 -15.46
CA LYS A 101 -12.49 2.96 -16.00
C LYS A 101 -13.92 3.24 -15.55
N GLY A 102 -14.32 2.59 -14.45
CA GLY A 102 -15.66 2.78 -13.94
C GLY A 102 -16.51 1.52 -14.05
N SER A 103 -17.78 1.63 -13.67
CA SER A 103 -18.69 0.49 -13.72
C SER A 103 -19.84 0.75 -14.68
N GLY A 104 -20.11 -0.21 -15.56
CA GLY A 104 -21.20 -0.05 -16.52
C GLY A 104 -20.92 -0.79 -17.81
N PRO A 105 -20.38 -0.08 -18.81
CA PRO A 105 -20.06 -0.64 -20.12
C PRO A 105 -18.90 -1.62 -20.06
N SER A 106 -19.18 -2.90 -20.32
CA SER A 106 -18.16 -3.93 -20.28
C SER A 106 -18.56 -5.11 -21.17
N SER A 107 -17.59 -5.63 -21.93
CA SER A 107 -17.84 -6.75 -22.81
C SER A 107 -17.12 -8.01 -22.32
N GLY A 108 -17.90 -9.00 -21.90
CA GLY A 108 -17.31 -10.25 -21.41
C GLY A 108 -17.87 -10.65 -20.06
#